data_3BPD
#
_entry.id   3BPD
#
_cell.length_a   88.510
_cell.length_b   97.360
_cell.length_c   179.002
_cell.angle_alpha   90.00
_cell.angle_beta   90.00
_cell.angle_gamma   90.00
#
_symmetry.space_group_name_H-M   'P 21 21 21'
#
loop_
_entity.id
_entity.type
_entity.pdbx_description
1 polymer 'Uncharacterized protein'
2 non-polymer 'MAGNESIUM ION'
3 water water
#
_entity_poly.entity_id   1
_entity_poly.type   'polypeptide(L)'
_entity_poly.pdbx_seq_one_letter_code
;(MSE)SLKGLRRLVLDVLKPHEPKTIVFALKLSELENVDGVNIHLSEIDQATENIKITILGNNLDYEQIKGVIED(MSE)
GGVIHSVDEVVAGKIIVESVEGHHHHHH
;
_entity_poly.pdbx_strand_id   A,B,C,D,E,F,G,H,I,J,K,L,M,N
#
loop_
_chem_comp.id
_chem_comp.type
_chem_comp.name
_chem_comp.formula
MG non-polymer 'MAGNESIUM ION' 'Mg 2'
#
# COMPACT_ATOMS: atom_id res chain seq x y z
N LEU A 3 10.75 -38.80 2.91
CA LEU A 3 10.67 -37.37 2.51
C LEU A 3 11.87 -36.99 1.64
N LYS A 4 11.72 -37.17 0.33
CA LYS A 4 12.77 -36.86 -0.64
C LYS A 4 12.10 -36.48 -1.96
N GLY A 5 12.86 -35.85 -2.83
CA GLY A 5 12.33 -35.44 -4.12
C GLY A 5 11.40 -34.23 -4.10
N LEU A 6 10.56 -34.12 -5.12
CA LEU A 6 9.64 -33.00 -5.21
C LEU A 6 8.55 -33.06 -4.13
N ARG A 7 8.38 -31.95 -3.40
CA ARG A 7 7.39 -31.92 -2.34
C ARG A 7 6.29 -30.94 -2.62
N ARG A 8 6.64 -29.84 -3.27
CA ARG A 8 5.62 -28.86 -3.62
C ARG A 8 5.88 -28.26 -4.99
N LEU A 9 4.81 -28.02 -5.73
CA LEU A 9 4.90 -27.43 -7.04
C LEU A 9 3.78 -26.39 -7.17
N VAL A 10 4.10 -25.26 -7.77
CA VAL A 10 3.10 -24.22 -8.01
C VAL A 10 3.10 -24.05 -9.53
N LEU A 11 1.97 -24.34 -10.13
CA LEU A 11 1.87 -24.26 -11.57
C LEU A 11 0.93 -23.22 -12.11
N ASP A 12 1.39 -22.59 -13.18
CA ASP A 12 0.61 -21.60 -13.89
C ASP A 12 0.05 -22.44 -15.03
N VAL A 13 -1.25 -22.72 -14.98
CA VAL A 13 -1.89 -23.53 -16.00
C VAL A 13 -2.98 -22.79 -16.74
N LEU A 14 -3.09 -23.07 -18.03
CA LEU A 14 -4.13 -22.49 -18.89
C LEU A 14 -4.99 -23.67 -19.32
N LYS A 15 -6.30 -23.51 -19.24
CA LYS A 15 -7.22 -24.57 -19.62
C LYS A 15 -8.55 -24.05 -20.14
N PRO A 16 -9.24 -24.84 -21.00
CA PRO A 16 -10.52 -24.35 -21.50
C PRO A 16 -11.49 -24.49 -20.34
N HIS A 17 -12.64 -23.82 -20.44
CA HIS A 17 -13.64 -23.87 -19.40
C HIS A 17 -13.98 -25.27 -18.92
N GLU A 18 -13.83 -26.25 -19.79
CA GLU A 18 -14.15 -27.63 -19.44
C GLU A 18 -12.96 -28.57 -19.49
N PRO A 19 -12.82 -29.46 -18.50
CA PRO A 19 -13.74 -29.59 -17.37
C PRO A 19 -13.50 -28.55 -16.27
N LYS A 20 -14.35 -28.60 -15.24
CA LYS A 20 -14.25 -27.66 -14.13
C LYS A 20 -13.02 -27.92 -13.26
N THR A 21 -12.49 -26.85 -12.65
CA THR A 21 -11.32 -26.95 -11.79
C THR A 21 -11.55 -27.99 -10.71
N ILE A 22 -12.82 -28.14 -10.35
CA ILE A 22 -13.27 -29.09 -9.37
C ILE A 22 -12.77 -30.50 -9.73
N VAL A 23 -12.69 -30.77 -11.03
CA VAL A 23 -12.24 -32.07 -11.52
C VAL A 23 -10.73 -32.14 -11.58
N PHE A 24 -10.08 -31.02 -11.85
CA PHE A 24 -8.62 -31.00 -11.89
C PHE A 24 -8.13 -31.35 -10.49
N ALA A 25 -8.54 -30.53 -9.53
CA ALA A 25 -8.14 -30.73 -8.15
C ALA A 25 -8.43 -32.16 -7.73
N LEU A 26 -9.60 -32.65 -8.11
CA LEU A 26 -9.99 -34.00 -7.75
C LEU A 26 -9.12 -35.09 -8.36
N LYS A 27 -8.84 -35.01 -9.65
CA LYS A 27 -8.01 -36.06 -10.27
C LYS A 27 -6.60 -35.99 -9.72
N LEU A 28 -6.00 -34.80 -9.75
CA LEU A 28 -4.65 -34.62 -9.24
C LEU A 28 -4.51 -35.10 -7.79
N SER A 29 -5.51 -34.81 -6.97
CA SER A 29 -5.48 -35.23 -5.57
C SER A 29 -5.47 -36.74 -5.45
N GLU A 30 -5.86 -37.41 -6.52
CA GLU A 30 -5.91 -38.86 -6.50
C GLU A 30 -4.64 -39.55 -6.96
N LEU A 31 -3.61 -38.79 -7.30
CA LEU A 31 -2.35 -39.39 -7.73
C LEU A 31 -1.63 -39.98 -6.51
N GLU A 32 -0.86 -41.02 -6.76
CA GLU A 32 -0.11 -41.75 -5.75
C GLU A 32 0.42 -40.97 -4.56
N ASN A 33 1.46 -40.20 -4.82
CA ASN A 33 2.18 -39.43 -3.82
C ASN A 33 1.71 -38.01 -3.57
N VAL A 34 0.43 -37.76 -3.69
CA VAL A 34 -0.07 -36.42 -3.45
C VAL A 34 -0.85 -36.36 -2.15
N ASP A 35 -0.49 -35.40 -1.31
CA ASP A 35 -1.17 -35.24 -0.03
C ASP A 35 -2.33 -34.27 -0.15
N GLY A 36 -2.22 -33.33 -1.10
CA GLY A 36 -3.29 -32.37 -1.26
C GLY A 36 -3.09 -31.48 -2.46
N VAL A 37 -4.18 -30.85 -2.90
CA VAL A 37 -4.12 -29.98 -4.06
C VAL A 37 -4.95 -28.72 -3.91
N ASN A 38 -4.33 -27.59 -4.20
CA ASN A 38 -5.04 -26.32 -4.13
C ASN A 38 -5.08 -25.66 -5.49
N ILE A 39 -6.29 -25.48 -6.01
CA ILE A 39 -6.39 -24.80 -7.28
C ILE A 39 -7.05 -23.46 -7.04
N HIS A 40 -6.32 -22.41 -7.44
CA HIS A 40 -6.76 -21.03 -7.29
C HIS A 40 -7.07 -20.49 -8.68
N LEU A 41 -8.20 -19.82 -8.80
CA LEU A 41 -8.60 -19.25 -10.06
C LEU A 41 -7.98 -17.86 -10.21
N SER A 42 -7.09 -17.70 -11.18
CA SER A 42 -6.47 -16.39 -11.41
C SER A 42 -7.40 -15.47 -12.18
N GLU A 43 -7.76 -15.89 -13.38
CA GLU A 43 -8.63 -15.09 -14.23
C GLU A 43 -9.34 -16.00 -15.21
N ILE A 44 -10.58 -15.67 -15.55
CA ILE A 44 -11.29 -16.47 -16.53
C ILE A 44 -11.61 -15.59 -17.72
N ASP A 45 -11.31 -16.10 -18.91
CA ASP A 45 -11.53 -15.36 -20.14
C ASP A 45 -12.72 -15.83 -20.96
N GLN A 46 -12.78 -15.37 -22.20
CA GLN A 46 -13.88 -15.72 -23.07
C GLN A 46 -14.00 -17.23 -23.33
N ALA A 47 -12.87 -17.92 -23.44
CA ALA A 47 -12.92 -19.36 -23.71
C ALA A 47 -11.99 -20.17 -22.82
N THR A 48 -11.20 -19.47 -22.01
CA THR A 48 -10.25 -20.13 -21.15
C THR A 48 -10.19 -19.50 -19.77
N GLU A 49 -9.27 -20.01 -18.95
CA GLU A 49 -9.07 -19.47 -17.61
C GLU A 49 -7.69 -19.86 -17.15
N ASN A 50 -7.07 -18.96 -16.41
CA ASN A 50 -5.73 -19.15 -15.87
C ASN A 50 -5.90 -19.61 -14.42
N ILE A 51 -5.23 -20.70 -14.07
CA ILE A 51 -5.32 -21.22 -12.70
C ILE A 51 -3.95 -21.43 -12.06
N LYS A 52 -3.93 -21.41 -10.73
CA LYS A 52 -2.72 -21.61 -9.98
C LYS A 52 -2.92 -22.94 -9.23
N ILE A 53 -2.14 -23.95 -9.59
CA ILE A 53 -2.22 -25.25 -8.96
C ILE A 53 -1.09 -25.43 -7.94
N THR A 54 -1.46 -25.71 -6.69
CA THR A 54 -0.47 -25.94 -5.66
C THR A 54 -0.62 -27.41 -5.31
N ILE A 55 0.44 -28.19 -5.57
CA ILE A 55 0.43 -29.60 -5.30
C ILE A 55 1.43 -29.96 -4.22
N LEU A 56 0.93 -30.47 -3.10
CA LEU A 56 1.77 -30.86 -2.00
C LEU A 56 1.85 -32.37 -1.90
N GLY A 57 3.03 -32.87 -1.57
CA GLY A 57 3.20 -34.30 -1.46
C GLY A 57 4.61 -34.72 -1.10
N ASN A 58 4.95 -35.94 -1.49
CA ASN A 58 6.25 -36.49 -1.20
C ASN A 58 6.77 -37.18 -2.44
N ASN A 59 7.97 -36.80 -2.85
CA ASN A 59 8.60 -37.40 -4.01
C ASN A 59 7.62 -37.42 -5.19
N LEU A 60 7.20 -36.23 -5.61
CA LEU A 60 6.27 -36.09 -6.73
C LEU A 60 6.88 -36.35 -8.10
N ASP A 61 6.07 -36.91 -8.98
CA ASP A 61 6.49 -37.22 -10.34
C ASP A 61 5.94 -36.11 -11.24
N TYR A 62 6.83 -35.27 -11.78
CA TYR A 62 6.40 -34.17 -12.64
C TYR A 62 5.78 -34.65 -13.94
N GLU A 63 6.38 -35.64 -14.57
CA GLU A 63 5.84 -36.15 -15.82
C GLU A 63 4.44 -36.74 -15.63
N GLN A 64 4.22 -37.40 -14.50
CA GLN A 64 2.90 -37.98 -14.29
C GLN A 64 1.87 -36.87 -14.17
N ILE A 65 2.13 -35.91 -13.29
CA ILE A 65 1.24 -34.78 -13.07
C ILE A 65 0.96 -33.99 -14.36
N LYS A 66 2.03 -33.71 -15.10
CA LYS A 66 1.92 -32.98 -16.35
C LYS A 66 1.06 -33.74 -17.35
N GLY A 67 1.14 -35.07 -17.29
CA GLY A 67 0.34 -35.89 -18.19
C GLY A 67 -1.12 -35.72 -17.83
N VAL A 68 -1.40 -35.84 -16.54
CA VAL A 68 -2.75 -35.72 -16.02
C VAL A 68 -3.34 -34.36 -16.35
N ILE A 69 -2.50 -33.33 -16.39
CA ILE A 69 -2.96 -31.98 -16.68
C ILE A 69 -3.30 -31.85 -18.17
N GLU A 70 -2.43 -32.36 -19.02
CA GLU A 70 -2.64 -32.30 -20.46
C GLU A 70 -3.76 -33.24 -20.90
N ASP A 71 -3.85 -34.39 -20.25
CA ASP A 71 -4.89 -35.36 -20.59
C ASP A 71 -6.28 -34.88 -20.19
N MSE A 72 -6.33 -33.69 -19.62
CA MSE A 72 -7.59 -33.09 -19.22
C MSE A 72 -7.83 -31.82 -20.03
O MSE A 72 -8.86 -31.18 -19.90
CB MSE A 72 -7.60 -32.76 -17.73
CG MSE A 72 -7.58 -33.97 -16.84
SE MSE A 72 -8.09 -33.44 -15.03
CE MSE A 72 -9.97 -33.24 -15.38
N GLY A 73 -6.86 -31.46 -20.87
CA GLY A 73 -7.03 -30.27 -21.68
C GLY A 73 -6.19 -29.08 -21.28
N GLY A 74 -5.71 -29.05 -20.04
CA GLY A 74 -4.92 -27.91 -19.63
C GLY A 74 -3.48 -28.07 -20.06
N VAL A 75 -2.73 -26.97 -19.98
CA VAL A 75 -1.31 -26.95 -20.33
C VAL A 75 -0.58 -26.17 -19.26
N ILE A 76 0.64 -26.59 -18.94
CA ILE A 76 1.45 -25.92 -17.93
C ILE A 76 2.21 -24.79 -18.63
N HIS A 77 1.87 -23.55 -18.33
CA HIS A 77 2.56 -22.45 -18.96
C HIS A 77 3.88 -22.23 -18.28
N SER A 78 3.97 -22.58 -17.00
CA SER A 78 5.23 -22.40 -16.28
C SER A 78 5.22 -22.97 -14.87
N VAL A 79 6.41 -23.33 -14.37
CA VAL A 79 6.53 -23.83 -13.00
C VAL A 79 6.92 -22.60 -12.17
N ASP A 80 5.99 -22.10 -11.35
CA ASP A 80 6.27 -20.90 -10.57
C ASP A 80 7.13 -21.10 -9.33
N GLU A 81 7.00 -22.26 -8.70
CA GLU A 81 7.79 -22.57 -7.54
C GLU A 81 7.92 -24.07 -7.42
N VAL A 82 9.07 -24.50 -6.93
CA VAL A 82 9.41 -25.91 -6.76
C VAL A 82 10.08 -26.10 -5.41
N VAL A 83 9.59 -27.04 -4.62
CA VAL A 83 10.20 -27.32 -3.33
C VAL A 83 10.63 -28.77 -3.36
N ALA A 84 11.91 -29.01 -3.10
CA ALA A 84 12.44 -30.37 -3.09
C ALA A 84 13.21 -30.62 -1.81
N GLY A 85 13.31 -31.89 -1.42
CA GLY A 85 14.03 -32.23 -0.22
C GLY A 85 13.22 -32.81 0.93
N LYS A 86 13.82 -32.83 2.11
CA LYS A 86 13.18 -33.39 3.29
C LYS A 86 12.40 -32.35 4.05
N ILE A 87 12.75 -31.09 3.89
CA ILE A 87 12.03 -30.06 4.60
C ILE A 87 11.37 -29.07 3.65
N ILE A 88 10.07 -28.82 3.85
CA ILE A 88 9.36 -27.87 3.02
C ILE A 88 9.97 -26.51 3.31
N VAL A 89 10.72 -25.96 2.37
CA VAL A 89 11.36 -24.67 2.57
C VAL A 89 10.60 -23.59 1.81
N GLU A 90 10.21 -22.52 2.49
CA GLU A 90 9.51 -21.43 1.82
C GLU A 90 10.53 -20.45 1.28
N SER A 91 10.17 -19.72 0.23
CA SER A 91 11.05 -18.75 -0.37
C SER A 91 11.24 -17.58 0.58
N VAL A 92 12.48 -17.12 0.71
CA VAL A 92 12.75 -15.99 1.58
C VAL A 92 12.58 -14.76 0.71
N GLU A 93 11.60 -13.91 1.06
CA GLU A 93 11.33 -12.69 0.29
C GLU A 93 12.35 -11.59 0.61
N SER B 2 -12.15 -41.78 6.00
CA SER B 2 -10.78 -41.38 5.55
C SER B 2 -10.89 -40.07 4.80
N LEU B 3 -10.01 -39.13 5.12
CA LEU B 3 -10.01 -37.83 4.46
C LEU B 3 -9.60 -37.88 2.99
N LYS B 4 -10.54 -37.50 2.13
CA LYS B 4 -10.30 -37.52 0.69
C LYS B 4 -11.25 -36.62 -0.11
N GLY B 5 -10.93 -36.44 -1.39
CA GLY B 5 -11.76 -35.63 -2.25
C GLY B 5 -11.84 -34.14 -1.95
N LEU B 6 -12.91 -33.52 -2.43
CA LEU B 6 -13.17 -32.09 -2.24
C LEU B 6 -13.18 -31.75 -0.76
N ARG B 7 -12.25 -30.89 -0.34
CA ARG B 7 -12.14 -30.49 1.06
C ARG B 7 -12.65 -29.10 1.33
N ARG B 8 -12.36 -28.18 0.41
CA ARG B 8 -12.82 -26.82 0.56
C ARG B 8 -13.16 -26.20 -0.78
N LEU B 9 -14.21 -25.38 -0.78
CA LEU B 9 -14.63 -24.70 -1.98
C LEU B 9 -14.89 -23.22 -1.68
N VAL B 10 -14.50 -22.34 -2.60
CA VAL B 10 -14.76 -20.93 -2.43
C VAL B 10 -15.66 -20.56 -3.60
N LEU B 11 -16.94 -20.37 -3.30
CA LEU B 11 -17.95 -20.09 -4.31
C LEU B 11 -18.46 -18.67 -4.48
N ASP B 12 -18.32 -18.14 -5.69
CA ASP B 12 -18.82 -16.81 -6.05
C ASP B 12 -20.29 -17.05 -6.44
N VAL B 13 -21.22 -16.52 -5.64
CA VAL B 13 -22.66 -16.70 -5.89
C VAL B 13 -23.47 -15.40 -6.02
N LEU B 14 -24.48 -15.44 -6.90
CA LEU B 14 -25.40 -14.32 -7.11
C LEU B 14 -26.77 -14.82 -6.67
N LYS B 15 -27.44 -14.04 -5.85
CA LYS B 15 -28.74 -14.45 -5.34
C LYS B 15 -29.65 -13.26 -5.03
N PRO B 16 -30.98 -13.46 -5.14
CA PRO B 16 -31.89 -12.36 -4.84
C PRO B 16 -31.77 -12.07 -3.33
N HIS B 17 -32.24 -10.92 -2.87
CA HIS B 17 -32.13 -10.62 -1.46
C HIS B 17 -32.71 -11.69 -0.54
N GLU B 18 -33.71 -12.42 -1.03
CA GLU B 18 -34.30 -13.51 -0.25
C GLU B 18 -34.26 -14.83 -1.00
N PRO B 19 -34.09 -15.95 -0.28
CA PRO B 19 -33.94 -16.03 1.18
C PRO B 19 -32.62 -15.43 1.63
N LYS B 20 -32.53 -15.07 2.91
CA LYS B 20 -31.33 -14.46 3.46
C LYS B 20 -30.10 -15.37 3.51
N THR B 21 -28.91 -14.78 3.46
CA THR B 21 -27.69 -15.58 3.51
C THR B 21 -27.69 -16.49 4.74
N ILE B 22 -28.30 -16.04 5.83
CA ILE B 22 -28.38 -16.84 7.04
C ILE B 22 -29.02 -18.22 6.78
N VAL B 23 -30.04 -18.24 5.94
CA VAL B 23 -30.71 -19.49 5.62
C VAL B 23 -29.78 -20.31 4.76
N PHE B 24 -29.07 -19.65 3.85
CA PHE B 24 -28.12 -20.33 2.96
C PHE B 24 -27.03 -21.05 3.73
N ALA B 25 -26.40 -20.30 4.62
CA ALA B 25 -25.34 -20.86 5.43
C ALA B 25 -25.91 -22.04 6.20
N LEU B 26 -27.09 -21.83 6.77
CA LEU B 26 -27.75 -22.85 7.58
C LEU B 26 -28.04 -24.15 6.84
N LYS B 27 -28.69 -24.07 5.68
CA LYS B 27 -28.97 -25.29 4.95
C LYS B 27 -27.74 -25.97 4.35
N LEU B 28 -26.71 -25.18 4.04
CA LEU B 28 -25.49 -25.77 3.49
C LEU B 28 -24.72 -26.52 4.58
N SER B 29 -24.74 -25.96 5.80
CA SER B 29 -24.04 -26.52 6.96
C SER B 29 -24.67 -27.80 7.48
N GLU B 30 -25.87 -28.09 7.01
CA GLU B 30 -26.57 -29.28 7.44
C GLU B 30 -26.35 -30.42 6.45
N LEU B 31 -25.49 -30.18 5.45
CA LEU B 31 -25.18 -31.21 4.46
C LEU B 31 -24.27 -32.28 5.03
N GLU B 32 -24.47 -33.49 4.53
CA GLU B 32 -23.76 -34.66 5.00
C GLU B 32 -22.34 -34.53 5.57
N ASN B 33 -21.36 -34.24 4.72
CA ASN B 33 -20.01 -34.14 5.24
C ASN B 33 -19.48 -32.72 5.30
N VAL B 34 -20.31 -31.82 5.80
CA VAL B 34 -19.92 -30.43 5.91
C VAL B 34 -19.54 -30.08 7.33
N ASP B 35 -18.32 -29.61 7.51
CA ASP B 35 -17.84 -29.23 8.82
C ASP B 35 -18.31 -27.82 9.17
N GLY B 36 -18.35 -26.96 8.16
CA GLY B 36 -18.77 -25.60 8.39
C GLY B 36 -18.87 -24.79 7.13
N VAL B 37 -19.57 -23.65 7.22
CA VAL B 37 -19.76 -22.77 6.09
C VAL B 37 -19.59 -21.34 6.52
N ASN B 38 -19.03 -20.54 5.61
CA ASN B 38 -18.85 -19.12 5.85
C ASN B 38 -19.39 -18.36 4.63
N ILE B 39 -20.34 -17.47 4.86
CA ILE B 39 -20.89 -16.66 3.78
C ILE B 39 -20.53 -15.21 4.01
N HIS B 40 -19.82 -14.65 3.03
CA HIS B 40 -19.36 -13.27 3.05
C HIS B 40 -20.11 -12.45 2.01
N LEU B 41 -20.79 -11.40 2.46
CA LEU B 41 -21.53 -10.53 1.57
C LEU B 41 -20.54 -9.66 0.83
N SER B 42 -20.41 -9.86 -0.47
CA SER B 42 -19.48 -9.06 -1.26
C SER B 42 -20.05 -7.71 -1.65
N GLU B 43 -21.28 -7.71 -2.15
CA GLU B 43 -21.93 -6.47 -2.59
C GLU B 43 -23.44 -6.61 -2.81
N ILE B 44 -24.21 -5.70 -2.23
CA ILE B 44 -25.66 -5.70 -2.40
C ILE B 44 -26.02 -4.80 -3.58
N ASP B 45 -27.06 -5.18 -4.31
CA ASP B 45 -27.51 -4.40 -5.44
C ASP B 45 -29.00 -4.14 -5.29
N GLN B 46 -29.61 -3.57 -6.32
CA GLN B 46 -31.02 -3.24 -6.27
C GLN B 46 -31.90 -4.46 -6.04
N ALA B 47 -31.61 -5.56 -6.73
CA ALA B 47 -32.43 -6.76 -6.58
C ALA B 47 -31.66 -8.03 -6.24
N THR B 48 -30.35 -7.93 -6.24
CA THR B 48 -29.52 -9.10 -5.95
C THR B 48 -28.29 -8.74 -5.15
N GLU B 49 -27.69 -9.76 -4.54
CA GLU B 49 -26.47 -9.55 -3.77
C GLU B 49 -25.46 -10.63 -4.14
N ASN B 50 -24.19 -10.25 -4.22
CA ASN B 50 -23.10 -11.17 -4.54
C ASN B 50 -22.38 -11.59 -3.26
N ILE B 51 -22.43 -12.88 -2.96
CA ILE B 51 -21.80 -13.42 -1.76
C ILE B 51 -20.69 -14.39 -2.15
N LYS B 52 -19.77 -14.62 -1.22
CA LYS B 52 -18.66 -15.55 -1.43
C LYS B 52 -18.92 -16.66 -0.44
N ILE B 53 -18.99 -17.90 -0.90
CA ILE B 53 -19.25 -18.99 0.03
C ILE B 53 -18.07 -19.94 0.20
N THR B 54 -17.67 -20.15 1.46
CA THR B 54 -16.57 -21.06 1.73
C THR B 54 -17.09 -22.28 2.49
N ILE B 55 -16.96 -23.44 1.88
CA ILE B 55 -17.42 -24.69 2.46
C ILE B 55 -16.27 -25.61 2.82
N LEU B 56 -16.23 -26.01 4.09
CA LEU B 56 -15.19 -26.90 4.61
C LEU B 56 -15.83 -28.24 4.99
N GLY B 57 -15.17 -29.32 4.58
CA GLY B 57 -15.68 -30.66 4.88
C GLY B 57 -14.83 -31.74 4.28
N ASN B 58 -15.35 -32.95 4.21
CA ASN B 58 -14.61 -34.07 3.64
C ASN B 58 -15.39 -34.75 2.51
N ASN B 59 -14.67 -35.06 1.44
CA ASN B 59 -15.25 -35.68 0.27
C ASN B 59 -16.62 -35.02 0.03
N LEU B 60 -16.57 -33.70 -0.15
CA LEU B 60 -17.74 -32.88 -0.38
C LEU B 60 -18.32 -33.19 -1.74
N ASP B 61 -19.63 -33.09 -1.82
CA ASP B 61 -20.35 -33.37 -3.04
C ASP B 61 -20.79 -32.06 -3.69
N TYR B 62 -20.12 -31.71 -4.77
CA TYR B 62 -20.42 -30.48 -5.47
C TYR B 62 -21.85 -30.50 -5.95
N GLU B 63 -22.21 -31.52 -6.71
CA GLU B 63 -23.57 -31.63 -7.22
C GLU B 63 -24.61 -31.33 -6.15
N GLN B 64 -24.37 -31.81 -4.95
CA GLN B 64 -25.31 -31.57 -3.88
C GLN B 64 -25.27 -30.10 -3.49
N ILE B 65 -24.08 -29.58 -3.23
CA ILE B 65 -23.96 -28.19 -2.86
C ILE B 65 -24.62 -27.31 -3.93
N LYS B 66 -24.28 -27.55 -5.19
CA LYS B 66 -24.86 -26.75 -6.26
C LYS B 66 -26.37 -26.84 -6.25
N GLY B 67 -26.87 -28.03 -5.94
CA GLY B 67 -28.30 -28.22 -5.92
C GLY B 67 -28.97 -27.31 -4.90
N VAL B 68 -28.54 -27.42 -3.65
CA VAL B 68 -29.12 -26.61 -2.58
C VAL B 68 -29.10 -25.12 -2.92
N ILE B 69 -27.98 -24.63 -3.43
CA ILE B 69 -27.86 -23.23 -3.78
C ILE B 69 -28.89 -22.87 -4.86
N GLU B 70 -29.04 -23.76 -5.83
CA GLU B 70 -29.98 -23.56 -6.93
C GLU B 70 -31.43 -23.48 -6.43
N ASP B 71 -31.82 -24.49 -5.66
CA ASP B 71 -33.15 -24.55 -5.13
C ASP B 71 -33.58 -23.28 -4.45
N MSE B 72 -32.65 -22.58 -3.79
CA MSE B 72 -33.02 -21.34 -3.13
C MSE B 72 -32.90 -20.16 -4.05
O MSE B 72 -32.94 -19.01 -3.59
CB MSE B 72 -32.18 -21.14 -1.88
CG MSE B 72 -32.10 -22.37 -1.04
SE MSE B 72 -31.45 -21.96 0.72
CE MSE B 72 -33.23 -21.74 1.52
N GLY B 73 -32.75 -20.42 -5.34
CA GLY B 73 -32.66 -19.36 -6.33
C GLY B 73 -31.32 -18.71 -6.55
N GLY B 74 -30.29 -19.26 -5.91
CA GLY B 74 -28.96 -18.68 -6.07
C GLY B 74 -28.31 -19.28 -7.29
N VAL B 75 -27.21 -18.70 -7.74
CA VAL B 75 -26.50 -19.21 -8.90
C VAL B 75 -25.00 -19.11 -8.67
N ILE B 76 -24.27 -20.14 -9.07
CA ILE B 76 -22.82 -20.17 -8.91
C ILE B 76 -22.21 -19.52 -10.13
N HIS B 77 -21.63 -18.34 -9.96
CA HIS B 77 -21.00 -17.65 -11.09
C HIS B 77 -19.61 -18.21 -11.34
N SER B 78 -18.95 -18.69 -10.29
CA SER B 78 -17.62 -19.23 -10.45
C SER B 78 -17.11 -19.93 -9.20
N VAL B 79 -16.10 -20.75 -9.39
CA VAL B 79 -15.45 -21.48 -8.31
C VAL B 79 -14.07 -20.90 -8.15
N ASP B 80 -13.93 -19.91 -7.26
CA ASP B 80 -12.65 -19.23 -7.05
C ASP B 80 -11.50 -20.04 -6.43
N GLU B 81 -11.81 -21.07 -5.66
CA GLU B 81 -10.77 -21.91 -5.09
C GLU B 81 -11.27 -23.29 -4.72
N VAL B 82 -10.40 -24.28 -4.87
CA VAL B 82 -10.75 -25.65 -4.53
C VAL B 82 -9.58 -26.42 -3.95
N VAL B 83 -9.87 -27.14 -2.88
CA VAL B 83 -8.86 -27.95 -2.22
C VAL B 83 -9.39 -29.36 -2.17
N ALA B 84 -8.56 -30.30 -2.60
CA ALA B 84 -8.96 -31.70 -2.59
C ALA B 84 -7.79 -32.55 -2.13
N GLY B 85 -8.09 -33.68 -1.49
CA GLY B 85 -7.05 -34.56 -1.01
C GLY B 85 -7.10 -34.83 0.48
N LYS B 86 -6.05 -35.46 0.98
CA LYS B 86 -5.95 -35.83 2.40
C LYS B 86 -5.67 -34.66 3.33
N ILE B 87 -4.92 -33.68 2.84
CA ILE B 87 -4.54 -32.53 3.63
C ILE B 87 -4.97 -31.21 2.99
N ILE B 88 -5.38 -30.26 3.81
CA ILE B 88 -5.78 -28.97 3.28
C ILE B 88 -4.55 -28.14 2.90
N VAL B 89 -4.45 -27.84 1.61
CA VAL B 89 -3.35 -27.08 1.07
C VAL B 89 -3.78 -25.68 0.67
N GLU B 90 -3.06 -24.69 1.17
CA GLU B 90 -3.35 -23.29 0.90
C GLU B 90 -2.53 -22.85 -0.32
N SER B 91 -2.99 -21.78 -0.97
CA SER B 91 -2.28 -21.28 -2.15
C SER B 91 -1.00 -20.56 -1.78
N VAL B 92 0.03 -20.72 -2.61
CA VAL B 92 1.31 -20.07 -2.34
C VAL B 92 1.37 -18.67 -2.99
N SER C 2 -24.79 -29.99 21.38
CA SER C 2 -24.21 -30.22 20.02
C SER C 2 -23.70 -28.91 19.44
N LEU C 3 -22.50 -28.91 18.84
CA LEU C 3 -21.96 -27.68 18.24
C LEU C 3 -22.51 -27.57 16.83
N LYS C 4 -23.59 -26.81 16.68
CA LYS C 4 -24.21 -26.65 15.38
C LYS C 4 -24.94 -25.33 15.17
N GLY C 5 -25.47 -25.13 13.96
CA GLY C 5 -26.18 -23.91 13.64
C GLY C 5 -25.32 -22.68 13.31
N LEU C 6 -25.90 -21.50 13.52
CA LEU C 6 -25.20 -20.24 13.29
C LEU C 6 -24.18 -20.06 14.40
N ARG C 7 -22.90 -19.96 14.03
CA ARG C 7 -21.83 -19.81 15.01
C ARG C 7 -21.36 -18.36 15.17
N ARG C 8 -21.20 -17.64 14.06
CA ARG C 8 -20.74 -16.26 14.13
C ARG C 8 -21.47 -15.37 13.14
N LEU C 9 -21.79 -14.15 13.57
CA LEU C 9 -22.47 -13.18 12.69
C LEU C 9 -21.78 -11.82 12.76
N VAL C 10 -21.76 -11.11 11.65
CA VAL C 10 -21.19 -9.77 11.62
C VAL C 10 -22.31 -8.92 11.07
N LEU C 11 -22.86 -8.05 11.92
CA LEU C 11 -23.96 -7.21 11.53
C LEU C 11 -23.61 -5.74 11.43
N ASP C 12 -24.07 -5.14 10.34
CA ASP C 12 -23.87 -3.72 10.11
C ASP C 12 -25.11 -3.10 10.74
N VAL C 13 -24.92 -2.29 11.79
CA VAL C 13 -26.05 -1.71 12.48
C VAL C 13 -26.02 -0.19 12.61
N LEU C 14 -27.19 0.42 12.58
CA LEU C 14 -27.32 1.87 12.73
C LEU C 14 -28.07 2.09 14.03
N LYS C 15 -27.74 3.15 14.74
CA LYS C 15 -28.41 3.38 16.01
C LYS C 15 -28.22 4.81 16.49
N PRO C 16 -29.07 5.26 17.41
CA PRO C 16 -28.92 6.63 17.91
C PRO C 16 -27.82 6.58 18.99
N HIS C 17 -27.21 7.72 19.27
CA HIS C 17 -26.16 7.76 20.29
C HIS C 17 -26.63 7.06 21.56
N GLU C 18 -27.89 7.26 21.92
CA GLU C 18 -28.41 6.62 23.12
C GLU C 18 -29.33 5.44 22.78
N PRO C 19 -29.15 4.30 23.46
CA PRO C 19 -28.15 4.06 24.51
C PRO C 19 -26.75 3.78 23.97
N LYS C 20 -25.77 3.85 24.87
CA LYS C 20 -24.38 3.63 24.52
C LYS C 20 -24.16 2.24 23.94
N THR C 21 -23.03 2.04 23.27
CA THR C 21 -22.74 0.75 22.68
C THR C 21 -22.43 -0.30 23.75
N ILE C 22 -21.97 0.15 24.91
CA ILE C 22 -21.65 -0.78 25.99
C ILE C 22 -22.87 -1.55 26.46
N VAL C 23 -24.03 -0.91 26.45
CA VAL C 23 -25.24 -1.60 26.89
C VAL C 23 -25.61 -2.65 25.85
N PHE C 24 -25.46 -2.33 24.56
CA PHE C 24 -25.76 -3.28 23.50
C PHE C 24 -24.85 -4.49 23.65
N ALA C 25 -23.57 -4.20 23.80
CA ALA C 25 -22.58 -5.24 23.91
C ALA C 25 -22.86 -6.13 25.11
N LEU C 26 -23.31 -5.52 26.20
CA LEU C 26 -23.60 -6.27 27.41
C LEU C 26 -24.85 -7.11 27.23
N LYS C 27 -25.94 -6.47 26.82
CA LYS C 27 -27.18 -7.19 26.62
C LYS C 27 -27.07 -8.35 25.62
N LEU C 28 -26.36 -8.16 24.51
CA LEU C 28 -26.19 -9.24 23.53
C LEU C 28 -25.35 -10.39 24.08
N SER C 29 -24.40 -10.08 24.95
CA SER C 29 -23.55 -11.09 25.56
C SER C 29 -24.28 -11.90 26.61
N GLU C 30 -25.37 -11.34 27.14
CA GLU C 30 -26.14 -12.03 28.16
C GLU C 30 -27.19 -12.98 27.57
N LEU C 31 -27.26 -13.02 26.24
CA LEU C 31 -28.19 -13.93 25.58
C LEU C 31 -27.60 -15.34 25.69
N GLU C 32 -28.48 -16.30 25.90
CA GLU C 32 -28.08 -17.71 26.02
C GLU C 32 -27.51 -18.03 24.65
N ASN C 33 -26.58 -18.98 24.58
CA ASN C 33 -25.95 -19.38 23.32
C ASN C 33 -24.77 -18.50 22.87
N VAL C 34 -24.67 -17.29 23.43
CA VAL C 34 -23.63 -16.35 23.04
C VAL C 34 -22.33 -16.37 23.85
N ASP C 35 -21.24 -16.80 23.21
CA ASP C 35 -19.96 -16.86 23.88
C ASP C 35 -19.26 -15.50 24.02
N GLY C 36 -19.59 -14.55 23.14
CA GLY C 36 -18.98 -13.24 23.21
C GLY C 36 -19.43 -12.29 22.12
N VAL C 37 -19.32 -10.99 22.37
CA VAL C 37 -19.73 -10.00 21.40
C VAL C 37 -18.68 -8.91 21.23
N ASN C 38 -18.50 -8.45 20.00
CA ASN C 38 -17.55 -7.40 19.70
C ASN C 38 -18.27 -6.29 18.92
N ILE C 39 -18.26 -5.09 19.45
CA ILE C 39 -18.88 -3.96 18.78
C ILE C 39 -17.79 -2.96 18.42
N HIS C 40 -17.57 -2.82 17.11
CA HIS C 40 -16.57 -1.93 16.53
C HIS C 40 -17.27 -0.69 16.05
N LEU C 41 -16.73 0.48 16.43
CA LEU C 41 -17.34 1.74 16.01
C LEU C 41 -16.84 2.09 14.62
N SER C 42 -17.75 2.10 13.65
CA SER C 42 -17.39 2.44 12.28
C SER C 42 -17.37 3.94 12.13
N GLU C 43 -18.46 4.57 12.56
CA GLU C 43 -18.56 6.01 12.45
C GLU C 43 -19.63 6.67 13.31
N ILE C 44 -19.34 7.90 13.73
CA ILE C 44 -20.27 8.67 14.52
C ILE C 44 -20.75 9.82 13.66
N ASP C 45 -22.07 9.94 13.54
CA ASP C 45 -22.61 11.03 12.76
C ASP C 45 -23.36 11.99 13.66
N GLN C 46 -24.15 12.86 13.04
CA GLN C 46 -24.88 13.88 13.80
C GLN C 46 -25.83 13.39 14.88
N ALA C 47 -26.84 12.62 14.49
CA ALA C 47 -27.82 12.11 15.44
C ALA C 47 -27.70 10.62 15.53
N THR C 48 -26.83 10.06 14.69
CA THR C 48 -26.68 8.62 14.63
C THR C 48 -25.26 8.09 14.82
N GLU C 49 -25.15 6.77 14.79
CA GLU C 49 -23.87 6.09 14.99
C GLU C 49 -23.90 4.78 14.20
N ASN C 50 -22.81 4.45 13.53
CA ASN C 50 -22.75 3.23 12.77
C ASN C 50 -21.72 2.29 13.38
N ILE C 51 -22.16 1.08 13.71
CA ILE C 51 -21.35 0.08 14.35
C ILE C 51 -21.35 -1.26 13.62
N LYS C 52 -20.29 -2.03 13.83
CA LYS C 52 -20.18 -3.34 13.24
C LYS C 52 -20.15 -4.28 14.45
N ILE C 53 -21.17 -5.14 14.58
CA ILE C 53 -21.28 -6.07 15.71
C ILE C 53 -20.99 -7.52 15.29
N THR C 54 -20.00 -8.13 15.93
CA THR C 54 -19.65 -9.51 15.64
C THR C 54 -20.09 -10.37 16.84
N ILE C 55 -20.93 -11.36 16.59
CA ILE C 55 -21.45 -12.24 17.64
C ILE C 55 -20.99 -13.69 17.47
N LEU C 56 -20.42 -14.22 18.55
CA LEU C 56 -19.93 -15.60 18.57
C LEU C 56 -20.77 -16.44 19.56
N GLY C 57 -20.95 -17.72 19.24
CA GLY C 57 -21.73 -18.58 20.11
C GLY C 57 -22.13 -19.89 19.46
N ASN C 58 -23.18 -20.52 19.94
CA ASN C 58 -23.60 -21.79 19.35
C ASN C 58 -25.07 -21.77 19.00
N ASN C 59 -25.41 -22.26 17.81
CA ASN C 59 -26.79 -22.32 17.40
C ASN C 59 -27.50 -21.03 17.80
N LEU C 60 -27.00 -19.91 17.27
CA LEU C 60 -27.55 -18.59 17.57
C LEU C 60 -28.89 -18.37 16.91
N ASP C 61 -29.76 -17.64 17.59
CA ASP C 61 -31.10 -17.32 17.11
C ASP C 61 -31.06 -15.88 16.59
N TYR C 62 -31.16 -15.72 15.28
CA TYR C 62 -31.11 -14.40 14.67
C TYR C 62 -32.24 -13.47 15.09
N GLU C 63 -33.46 -13.97 15.04
CA GLU C 63 -34.64 -13.20 15.42
C GLU C 63 -34.51 -12.66 16.82
N GLN C 64 -33.85 -13.44 17.67
CA GLN C 64 -33.67 -13.01 19.05
C GLN C 64 -32.69 -11.85 19.07
N ILE C 65 -31.54 -12.03 18.41
CA ILE C 65 -30.50 -11.00 18.33
C ILE C 65 -31.08 -9.72 17.71
N LYS C 66 -31.82 -9.88 16.62
CA LYS C 66 -32.41 -8.74 15.95
C LYS C 66 -33.35 -7.99 16.90
N GLY C 67 -34.08 -8.74 17.73
CA GLY C 67 -35.00 -8.12 18.66
C GLY C 67 -34.33 -7.26 19.72
N VAL C 68 -33.33 -7.85 20.37
CA VAL C 68 -32.58 -7.15 21.42
C VAL C 68 -32.08 -5.82 20.87
N ILE C 69 -31.56 -5.86 19.64
CA ILE C 69 -31.05 -4.66 19.01
C ILE C 69 -32.14 -3.60 18.76
N GLU C 70 -33.23 -4.02 18.12
CA GLU C 70 -34.33 -3.12 17.82
C GLU C 70 -34.97 -2.60 19.10
N ASP C 71 -35.12 -3.46 20.09
CA ASP C 71 -35.71 -3.08 21.38
C ASP C 71 -34.90 -1.95 21.99
N MSE C 72 -33.67 -1.78 21.54
CA MSE C 72 -32.81 -0.74 22.07
C MSE C 72 -32.63 0.40 21.09
O MSE C 72 -31.77 1.26 21.27
CB MSE C 72 -31.46 -1.31 22.43
CG MSE C 72 -31.57 -2.36 23.47
SE MSE C 72 -29.82 -2.82 24.06
CE MSE C 72 -29.71 -1.64 25.59
N GLY C 73 -33.46 0.40 20.05
CA GLY C 73 -33.40 1.45 19.07
C GLY C 73 -32.53 1.14 17.87
N GLY C 74 -31.75 0.06 17.95
CA GLY C 74 -30.89 -0.29 16.84
C GLY C 74 -31.63 -0.83 15.63
N VAL C 75 -30.94 -0.86 14.50
CA VAL C 75 -31.50 -1.40 13.26
C VAL C 75 -30.36 -2.07 12.54
N ILE C 76 -30.63 -3.23 11.94
CA ILE C 76 -29.63 -3.98 11.21
C ILE C 76 -29.70 -3.62 9.74
N HIS C 77 -28.72 -2.86 9.25
CA HIS C 77 -28.72 -2.47 7.85
C HIS C 77 -28.30 -3.59 6.92
N SER C 78 -27.43 -4.48 7.40
CA SER C 78 -27.00 -5.61 6.58
C SER C 78 -26.22 -6.68 7.36
N VAL C 79 -26.32 -7.93 6.92
CA VAL C 79 -25.62 -9.06 7.53
C VAL C 79 -24.39 -9.34 6.67
N ASP C 80 -23.24 -8.80 7.06
CA ASP C 80 -22.01 -8.93 6.28
C ASP C 80 -21.29 -10.26 6.23
N GLU C 81 -21.42 -11.07 7.29
CA GLU C 81 -20.80 -12.39 7.30
C GLU C 81 -21.60 -13.35 8.16
N VAL C 82 -21.68 -14.61 7.74
CA VAL C 82 -22.41 -15.61 8.49
C VAL C 82 -21.58 -16.88 8.53
N VAL C 83 -21.40 -17.46 9.71
CA VAL C 83 -20.67 -18.72 9.84
C VAL C 83 -21.63 -19.72 10.47
N ALA C 84 -21.77 -20.89 9.82
CA ALA C 84 -22.67 -21.94 10.30
C ALA C 84 -22.05 -23.33 10.26
N GLY C 85 -22.41 -24.16 11.24
CA GLY C 85 -21.91 -25.53 11.28
C GLY C 85 -21.17 -25.94 12.55
N LYS C 86 -20.32 -26.95 12.43
CA LYS C 86 -19.55 -27.46 13.56
C LYS C 86 -18.24 -26.72 13.76
N ILE C 87 -17.53 -26.43 12.68
CA ILE C 87 -16.27 -25.73 12.75
C ILE C 87 -16.42 -24.30 12.30
N ILE C 88 -15.74 -23.37 12.98
CA ILE C 88 -15.78 -21.97 12.58
C ILE C 88 -14.91 -21.88 11.32
N VAL C 89 -15.49 -21.41 10.23
CA VAL C 89 -14.73 -21.30 8.99
C VAL C 89 -14.49 -19.84 8.69
N GLU C 90 -13.28 -19.50 8.27
CA GLU C 90 -13.00 -18.11 7.96
C GLU C 90 -13.00 -17.93 6.46
N SER C 91 -13.32 -16.72 6.03
CA SER C 91 -13.36 -16.40 4.61
C SER C 91 -11.96 -16.54 4.02
N VAL C 92 -11.86 -17.14 2.85
CA VAL C 92 -10.56 -17.29 2.22
C VAL C 92 -10.29 -16.07 1.31
N LEU D 3 -16.00 -15.33 34.03
CA LEU D 3 -15.71 -14.41 32.88
C LEU D 3 -16.99 -13.99 32.19
N LYS D 4 -17.45 -12.80 32.53
CA LYS D 4 -18.69 -12.23 31.98
C LYS D 4 -18.62 -10.70 31.91
N GLY D 5 -19.65 -10.11 31.31
CA GLY D 5 -19.73 -8.67 31.19
C GLY D 5 -18.78 -7.99 30.25
N LEU D 6 -18.39 -6.76 30.59
CA LEU D 6 -17.46 -6.00 29.79
C LEU D 6 -16.09 -6.65 29.90
N ARG D 7 -15.49 -7.00 28.77
CA ARG D 7 -14.18 -7.64 28.78
C ARG D 7 -13.01 -6.77 28.30
N ARG D 8 -13.24 -5.94 27.28
CA ARG D 8 -12.20 -5.07 26.74
C ARG D 8 -12.83 -3.81 26.16
N LEU D 9 -12.17 -2.67 26.41
CA LEU D 9 -12.66 -1.39 25.91
C LEU D 9 -11.54 -0.63 25.25
N VAL D 10 -11.82 0.03 24.13
CA VAL D 10 -10.80 0.85 23.48
C VAL D 10 -11.38 2.27 23.52
N LEU D 11 -10.74 3.14 24.30
CA LEU D 11 -11.23 4.50 24.45
C LEU D 11 -10.45 5.58 23.75
N ASP D 12 -11.19 6.47 23.10
CA ASP D 12 -10.60 7.61 22.44
C ASP D 12 -10.65 8.68 23.53
N VAL D 13 -9.51 8.94 24.16
CA VAL D 13 -9.44 9.92 25.23
C VAL D 13 -8.62 11.17 24.93
N LEU D 14 -9.14 12.33 25.31
CA LEU D 14 -8.45 13.61 25.16
C LEU D 14 -8.01 14.01 26.56
N LYS D 15 -6.81 14.55 26.71
CA LYS D 15 -6.35 14.94 28.03
C LYS D 15 -5.27 16.02 28.02
N PRO D 16 -5.09 16.72 29.15
CA PRO D 16 -4.05 17.76 29.19
C PRO D 16 -2.72 17.03 29.26
N HIS D 17 -1.61 17.76 29.22
CA HIS D 17 -0.30 17.11 29.29
C HIS D 17 -0.04 16.50 30.65
N GLU D 18 -0.71 17.04 31.66
CA GLU D 18 -0.56 16.55 33.01
C GLU D 18 -1.89 16.01 33.51
N PRO D 19 -1.86 14.85 34.19
CA PRO D 19 -0.64 14.10 34.50
C PRO D 19 -0.15 13.26 33.32
N LYS D 20 1.04 12.69 33.46
CA LYS D 20 1.60 11.87 32.40
C LYS D 20 0.72 10.64 32.17
N THR D 21 0.79 10.07 30.98
CA THR D 21 0.01 8.89 30.66
C THR D 21 0.41 7.68 31.52
N ILE D 22 1.62 7.67 32.06
CA ILE D 22 2.02 6.54 32.89
C ILE D 22 1.18 6.59 34.15
N VAL D 23 0.74 7.78 34.53
CA VAL D 23 -0.09 7.92 35.70
C VAL D 23 -1.47 7.37 35.37
N PHE D 24 -1.97 7.69 34.18
CA PHE D 24 -3.27 7.20 33.74
C PHE D 24 -3.21 5.68 33.74
N ALA D 25 -2.20 5.15 33.06
CA ALA D 25 -2.01 3.71 32.96
C ALA D 25 -2.00 3.03 34.32
N LEU D 26 -1.15 3.51 35.22
CA LEU D 26 -1.06 2.95 36.55
C LEU D 26 -2.40 2.91 37.28
N LYS D 27 -3.04 4.07 37.45
CA LYS D 27 -4.32 4.11 38.15
C LYS D 27 -5.29 3.12 37.56
N LEU D 28 -5.55 3.22 36.25
CA LEU D 28 -6.47 2.29 35.61
C LEU D 28 -6.11 0.84 35.90
N SER D 29 -4.85 0.49 35.66
CA SER D 29 -4.39 -0.87 35.90
C SER D 29 -4.62 -1.36 37.34
N GLU D 30 -4.81 -0.43 38.28
CA GLU D 30 -5.00 -0.81 39.68
C GLU D 30 -6.45 -1.10 40.08
N LEU D 31 -7.37 -0.99 39.12
CA LEU D 31 -8.77 -1.31 39.39
C LEU D 31 -8.73 -2.82 39.53
N GLU D 32 -9.57 -3.34 40.42
CA GLU D 32 -9.57 -4.77 40.72
C GLU D 32 -9.96 -5.75 39.61
N ASN D 33 -10.91 -5.37 38.77
CA ASN D 33 -11.31 -6.28 37.69
C ASN D 33 -10.55 -6.06 36.38
N VAL D 34 -9.39 -5.42 36.47
CA VAL D 34 -8.57 -5.12 35.31
C VAL D 34 -7.30 -5.97 35.17
N ASP D 35 -7.18 -6.66 34.03
CA ASP D 35 -6.03 -7.51 33.74
C ASP D 35 -4.84 -6.73 33.23
N GLY D 36 -5.10 -5.72 32.40
CA GLY D 36 -4.05 -4.91 31.83
C GLY D 36 -4.58 -3.69 31.12
N VAL D 37 -3.71 -2.71 30.90
CA VAL D 37 -4.09 -1.47 30.26
C VAL D 37 -2.99 -1.08 29.30
N ASN D 38 -3.39 -0.62 28.12
CA ASN D 38 -2.42 -0.17 27.13
C ASN D 38 -2.81 1.26 26.72
N ILE D 39 -1.84 2.17 26.78
CA ILE D 39 -2.09 3.54 26.37
C ILE D 39 -1.17 3.83 25.19
N HIS D 40 -1.79 4.16 24.06
CA HIS D 40 -1.08 4.47 22.82
C HIS D 40 -1.17 5.97 22.57
N LEU D 41 -0.04 6.65 22.50
CA LEU D 41 -0.08 8.09 22.25
C LEU D 41 -0.46 8.34 20.80
N SER D 42 -1.65 8.86 20.56
CA SER D 42 -2.06 9.13 19.19
C SER D 42 -1.36 10.35 18.65
N GLU D 43 -1.47 11.46 19.38
CA GLU D 43 -0.84 12.70 18.95
C GLU D 43 -0.87 13.71 20.08
N ILE D 44 0.21 14.45 20.25
CA ILE D 44 0.22 15.47 21.28
C ILE D 44 0.06 16.83 20.59
N ASP D 45 -0.64 17.74 21.25
CA ASP D 45 -0.84 19.06 20.69
C ASP D 45 -0.26 20.14 21.60
N GLN D 46 -0.74 21.37 21.41
CA GLN D 46 -0.26 22.49 22.21
C GLN D 46 -0.53 22.39 23.69
N ALA D 47 -1.75 22.12 24.08
CA ALA D 47 -2.06 22.01 25.49
C ALA D 47 -2.60 20.63 25.85
N THR D 48 -3.03 19.90 24.83
CA THR D 48 -3.62 18.58 25.05
C THR D 48 -2.84 17.42 24.47
N GLU D 49 -3.44 16.25 24.60
CA GLU D 49 -2.84 15.01 24.16
C GLU D 49 -3.98 14.09 23.79
N ASN D 50 -3.80 13.31 22.73
CA ASN D 50 -4.81 12.36 22.29
C ASN D 50 -4.25 10.97 22.48
N ILE D 51 -4.86 10.22 23.39
CA ILE D 51 -4.42 8.87 23.68
C ILE D 51 -5.51 7.83 23.49
N LYS D 52 -5.11 6.66 23.02
CA LYS D 52 -6.01 5.54 22.79
C LYS D 52 -5.74 4.52 23.91
N ILE D 53 -6.73 4.29 24.76
CA ILE D 53 -6.59 3.36 25.89
C ILE D 53 -7.29 2.01 25.67
N THR D 54 -6.52 0.93 25.79
CA THR D 54 -7.10 -0.41 25.67
C THR D 54 -7.09 -1.00 27.07
N ILE D 55 -8.27 -1.36 27.57
CA ILE D 55 -8.45 -1.94 28.91
C ILE D 55 -9.00 -3.35 28.82
N LEU D 56 -8.28 -4.29 29.40
CA LEU D 56 -8.66 -5.70 29.42
C LEU D 56 -9.08 -6.07 30.82
N GLY D 57 -10.19 -6.78 30.95
CA GLY D 57 -10.61 -7.17 32.28
C GLY D 57 -11.71 -8.20 32.30
N ASN D 58 -12.41 -8.26 33.43
CA ASN D 58 -13.52 -9.17 33.62
C ASN D 58 -14.63 -8.35 34.27
N ASN D 59 -15.76 -8.22 33.58
CA ASN D 59 -16.89 -7.45 34.10
C ASN D 59 -16.46 -6.04 34.51
N LEU D 60 -15.81 -5.34 33.59
CA LEU D 60 -15.32 -3.99 33.81
C LEU D 60 -16.46 -3.01 34.08
N ASP D 61 -16.23 -2.14 35.06
CA ASP D 61 -17.21 -1.13 35.45
C ASP D 61 -16.94 0.16 34.69
N TYR D 62 -17.55 0.31 33.52
CA TYR D 62 -17.34 1.50 32.70
C TYR D 62 -17.28 2.78 33.52
N GLU D 63 -18.38 3.09 34.19
CA GLU D 63 -18.48 4.29 35.00
C GLU D 63 -17.27 4.48 35.92
N GLN D 64 -16.77 3.39 36.46
CA GLN D 64 -15.61 3.43 37.34
C GLN D 64 -14.46 3.96 36.50
N ILE D 65 -14.22 3.25 35.41
CA ILE D 65 -13.18 3.58 34.45
C ILE D 65 -13.26 5.03 33.96
N LYS D 66 -14.48 5.49 33.68
CA LYS D 66 -14.68 6.86 33.23
C LYS D 66 -14.36 7.80 34.37
N GLY D 67 -14.64 7.37 35.60
CA GLY D 67 -14.38 8.18 36.77
C GLY D 67 -12.90 8.43 37.01
N VAL D 68 -12.10 7.37 36.94
CA VAL D 68 -10.66 7.46 37.13
C VAL D 68 -10.09 8.42 36.11
N ILE D 69 -10.51 8.24 34.86
CA ILE D 69 -10.07 9.06 33.75
C ILE D 69 -10.44 10.53 33.97
N GLU D 70 -11.72 10.81 34.18
CA GLU D 70 -12.13 12.19 34.39
C GLU D 70 -11.49 12.82 35.61
N ASP D 71 -11.39 12.07 36.70
CA ASP D 71 -10.78 12.61 37.92
C ASP D 71 -9.37 13.12 37.65
N MSE D 72 -8.73 12.58 36.61
CA MSE D 72 -7.39 13.00 36.27
C MSE D 72 -7.34 14.04 35.18
O MSE D 72 -6.29 14.26 34.57
CB MSE D 72 -6.54 11.80 35.88
CG MSE D 72 -6.34 10.84 37.01
SE MSE D 72 -5.02 9.51 36.54
CE MSE D 72 -6.04 8.46 35.30
N GLY D 73 -8.48 14.68 34.92
CA GLY D 73 -8.54 15.72 33.91
C GLY D 73 -8.74 15.28 32.48
N GLY D 74 -8.93 13.98 32.26
CA GLY D 74 -9.14 13.50 30.91
C GLY D 74 -10.62 13.39 30.64
N VAL D 75 -10.98 13.28 29.37
CA VAL D 75 -12.38 13.14 29.00
C VAL D 75 -12.43 12.09 27.91
N ILE D 76 -13.48 11.28 27.91
CA ILE D 76 -13.62 10.23 26.90
C ILE D 76 -14.34 10.78 25.70
N HIS D 77 -13.68 10.81 24.55
CA HIS D 77 -14.30 11.33 23.33
C HIS D 77 -15.17 10.29 22.64
N SER D 78 -14.83 9.02 22.80
CA SER D 78 -15.63 7.99 22.18
C SER D 78 -15.13 6.62 22.56
N VAL D 79 -16.02 5.64 22.48
CA VAL D 79 -15.70 4.25 22.77
C VAL D 79 -15.56 3.61 21.41
N ASP D 80 -14.35 3.18 21.04
CA ASP D 80 -14.19 2.59 19.72
C ASP D 80 -14.44 1.11 19.59
N GLU D 81 -14.17 0.37 20.66
CA GLU D 81 -14.44 -1.06 20.66
C GLU D 81 -14.92 -1.54 22.04
N VAL D 82 -15.88 -2.46 22.01
CA VAL D 82 -16.44 -3.06 23.22
C VAL D 82 -16.52 -4.56 23.03
N VAL D 83 -15.96 -5.31 23.95
CA VAL D 83 -16.02 -6.76 23.90
C VAL D 83 -16.69 -7.19 25.20
N ALA D 84 -17.69 -8.06 25.10
CA ALA D 84 -18.40 -8.51 26.29
C ALA D 84 -18.68 -9.99 26.16
N GLY D 85 -18.65 -10.71 27.30
CA GLY D 85 -18.91 -12.14 27.27
C GLY D 85 -17.86 -13.05 27.88
N LYS D 86 -17.94 -14.33 27.52
CA LYS D 86 -17.03 -15.37 28.02
C LYS D 86 -15.79 -15.47 27.16
N ILE D 87 -15.94 -15.11 25.90
CA ILE D 87 -14.85 -15.19 24.96
C ILE D 87 -14.48 -13.84 24.40
N ILE D 88 -13.19 -13.53 24.36
CA ILE D 88 -12.73 -12.27 23.79
C ILE D 88 -12.89 -12.40 22.28
N VAL D 89 -13.95 -11.82 21.74
CA VAL D 89 -14.20 -11.89 20.30
C VAL D 89 -13.53 -10.73 19.59
N GLU D 90 -12.75 -11.03 18.54
CA GLU D 90 -12.07 -9.98 17.78
C GLU D 90 -12.93 -9.58 16.60
N SER D 91 -12.75 -8.34 16.16
CA SER D 91 -13.49 -7.79 15.02
C SER D 91 -13.19 -8.48 13.69
N VAL D 92 -14.21 -8.70 12.87
CA VAL D 92 -13.97 -9.31 11.56
C VAL D 92 -14.05 -8.17 10.52
N GLU D 93 -12.87 -7.68 10.12
CA GLU D 93 -12.76 -6.56 9.17
C GLU D 93 -13.03 -6.91 7.71
N SER E 2 5.59 -10.32 42.22
CA SER E 2 4.38 -10.68 41.42
C SER E 2 4.28 -9.59 40.35
N LEU E 3 3.71 -9.91 39.19
CA LEU E 3 3.63 -8.93 38.10
C LEU E 3 2.53 -7.87 38.28
N LYS E 4 2.97 -6.61 38.33
CA LYS E 4 2.10 -5.45 38.50
C LYS E 4 2.81 -4.18 38.02
N GLY E 5 2.10 -3.06 38.08
CA GLY E 5 2.69 -1.79 37.69
C GLY E 5 2.99 -1.60 36.21
N LEU E 6 3.96 -0.73 35.92
CA LEU E 6 4.36 -0.47 34.54
C LEU E 6 5.10 -1.69 34.01
N ARG E 7 4.63 -2.21 32.89
CA ARG E 7 5.22 -3.40 32.28
C ARG E 7 6.06 -3.12 31.03
N ARG E 8 5.65 -2.16 30.23
CA ARG E 8 6.38 -1.85 29.01
C ARG E 8 6.27 -0.36 28.70
N LEU E 9 7.36 0.23 28.23
CA LEU E 9 7.38 1.64 27.88
C LEU E 9 7.98 1.81 26.49
N VAL E 10 7.35 2.58 25.62
CA VAL E 10 7.99 2.84 24.33
C VAL E 10 8.38 4.31 24.40
N LEU E 11 9.69 4.55 24.37
CA LEU E 11 10.19 5.91 24.49
C LEU E 11 10.87 6.49 23.28
N ASP E 12 10.43 7.68 22.90
CA ASP E 12 11.03 8.42 21.81
C ASP E 12 12.13 9.21 22.51
N VAL E 13 13.37 8.98 22.10
CA VAL E 13 14.51 9.65 22.73
C VAL E 13 15.47 10.30 21.76
N LEU E 14 15.99 11.47 22.13
CA LEU E 14 16.96 12.16 21.29
C LEU E 14 18.31 12.03 22.00
N LYS E 15 19.40 11.87 21.26
CA LYS E 15 20.71 11.75 21.88
C LYS E 15 21.89 12.04 20.94
N PRO E 16 23.07 12.34 21.54
CA PRO E 16 24.24 12.61 20.71
C PRO E 16 24.84 11.25 20.26
N HIS E 17 25.54 11.24 19.14
CA HIS E 17 26.15 10.00 18.64
C HIS E 17 26.83 9.22 19.77
N GLU E 18 27.45 9.94 20.70
CA GLU E 18 28.15 9.31 21.81
C GLU E 18 27.49 9.58 23.17
N PRO E 19 27.36 8.53 24.01
CA PRO E 19 27.83 7.17 23.73
C PRO E 19 26.87 6.47 22.79
N LYS E 20 27.29 5.31 22.29
CA LYS E 20 26.48 4.53 21.36
C LYS E 20 25.30 3.85 22.03
N THR E 21 24.22 3.66 21.27
CA THR E 21 23.00 3.04 21.79
C THR E 21 23.27 1.77 22.58
N ILE E 22 24.36 1.09 22.25
CA ILE E 22 24.67 -0.13 22.95
C ILE E 22 24.83 0.09 24.44
N VAL E 23 25.53 1.16 24.82
CA VAL E 23 25.71 1.44 26.25
C VAL E 23 24.33 1.64 26.90
N PHE E 24 23.47 2.42 26.25
CA PHE E 24 22.13 2.65 26.77
C PHE E 24 21.44 1.32 27.01
N ALA E 25 21.40 0.50 25.97
CA ALA E 25 20.76 -0.80 26.05
C ALA E 25 21.29 -1.60 27.25
N LEU E 26 22.61 -1.72 27.37
CA LEU E 26 23.18 -2.46 28.48
C LEU E 26 22.74 -1.89 29.82
N LYS E 27 23.05 -0.62 30.04
CA LYS E 27 22.69 0.05 31.29
C LYS E 27 21.20 -0.10 31.63
N LEU E 28 20.33 0.12 30.65
CA LEU E 28 18.91 -0.02 30.87
C LEU E 28 18.56 -1.48 31.23
N SER E 29 19.20 -2.40 30.54
CA SER E 29 18.95 -3.84 30.75
C SER E 29 19.46 -4.36 32.08
N GLU E 30 20.35 -3.59 32.70
CA GLU E 30 20.88 -4.02 33.97
C GLU E 30 20.07 -3.48 35.13
N LEU E 31 18.97 -2.84 34.79
CA LEU E 31 18.07 -2.37 35.85
C LEU E 31 17.34 -3.53 36.53
N GLU E 32 17.12 -3.43 37.79
CA GLU E 32 16.54 -4.58 38.47
C GLU E 32 15.26 -5.22 37.97
N ASN E 33 14.22 -4.46 37.67
CA ASN E 33 13.03 -5.14 37.23
C ASN E 33 12.87 -5.31 35.73
N VAL E 34 13.90 -4.93 34.99
CA VAL E 34 13.89 -5.00 33.53
C VAL E 34 14.14 -6.38 32.97
N ASP E 35 13.19 -6.88 32.17
CA ASP E 35 13.33 -8.19 31.54
C ASP E 35 14.19 -8.08 30.29
N GLY E 36 14.01 -6.97 29.56
CA GLY E 36 14.75 -6.75 28.35
C GLY E 36 14.57 -5.36 27.80
N VAL E 37 15.41 -5.02 26.83
CA VAL E 37 15.35 -3.70 26.24
C VAL E 37 15.64 -3.77 24.76
N ASN E 38 14.85 -3.05 23.97
CA ASN E 38 15.06 -3.01 22.55
C ASN E 38 15.26 -1.55 22.14
N ILE E 39 16.36 -1.26 21.47
CA ILE E 39 16.61 0.09 20.98
C ILE E 39 16.69 0.10 19.45
N HIS E 40 15.70 0.72 18.83
CA HIS E 40 15.57 0.82 17.38
C HIS E 40 15.97 2.22 16.89
N LEU E 41 16.90 2.27 15.94
CA LEU E 41 17.33 3.55 15.41
C LEU E 41 16.28 4.14 14.48
N SER E 42 15.80 5.33 14.80
CA SER E 42 14.79 5.97 13.98
C SER E 42 15.44 6.78 12.87
N GLU E 43 16.46 7.55 13.22
CA GLU E 43 17.12 8.38 12.23
C GLU E 43 18.36 9.03 12.78
N ILE E 44 19.40 9.12 11.96
CA ILE E 44 20.63 9.77 12.37
C ILE E 44 20.73 11.12 11.69
N ASP E 45 21.21 12.11 12.43
CA ASP E 45 21.37 13.46 11.91
C ASP E 45 22.80 13.88 12.21
N GLN E 46 23.04 15.19 12.21
CA GLN E 46 24.39 15.64 12.51
C GLN E 46 24.46 15.70 14.02
N ALA E 47 25.47 15.06 14.59
CA ALA E 47 25.65 15.09 16.05
C ALA E 47 24.43 14.63 16.84
N THR E 48 23.41 14.15 16.16
CA THR E 48 22.19 13.76 16.84
C THR E 48 21.71 12.38 16.39
N GLU E 49 20.85 11.75 17.18
CA GLU E 49 20.38 10.41 16.85
C GLU E 49 19.04 10.13 17.53
N ASN E 50 18.04 9.82 16.73
CA ASN E 50 16.69 9.51 17.22
C ASN E 50 16.46 8.01 17.35
N ILE E 51 16.19 7.56 18.57
CA ILE E 51 15.92 6.14 18.81
C ILE E 51 14.57 5.90 19.47
N LYS E 52 14.04 4.69 19.30
CA LYS E 52 12.81 4.28 19.94
C LYS E 52 13.32 3.25 20.94
N ILE E 53 13.03 3.44 22.22
CA ILE E 53 13.45 2.49 23.24
C ILE E 53 12.26 1.71 23.80
N THR E 54 12.28 0.40 23.66
CA THR E 54 11.19 -0.41 24.22
C THR E 54 11.75 -1.15 25.43
N ILE E 55 11.17 -0.88 26.61
CA ILE E 55 11.63 -1.53 27.82
C ILE E 55 10.54 -2.42 28.41
N LEU E 56 10.88 -3.70 28.56
CA LEU E 56 9.95 -4.69 29.10
C LEU E 56 10.40 -5.15 30.48
N GLY E 57 9.46 -5.22 31.41
CA GLY E 57 9.81 -5.64 32.75
C GLY E 57 8.62 -5.70 33.69
N ASN E 58 8.89 -5.64 34.99
CA ASN E 58 7.82 -5.68 35.96
C ASN E 58 7.88 -4.49 36.91
N ASN E 59 6.73 -3.85 37.11
CA ASN E 59 6.65 -2.73 38.03
C ASN E 59 7.86 -1.81 37.85
N LEU E 60 8.12 -1.44 36.60
CA LEU E 60 9.25 -0.59 36.23
C LEU E 60 9.19 0.79 36.86
N ASP E 61 10.34 1.35 37.17
CA ASP E 61 10.40 2.68 37.75
C ASP E 61 10.72 3.70 36.66
N TYR E 62 9.71 4.44 36.22
CA TYR E 62 9.91 5.43 35.18
C TYR E 62 11.06 6.33 35.52
N GLU E 63 10.97 6.94 36.69
CA GLU E 63 12.01 7.85 37.16
C GLU E 63 13.42 7.29 37.09
N GLN E 64 13.56 6.02 37.44
CA GLN E 64 14.86 5.37 37.44
C GLN E 64 15.37 5.18 36.02
N ILE E 65 14.43 5.03 35.08
CA ILE E 65 14.76 4.82 33.68
C ILE E 65 15.20 6.14 33.05
N LYS E 66 14.38 7.17 33.26
CA LYS E 66 14.65 8.49 32.75
C LYS E 66 16.00 8.94 33.30
N GLY E 67 16.26 8.59 34.55
CA GLY E 67 17.51 8.95 35.18
C GLY E 67 18.67 8.37 34.43
N VAL E 68 18.64 7.07 34.17
CA VAL E 68 19.72 6.46 33.44
C VAL E 68 19.92 7.22 32.12
N ILE E 69 18.88 7.29 31.32
CA ILE E 69 18.96 7.97 30.03
C ILE E 69 19.60 9.35 30.08
N GLU E 70 19.12 10.24 30.95
CA GLU E 70 19.68 11.58 31.05
C GLU E 70 21.14 11.54 31.50
N ASP E 71 21.46 10.59 32.38
CA ASP E 71 22.82 10.42 32.89
C ASP E 71 23.80 10.03 31.80
N MSE E 72 23.29 9.87 30.59
CA MSE E 72 24.11 9.48 29.45
C MSE E 72 23.91 10.46 28.31
O MSE E 72 24.24 10.18 27.16
CB MSE E 72 23.75 8.10 28.99
CG MSE E 72 23.69 7.10 30.09
SE MSE E 72 24.05 5.36 29.37
CE MSE E 72 25.96 5.62 29.00
N GLY E 73 23.35 11.62 28.64
CA GLY E 73 23.15 12.63 27.63
C GLY E 73 21.89 12.46 26.84
N GLY E 74 21.05 11.50 27.21
CA GLY E 74 19.81 11.32 26.49
C GLY E 74 18.69 12.16 27.05
N VAL E 75 17.66 12.35 26.24
CA VAL E 75 16.49 13.09 26.67
C VAL E 75 15.25 12.42 26.07
N ILE E 76 14.20 12.32 26.87
CA ILE E 76 12.99 11.70 26.43
C ILE E 76 12.08 12.73 25.79
N HIS E 77 11.81 12.57 24.50
CA HIS E 77 10.93 13.48 23.79
C HIS E 77 9.47 13.08 24.01
N SER E 78 9.18 11.79 23.95
CA SER E 78 7.81 11.38 24.17
C SER E 78 7.66 9.93 24.64
N VAL E 79 6.54 9.68 25.33
CA VAL E 79 6.20 8.35 25.79
C VAL E 79 5.15 7.91 24.77
N ASP E 80 5.55 7.03 23.86
CA ASP E 80 4.63 6.61 22.81
C ASP E 80 3.63 5.54 23.20
N GLU E 81 4.02 4.67 24.12
CA GLU E 81 3.14 3.64 24.58
C GLU E 81 3.50 3.14 25.98
N VAL E 82 2.47 2.91 26.77
CA VAL E 82 2.61 2.43 28.11
C VAL E 82 1.70 1.23 28.31
N VAL E 83 2.24 0.20 28.94
CA VAL E 83 1.46 -0.99 29.23
C VAL E 83 1.62 -1.21 30.72
N ALA E 84 0.51 -1.32 31.42
CA ALA E 84 0.57 -1.56 32.86
C ALA E 84 -0.47 -2.59 33.25
N GLY E 85 -0.17 -3.31 34.33
CA GLY E 85 -1.08 -4.33 34.81
C GLY E 85 -0.39 -5.65 35.01
N LYS E 86 -1.17 -6.71 35.05
CA LYS E 86 -0.66 -8.05 35.25
C LYS E 86 -0.45 -8.73 33.89
N ILE E 87 -1.30 -8.40 32.93
CA ILE E 87 -1.20 -8.96 31.57
C ILE E 87 -0.67 -7.91 30.59
N ILE E 88 0.20 -8.33 29.66
CA ILE E 88 0.70 -7.38 28.69
C ILE E 88 -0.41 -7.22 27.65
N VAL E 89 -0.94 -6.00 27.54
CA VAL E 89 -2.00 -5.77 26.57
C VAL E 89 -1.46 -4.99 25.37
N GLU E 90 -1.75 -5.46 24.17
CA GLU E 90 -1.30 -4.77 22.97
C GLU E 90 -2.44 -3.85 22.53
N SER E 91 -2.11 -2.80 21.77
CA SER E 91 -3.10 -1.85 21.29
C SER E 91 -3.97 -2.52 20.21
N VAL E 92 -5.29 -2.31 20.26
CA VAL E 92 -6.16 -2.91 19.24
C VAL E 92 -6.14 -2.01 18.00
N SER F 2 23.71 -18.29 31.01
CA SER F 2 22.66 -17.49 31.72
C SER F 2 22.41 -16.24 30.89
N LEU F 3 21.18 -16.08 30.38
CA LEU F 3 20.83 -14.93 29.55
C LEU F 3 20.91 -13.54 30.15
N LYS F 4 21.88 -12.79 29.64
CA LYS F 4 22.12 -11.42 30.04
C LYS F 4 22.97 -10.69 28.98
N GLY F 5 23.12 -9.38 29.13
CA GLY F 5 23.91 -8.63 28.18
C GLY F 5 23.29 -8.35 26.82
N LEU F 6 24.15 -8.12 25.84
CA LEU F 6 23.70 -7.86 24.49
C LEU F 6 23.16 -9.18 23.99
N ARG F 7 22.03 -9.14 23.31
CA ARG F 7 21.43 -10.36 22.81
C ARG F 7 21.25 -10.38 21.31
N ARG F 8 21.06 -9.21 20.72
CA ARG F 8 20.88 -9.10 19.29
C ARG F 8 21.28 -7.73 18.73
N LEU F 9 21.94 -7.74 17.57
CA LEU F 9 22.38 -6.52 16.92
C LEU F 9 22.03 -6.54 15.43
N VAL F 10 21.60 -5.40 14.91
CA VAL F 10 21.34 -5.31 13.49
C VAL F 10 22.30 -4.23 13.06
N LEU F 11 23.35 -4.64 12.35
CA LEU F 11 24.35 -3.70 11.91
C LEU F 11 24.28 -3.34 10.44
N ASP F 12 24.33 -2.05 10.15
CA ASP F 12 24.33 -1.59 8.77
C ASP F 12 25.81 -1.53 8.41
N VAL F 13 26.23 -2.37 7.48
CA VAL F 13 27.63 -2.41 7.09
C VAL F 13 27.91 -2.20 5.60
N LEU F 14 28.95 -1.41 5.33
CA LEU F 14 29.40 -1.15 3.97
C LEU F 14 30.73 -1.88 3.85
N LYS F 15 30.99 -2.51 2.72
CA LYS F 15 32.23 -3.26 2.54
C LYS F 15 32.62 -3.45 1.08
N PRO F 16 33.91 -3.66 0.81
CA PRO F 16 34.26 -3.86 -0.60
C PRO F 16 33.70 -5.23 -0.97
N HIS F 17 33.69 -5.57 -2.25
CA HIS F 17 33.14 -6.86 -2.67
C HIS F 17 33.76 -8.10 -2.03
N GLU F 18 35.03 -8.03 -1.68
CA GLU F 18 35.70 -9.16 -1.07
C GLU F 18 36.11 -8.87 0.34
N PRO F 19 36.02 -9.84 1.24
CA PRO F 19 35.54 -11.22 1.03
C PRO F 19 34.05 -11.25 0.78
N LYS F 20 33.55 -12.39 0.31
CA LYS F 20 32.11 -12.53 0.05
C LYS F 20 31.35 -12.52 1.39
N THR F 21 30.06 -12.20 1.34
CA THR F 21 29.27 -12.18 2.57
C THR F 21 29.22 -13.53 3.29
N ILE F 22 29.23 -14.63 2.55
CA ILE F 22 29.17 -15.93 3.21
C ILE F 22 30.38 -16.17 4.10
N VAL F 23 31.44 -15.39 3.89
CA VAL F 23 32.64 -15.53 4.70
C VAL F 23 32.44 -14.69 5.96
N PHE F 24 31.83 -13.52 5.83
CA PHE F 24 31.55 -12.71 7.00
C PHE F 24 30.66 -13.53 7.92
N ALA F 25 29.63 -14.13 7.34
CA ALA F 25 28.71 -14.94 8.11
C ALA F 25 29.46 -16.04 8.85
N LEU F 26 30.19 -16.88 8.13
CA LEU F 26 30.93 -17.96 8.78
C LEU F 26 31.77 -17.47 9.96
N LYS F 27 32.65 -16.50 9.70
CA LYS F 27 33.51 -15.98 10.74
C LYS F 27 32.77 -15.44 11.95
N LEU F 28 31.70 -14.70 11.73
CA LEU F 28 30.93 -14.15 12.83
C LEU F 28 30.22 -15.24 13.60
N SER F 29 29.74 -16.25 12.88
CA SER F 29 29.02 -17.35 13.49
C SER F 29 29.93 -18.23 14.34
N GLU F 30 31.22 -18.17 14.06
CA GLU F 30 32.17 -18.99 14.81
C GLU F 30 32.59 -18.35 16.13
N LEU F 31 32.20 -17.10 16.34
CA LEU F 31 32.49 -16.40 17.59
C LEU F 31 31.75 -17.13 18.72
N GLU F 32 32.31 -17.07 19.91
CA GLU F 32 31.71 -17.73 21.07
C GLU F 32 30.53 -16.94 21.59
N ASN F 33 29.45 -17.65 21.90
CA ASN F 33 28.24 -17.02 22.41
C ASN F 33 27.33 -16.55 21.27
N VAL F 34 27.74 -16.78 20.03
CA VAL F 34 26.91 -16.41 18.90
C VAL F 34 26.05 -17.61 18.50
N ASP F 35 24.74 -17.45 18.65
CA ASP F 35 23.78 -18.49 18.31
C ASP F 35 23.56 -18.59 16.80
N GLY F 36 23.65 -17.46 16.12
CA GLY F 36 23.46 -17.46 14.68
C GLY F 36 23.70 -16.10 14.05
N VAL F 37 23.83 -16.08 12.72
CA VAL F 37 24.08 -14.85 12.00
C VAL F 37 23.31 -14.79 10.69
N ASN F 38 22.74 -13.63 10.41
CA ASN F 38 22.03 -13.44 9.17
C ASN F 38 22.59 -12.22 8.46
N ILE F 39 23.02 -12.42 7.24
CA ILE F 39 23.54 -11.31 6.49
C ILE F 39 22.65 -11.08 5.27
N HIS F 40 22.03 -9.91 5.25
CA HIS F 40 21.14 -9.54 4.16
C HIS F 40 21.82 -8.54 3.24
N LEU F 41 21.76 -8.81 1.94
CA LEU F 41 22.35 -7.93 0.94
C LEU F 41 21.37 -6.81 0.60
N SER F 42 21.76 -5.58 0.91
CA SER F 42 20.92 -4.41 0.64
C SER F 42 21.12 -3.85 -0.76
N GLU F 43 22.38 -3.81 -1.20
CA GLU F 43 22.68 -3.28 -2.53
C GLU F 43 24.13 -3.52 -2.92
N ILE F 44 24.33 -3.72 -4.22
CA ILE F 44 25.67 -3.89 -4.76
C ILE F 44 26.04 -2.65 -5.57
N ASP F 45 27.22 -2.12 -5.34
CA ASP F 45 27.69 -0.94 -6.05
C ASP F 45 28.89 -1.26 -6.94
N GLN F 46 29.49 -0.21 -7.45
CA GLN F 46 30.66 -0.29 -8.32
C GLN F 46 31.66 -1.31 -7.81
N ALA F 47 32.16 -1.07 -6.58
CA ALA F 47 33.13 -1.94 -5.96
C ALA F 47 32.83 -2.05 -4.46
N THR F 48 31.54 -1.98 -4.13
CA THR F 48 31.14 -2.00 -2.74
C THR F 48 29.76 -2.63 -2.56
N GLU F 49 29.44 -3.01 -1.34
CA GLU F 49 28.14 -3.59 -1.04
C GLU F 49 27.64 -3.06 0.29
N ASN F 50 26.33 -2.87 0.38
CA ASN F 50 25.71 -2.45 1.61
C ASN F 50 24.96 -3.69 2.06
N ILE F 51 25.22 -4.12 3.29
CA ILE F 51 24.60 -5.32 3.83
C ILE F 51 24.07 -5.10 5.25
N LYS F 52 22.99 -5.81 5.60
CA LYS F 52 22.41 -5.75 6.94
C LYS F 52 22.80 -7.03 7.69
N ILE F 53 23.47 -6.89 8.84
CA ILE F 53 23.90 -8.04 9.63
C ILE F 53 23.09 -8.18 10.92
N THR F 54 22.49 -9.35 11.11
CA THR F 54 21.71 -9.61 12.31
C THR F 54 22.44 -10.71 13.07
N ILE F 55 22.85 -10.40 14.29
CA ILE F 55 23.57 -11.34 15.15
C ILE F 55 22.75 -11.66 16.39
N LEU F 56 22.55 -12.96 16.60
CA LEU F 56 21.80 -13.45 17.75
C LEU F 56 22.76 -14.21 18.67
N GLY F 57 22.49 -14.16 19.98
CA GLY F 57 23.35 -14.87 20.92
C GLY F 57 23.14 -14.42 22.34
N ASN F 58 24.11 -14.72 23.21
CA ASN F 58 24.03 -14.31 24.62
C ASN F 58 25.22 -13.51 25.09
N ASN F 59 24.96 -12.45 25.85
CA ASN F 59 26.03 -11.63 26.37
C ASN F 59 27.12 -11.36 25.31
N LEU F 60 26.69 -10.92 24.13
CA LEU F 60 27.60 -10.64 23.03
C LEU F 60 28.59 -9.54 23.34
N ASP F 61 29.80 -9.67 22.80
CA ASP F 61 30.85 -8.67 22.97
C ASP F 61 30.94 -7.80 21.71
N TYR F 62 30.33 -6.62 21.76
CA TYR F 62 30.32 -5.72 20.62
C TYR F 62 31.69 -5.47 20.00
N GLU F 63 32.67 -5.10 20.80
CA GLU F 63 34.01 -4.84 20.27
C GLU F 63 34.50 -6.05 19.46
N GLN F 64 34.40 -7.24 20.05
CA GLN F 64 34.82 -8.44 19.37
C GLN F 64 34.11 -8.59 18.02
N ILE F 65 32.79 -8.37 18.00
CA ILE F 65 32.03 -8.47 16.77
C ILE F 65 32.50 -7.42 15.77
N LYS F 66 32.74 -6.22 16.27
CA LYS F 66 33.20 -5.12 15.43
C LYS F 66 34.59 -5.48 14.90
N GLY F 67 35.37 -6.14 15.75
CA GLY F 67 36.70 -6.55 15.35
C GLY F 67 36.64 -7.41 14.13
N VAL F 68 35.83 -8.47 14.18
CA VAL F 68 35.70 -9.40 13.06
C VAL F 68 35.30 -8.68 11.79
N ILE F 69 34.21 -7.92 11.87
CA ILE F 69 33.73 -7.17 10.71
C ILE F 69 34.81 -6.26 10.10
N GLU F 70 35.52 -5.53 10.97
CA GLU F 70 36.56 -4.62 10.51
C GLU F 70 37.84 -5.31 10.06
N ASP F 71 38.12 -6.49 10.61
CA ASP F 71 39.32 -7.23 10.22
C ASP F 71 39.09 -7.73 8.81
N MSE F 72 37.82 -8.00 8.53
CA MSE F 72 37.34 -8.52 7.25
C MSE F 72 37.23 -7.47 6.15
O MSE F 72 36.95 -7.81 5.00
CB MSE F 72 35.98 -9.18 7.45
CG MSE F 72 35.84 -10.57 6.87
SE MSE F 72 37.18 -11.76 7.57
CE MSE F 72 36.80 -13.35 6.57
N GLY F 73 37.44 -6.21 6.50
CA GLY F 73 37.36 -5.15 5.51
C GLY F 73 36.08 -4.34 5.56
N GLY F 74 35.13 -4.73 6.40
CA GLY F 74 33.88 -4.00 6.46
C GLY F 74 33.91 -2.87 7.44
N VAL F 75 32.95 -1.96 7.30
CA VAL F 75 32.82 -0.83 8.19
C VAL F 75 31.36 -0.75 8.64
N ILE F 76 31.16 -0.49 9.93
CA ILE F 76 29.83 -0.37 10.53
C ILE F 76 29.36 1.08 10.40
N HIS F 77 28.41 1.33 9.51
CA HIS F 77 27.89 2.67 9.32
C HIS F 77 26.94 3.04 10.43
N SER F 78 26.22 2.06 10.94
CA SER F 78 25.28 2.32 12.01
C SER F 78 24.71 1.06 12.64
N VAL F 79 24.37 1.17 13.92
CA VAL F 79 23.78 0.07 14.68
C VAL F 79 22.29 0.34 14.59
N ASP F 80 21.56 -0.44 13.81
CA ASP F 80 20.14 -0.16 13.65
C ASP F 80 19.21 -0.75 14.71
N GLU F 81 19.69 -1.78 15.41
CA GLU F 81 18.89 -2.36 16.48
C GLU F 81 19.78 -3.04 17.48
N VAL F 82 19.40 -2.95 18.75
CA VAL F 82 20.15 -3.58 19.83
C VAL F 82 19.15 -4.18 20.79
N VAL F 83 19.45 -5.37 21.30
CA VAL F 83 18.59 -6.01 22.28
C VAL F 83 19.45 -6.46 23.44
N ALA F 84 19.04 -6.16 24.66
CA ALA F 84 19.82 -6.55 25.85
C ALA F 84 18.92 -6.98 26.97
N GLY F 85 19.36 -7.98 27.74
CA GLY F 85 18.56 -8.46 28.85
C GLY F 85 18.31 -9.95 28.81
N LYS F 86 17.36 -10.43 29.61
CA LYS F 86 17.09 -11.87 29.65
C LYS F 86 16.18 -12.30 28.52
N ILE F 87 15.27 -11.42 28.15
CA ILE F 87 14.30 -11.72 27.10
C ILE F 87 14.48 -10.89 25.84
N ILE F 88 14.46 -11.55 24.69
CA ILE F 88 14.60 -10.86 23.42
C ILE F 88 13.33 -10.09 23.18
N VAL F 89 13.32 -8.81 23.52
CA VAL F 89 12.16 -7.93 23.33
C VAL F 89 12.14 -7.32 21.92
N GLU F 90 11.04 -7.49 21.20
CA GLU F 90 10.93 -6.93 19.84
C GLU F 90 10.51 -5.46 19.87
N SER F 91 10.71 -4.77 18.75
CA SER F 91 10.32 -3.37 18.65
C SER F 91 8.81 -3.26 18.38
N VAL F 92 8.12 -2.45 19.19
CA VAL F 92 6.68 -2.25 18.99
C VAL F 92 6.44 -1.21 17.89
N GLU F 93 5.74 -1.60 16.83
CA GLU F 93 5.49 -0.69 15.73
C GLU F 93 4.02 -0.29 15.64
N SER G 2 27.00 -31.94 14.57
CA SER G 2 26.84 -30.60 15.27
C SER G 2 26.32 -29.63 14.24
N LEU G 3 25.40 -28.73 14.58
CA LEU G 3 24.89 -27.78 13.58
C LEU G 3 25.78 -26.58 13.59
N LYS G 4 26.30 -26.27 12.41
CA LYS G 4 27.19 -25.14 12.26
C LYS G 4 27.42 -24.78 10.80
N GLY G 5 28.31 -23.83 10.58
CA GLY G 5 28.64 -23.41 9.24
C GLY G 5 27.51 -22.66 8.57
N LEU G 6 27.47 -22.79 7.25
CA LEU G 6 26.46 -22.15 6.42
C LEU G 6 25.16 -22.94 6.53
N ARG G 7 24.11 -22.23 6.96
CA ARG G 7 22.81 -22.84 7.15
C ARG G 7 21.76 -22.59 6.07
N ARG G 8 21.74 -21.39 5.50
CA ARG G 8 20.76 -21.08 4.45
C ARG G 8 21.30 -20.04 3.48
N LEU G 9 21.08 -20.27 2.20
CA LEU G 9 21.52 -19.33 1.18
C LEU G 9 20.34 -18.98 0.29
N VAL G 10 20.33 -17.76 -0.21
CA VAL G 10 19.30 -17.32 -1.15
C VAL G 10 20.16 -16.89 -2.32
N LEU G 11 20.00 -17.54 -3.45
CA LEU G 11 20.82 -17.21 -4.61
C LEU G 11 20.07 -16.69 -5.81
N ASP G 12 20.59 -15.59 -6.35
CA ASP G 12 20.02 -14.99 -7.54
C ASP G 12 20.73 -15.71 -8.69
N VAL G 13 19.98 -16.59 -9.36
CA VAL G 13 20.55 -17.39 -10.44
C VAL G 13 19.90 -17.16 -11.81
N LEU G 14 20.74 -17.07 -12.84
CA LEU G 14 20.29 -16.89 -14.23
C LEU G 14 20.59 -18.20 -14.95
N LYS G 15 19.62 -18.71 -15.69
CA LYS G 15 19.83 -19.97 -16.41
C LYS G 15 19.07 -20.04 -17.72
N PRO G 16 19.52 -20.90 -18.65
CA PRO G 16 18.82 -21.05 -19.93
C PRO G 16 17.52 -21.76 -19.57
N HIS G 17 16.59 -21.90 -20.50
CA HIS G 17 15.33 -22.57 -20.18
C HIS G 17 15.54 -24.04 -19.86
N GLU G 18 16.68 -24.58 -20.27
CA GLU G 18 16.97 -25.97 -20.01
C GLU G 18 18.30 -26.11 -19.27
N PRO G 19 18.35 -27.05 -18.31
CA PRO G 19 17.22 -27.90 -17.94
C PRO G 19 16.18 -27.19 -17.08
N LYS G 20 15.02 -27.80 -16.89
CA LYS G 20 13.93 -27.21 -16.11
C LYS G 20 14.26 -26.99 -14.64
N THR G 21 13.63 -25.99 -14.04
CA THR G 21 13.86 -25.69 -12.63
C THR G 21 13.69 -26.91 -11.74
N ILE G 22 12.82 -27.85 -12.13
CA ILE G 22 12.63 -29.04 -11.30
C ILE G 22 13.91 -29.87 -11.23
N VAL G 23 14.73 -29.79 -12.27
CA VAL G 23 15.98 -30.52 -12.31
C VAL G 23 17.02 -29.88 -11.39
N PHE G 24 16.97 -28.55 -11.28
CA PHE G 24 17.91 -27.86 -10.41
C PHE G 24 17.56 -28.18 -8.97
N ALA G 25 16.27 -28.11 -8.67
CA ALA G 25 15.78 -28.36 -7.33
C ALA G 25 16.13 -29.78 -6.85
N LEU G 26 15.81 -30.77 -7.68
CA LEU G 26 16.10 -32.16 -7.32
C LEU G 26 17.59 -32.37 -7.10
N LYS G 27 18.39 -32.01 -8.10
CA LYS G 27 19.84 -32.18 -8.03
C LYS G 27 20.44 -31.51 -6.78
N LEU G 28 20.01 -30.29 -6.47
CA LEU G 28 20.52 -29.58 -5.31
C LEU G 28 20.06 -30.22 -4.00
N SER G 29 18.81 -30.70 -3.97
CA SER G 29 18.28 -31.32 -2.77
C SER G 29 18.95 -32.66 -2.49
N GLU G 30 19.61 -33.21 -3.50
CA GLU G 30 20.26 -34.50 -3.32
C GLU G 30 21.65 -34.37 -2.71
N LEU G 31 22.05 -33.14 -2.39
CA LEU G 31 23.37 -32.91 -1.81
C LEU G 31 23.43 -33.36 -0.36
N GLU G 32 24.59 -33.89 0.02
CA GLU G 32 24.87 -34.42 1.34
C GLU G 32 24.24 -33.76 2.57
N ASN G 33 24.46 -32.46 2.76
CA ASN G 33 23.88 -31.82 3.93
C ASN G 33 22.89 -30.70 3.63
N VAL G 34 22.00 -30.99 2.68
CA VAL G 34 20.96 -30.06 2.28
C VAL G 34 19.64 -30.61 2.79
N ASP G 35 18.94 -29.84 3.61
CA ASP G 35 17.67 -30.33 4.12
C ASP G 35 16.55 -30.07 3.15
N GLY G 36 16.68 -29.00 2.37
CA GLY G 36 15.67 -28.66 1.39
C GLY G 36 16.09 -27.53 0.44
N VAL G 37 15.33 -27.40 -0.64
CA VAL G 37 15.59 -26.38 -1.64
C VAL G 37 14.27 -25.80 -2.13
N ASN G 38 14.27 -24.50 -2.39
CA ASN G 38 13.10 -23.82 -2.91
C ASN G 38 13.53 -22.98 -4.10
N ILE G 39 12.90 -23.21 -5.24
CA ILE G 39 13.20 -22.42 -6.41
C ILE G 39 11.95 -21.66 -6.80
N HIS G 40 12.08 -20.34 -6.73
CA HIS G 40 11.00 -19.43 -7.06
C HIS G 40 11.38 -18.79 -8.41
N LEU G 41 10.47 -18.87 -9.37
CA LEU G 41 10.72 -18.28 -10.67
C LEU G 41 10.50 -16.77 -10.58
N SER G 42 11.52 -16.00 -10.90
CA SER G 42 11.38 -14.55 -10.85
C SER G 42 10.88 -13.96 -12.17
N GLU G 43 11.47 -14.39 -13.28
CA GLU G 43 11.08 -13.88 -14.57
C GLU G 43 11.55 -14.77 -15.69
N ILE G 44 10.66 -15.05 -16.63
CA ILE G 44 11.06 -15.85 -17.76
C ILE G 44 11.31 -14.91 -18.92
N ASP G 45 12.49 -15.03 -19.51
CA ASP G 45 12.83 -14.20 -20.64
C ASP G 45 12.78 -15.05 -21.89
N GLN G 46 12.98 -14.45 -23.04
CA GLN G 46 12.88 -15.21 -24.27
C GLN G 46 13.87 -16.35 -24.44
N ALA G 47 15.03 -16.26 -23.80
CA ALA G 47 15.99 -17.36 -23.92
C ALA G 47 16.52 -17.85 -22.58
N THR G 48 16.21 -17.12 -21.52
CA THR G 48 16.67 -17.46 -20.17
C THR G 48 15.61 -17.23 -19.11
N GLU G 49 15.97 -17.52 -17.87
CA GLU G 49 15.08 -17.34 -16.71
C GLU G 49 15.85 -16.82 -15.52
N ASN G 50 15.13 -16.13 -14.64
CA ASN G 50 15.70 -15.60 -13.40
C ASN G 50 15.06 -16.30 -12.20
N ILE G 51 15.85 -17.05 -11.45
CA ILE G 51 15.31 -17.74 -10.30
C ILE G 51 15.99 -17.40 -8.99
N LYS G 52 15.23 -17.56 -7.92
CA LYS G 52 15.71 -17.29 -6.58
C LYS G 52 15.77 -18.67 -5.91
N ILE G 53 16.99 -19.14 -5.66
CA ILE G 53 17.18 -20.43 -5.03
C ILE G 53 17.50 -20.30 -3.54
N THR G 54 16.59 -20.78 -2.69
CA THR G 54 16.80 -20.76 -1.25
C THR G 54 17.21 -22.18 -0.86
N ILE G 55 18.39 -22.33 -0.26
CA ILE G 55 18.84 -23.65 0.14
C ILE G 55 19.02 -23.71 1.63
N LEU G 56 18.41 -24.70 2.25
CA LEU G 56 18.51 -24.90 3.69
C LEU G 56 19.32 -26.15 3.99
N GLY G 57 20.12 -26.09 5.04
CA GLY G 57 20.92 -27.24 5.41
C GLY G 57 21.87 -27.00 6.57
N ASN G 58 22.81 -27.92 6.74
CA ASN G 58 23.78 -27.81 7.82
C ASN G 58 25.17 -27.77 7.21
N ASN G 59 25.98 -26.82 7.67
CA ASN G 59 27.34 -26.67 7.18
C ASN G 59 27.38 -26.84 5.67
N LEU G 60 26.66 -25.98 4.96
CA LEU G 60 26.58 -26.03 3.49
C LEU G 60 27.87 -25.70 2.76
N ASP G 61 28.12 -26.41 1.66
CA ASP G 61 29.32 -26.20 0.86
C ASP G 61 29.02 -25.32 -0.34
N TYR G 62 29.35 -24.03 -0.20
CA TYR G 62 29.09 -23.07 -1.25
C TYR G 62 29.65 -23.47 -2.61
N GLU G 63 30.92 -23.85 -2.66
CA GLU G 63 31.57 -24.24 -3.91
C GLU G 63 30.91 -25.48 -4.49
N GLN G 64 30.43 -26.36 -3.63
CA GLN G 64 29.76 -27.54 -4.14
C GLN G 64 28.42 -27.14 -4.74
N ILE G 65 27.69 -26.28 -4.05
CA ILE G 65 26.39 -25.82 -4.52
C ILE G 65 26.60 -25.03 -5.80
N LYS G 66 27.67 -24.25 -5.83
CA LYS G 66 27.99 -23.45 -6.99
C LYS G 66 28.24 -24.39 -8.18
N GLY G 67 29.00 -25.45 -7.93
CA GLY G 67 29.31 -26.42 -8.97
C GLY G 67 28.08 -27.02 -9.59
N VAL G 68 27.20 -27.59 -8.76
CA VAL G 68 25.97 -28.19 -9.24
C VAL G 68 25.19 -27.22 -10.12
N ILE G 69 25.09 -25.96 -9.69
CA ILE G 69 24.39 -24.96 -10.47
C ILE G 69 25.09 -24.68 -11.80
N GLU G 70 26.42 -24.62 -11.79
CA GLU G 70 27.14 -24.34 -13.02
C GLU G 70 27.19 -25.52 -13.99
N ASP G 71 27.32 -26.75 -13.48
CA ASP G 71 27.36 -27.90 -14.36
C ASP G 71 26.03 -27.99 -15.08
N MSE G 72 24.99 -27.48 -14.43
CA MSE G 72 23.65 -27.49 -15.01
C MSE G 72 23.44 -26.34 -16.00
O MSE G 72 22.37 -26.20 -16.57
CB MSE G 72 22.63 -27.40 -13.90
CG MSE G 72 21.42 -28.27 -14.12
SE MSE G 72 21.25 -29.56 -12.70
CE MSE G 72 21.67 -31.16 -13.76
N GLY G 73 24.47 -25.51 -16.17
CA GLY G 73 24.38 -24.40 -17.11
C GLY G 73 24.01 -23.03 -16.54
N GLY G 74 23.67 -23.00 -15.26
CA GLY G 74 23.29 -21.75 -14.65
C GLY G 74 24.45 -21.03 -14.02
N VAL G 75 24.22 -19.77 -13.66
CA VAL G 75 25.25 -18.98 -13.04
C VAL G 75 24.63 -18.18 -11.89
N ILE G 76 25.39 -18.02 -10.81
CA ILE G 76 24.92 -17.27 -9.65
C ILE G 76 25.24 -15.79 -9.84
N HIS G 77 24.21 -14.98 -9.96
CA HIS G 77 24.42 -13.55 -10.14
C HIS G 77 24.72 -12.82 -8.84
N SER G 78 24.12 -13.28 -7.75
CA SER G 78 24.35 -12.65 -6.45
C SER G 78 23.89 -13.53 -5.28
N VAL G 79 24.50 -13.30 -4.11
CA VAL G 79 24.16 -14.01 -2.88
C VAL G 79 23.35 -13.02 -2.05
N ASP G 80 22.03 -13.15 -2.08
CA ASP G 80 21.18 -12.20 -1.37
C ASP G 80 21.03 -12.36 0.12
N GLU G 81 21.09 -13.58 0.61
CA GLU G 81 20.97 -13.76 2.04
C GLU G 81 21.78 -14.95 2.47
N VAL G 82 22.45 -14.80 3.61
CA VAL G 82 23.27 -15.86 4.16
C VAL G 82 22.92 -16.04 5.64
N VAL G 83 22.75 -17.30 6.04
CA VAL G 83 22.46 -17.61 7.43
C VAL G 83 23.51 -18.63 7.84
N ALA G 84 24.12 -18.44 9.01
CA ALA G 84 25.16 -19.33 9.50
C ALA G 84 25.16 -19.50 11.02
N GLY G 85 25.59 -20.67 11.48
CA GLY G 85 25.62 -20.93 12.92
C GLY G 85 24.74 -22.06 13.43
N LYS G 86 24.45 -22.01 14.72
CA LYS G 86 23.63 -23.03 15.36
C LYS G 86 22.15 -22.83 15.07
N ILE G 87 21.71 -21.60 15.24
CA ILE G 87 20.30 -21.26 15.03
C ILE G 87 20.07 -20.51 13.73
N ILE G 88 18.89 -20.72 13.13
CA ILE G 88 18.54 -20.00 11.92
C ILE G 88 17.99 -18.66 12.37
N VAL G 89 18.66 -17.60 11.95
CA VAL G 89 18.28 -16.24 12.31
C VAL G 89 17.59 -15.58 11.12
N GLU G 90 16.54 -14.81 11.39
CA GLU G 90 15.82 -14.13 10.31
C GLU G 90 16.19 -12.67 10.33
N SER G 91 16.20 -12.03 9.18
CA SER G 91 16.53 -10.62 9.12
C SER G 91 15.46 -9.84 9.85
N VAL G 92 15.84 -8.74 10.50
CA VAL G 92 14.89 -7.92 11.23
C VAL G 92 14.50 -6.68 10.41
N SER H 2 -16.76 13.26 -39.13
CA SER H 2 -17.36 12.70 -37.91
C SER H 2 -16.40 11.78 -37.18
N LEU H 3 -16.03 12.06 -35.91
CA LEU H 3 -15.20 11.11 -35.09
C LEU H 3 -16.25 10.33 -34.33
N LYS H 4 -16.23 9.01 -34.53
CA LYS H 4 -17.19 8.16 -33.87
C LYS H 4 -16.95 6.66 -33.88
N GLY H 5 -17.85 5.88 -33.25
CA GLY H 5 -17.68 4.44 -33.20
C GLY H 5 -16.59 4.02 -32.24
N LEU H 6 -16.18 2.76 -32.32
CA LEU H 6 -15.12 2.24 -31.46
C LEU H 6 -13.89 3.14 -31.53
N ARG H 7 -13.52 3.75 -30.41
CA ARG H 7 -12.39 4.66 -30.36
C ARG H 7 -11.12 4.10 -29.74
N ARG H 8 -11.27 3.22 -28.76
CA ARG H 8 -10.12 2.63 -28.11
C ARG H 8 -10.50 1.23 -27.60
N LEU H 9 -9.53 0.33 -27.62
CA LEU H 9 -9.75 -1.03 -27.14
C LEU H 9 -8.55 -1.55 -26.35
N VAL H 10 -8.85 -2.30 -25.29
CA VAL H 10 -7.82 -2.89 -24.45
C VAL H 10 -8.06 -4.40 -24.54
N LEU H 11 -7.16 -5.09 -25.23
CA LEU H 11 -7.29 -6.51 -25.46
C LEU H 11 -6.31 -7.42 -24.73
N ASP H 12 -6.83 -8.52 -24.20
CA ASP H 12 -5.98 -9.50 -23.51
C ASP H 12 -5.66 -10.59 -24.55
N VAL H 13 -4.43 -10.59 -25.04
CA VAL H 13 -4.00 -11.54 -26.05
C VAL H 13 -2.92 -12.54 -25.60
N LEU H 14 -3.12 -13.79 -26.03
CA LEU H 14 -2.23 -14.90 -25.75
C LEU H 14 -1.60 -15.27 -27.09
N LYS H 15 -0.28 -15.29 -27.18
CA LYS H 15 0.39 -15.59 -28.44
C LYS H 15 1.75 -16.28 -28.34
N PRO H 16 2.09 -17.14 -29.32
CA PRO H 16 3.36 -17.87 -29.35
C PRO H 16 4.50 -16.87 -29.33
N HIS H 17 5.71 -17.31 -29.01
CA HIS H 17 6.85 -16.39 -28.97
C HIS H 17 7.04 -15.65 -30.30
N GLU H 18 7.06 -16.39 -31.40
CA GLU H 18 7.22 -15.76 -32.71
C GLU H 18 5.85 -15.66 -33.39
N PRO H 19 5.60 -14.57 -34.14
CA PRO H 19 6.52 -13.45 -34.39
C PRO H 19 6.66 -12.55 -33.18
N LYS H 20 7.74 -11.76 -33.15
CA LYS H 20 7.97 -10.87 -32.04
C LYS H 20 6.79 -9.92 -31.86
N THR H 21 6.77 -9.23 -30.73
CA THR H 21 5.71 -8.30 -30.41
C THR H 21 5.78 -7.04 -31.27
N ILE H 22 6.98 -6.61 -31.62
CA ILE H 22 7.11 -5.41 -32.44
C ILE H 22 6.36 -5.64 -33.76
N VAL H 23 6.28 -6.91 -34.16
CA VAL H 23 5.56 -7.27 -35.38
C VAL H 23 4.07 -7.01 -35.19
N PHE H 24 3.50 -7.53 -34.10
CA PHE H 24 2.08 -7.34 -33.79
C PHE H 24 1.65 -5.88 -33.71
N ALA H 25 2.53 -5.05 -33.17
CA ALA H 25 2.23 -3.63 -33.03
C ALA H 25 2.26 -2.97 -34.39
N LEU H 26 3.37 -3.15 -35.08
CA LEU H 26 3.58 -2.58 -36.39
C LEU H 26 2.43 -2.87 -37.34
N LYS H 27 2.09 -4.13 -37.47
CA LYS H 27 1.00 -4.50 -38.36
C LYS H 27 -0.33 -3.90 -37.94
N LEU H 28 -0.62 -3.90 -36.64
CA LEU H 28 -1.87 -3.32 -36.17
C LEU H 28 -1.88 -1.79 -36.33
N SER H 29 -0.72 -1.17 -36.15
CA SER H 29 -0.64 0.29 -36.27
C SER H 29 -0.76 0.71 -37.72
N GLU H 30 -0.85 -0.27 -38.61
CA GLU H 30 -0.94 0.02 -40.03
C GLU H 30 -2.30 -0.23 -40.66
N LEU H 31 -3.32 -0.32 -39.81
CA LEU H 31 -4.68 -0.49 -40.29
C LEU H 31 -5.12 0.95 -40.43
N GLU H 32 -6.00 1.23 -41.39
CA GLU H 32 -6.43 2.60 -41.60
C GLU H 32 -6.93 3.40 -40.39
N ASN H 33 -8.06 3.01 -39.81
CA ASN H 33 -8.62 3.74 -38.68
C ASN H 33 -7.87 3.70 -37.34
N VAL H 34 -6.56 3.45 -37.35
CA VAL H 34 -5.79 3.37 -36.10
C VAL H 34 -4.74 4.48 -35.94
N ASP H 35 -4.84 5.23 -34.84
CA ASP H 35 -3.93 6.33 -34.52
C ASP H 35 -2.65 5.83 -33.89
N GLY H 36 -2.77 4.77 -33.10
CA GLY H 36 -1.62 4.21 -32.43
C GLY H 36 -1.95 2.92 -31.70
N VAL H 37 -0.89 2.19 -31.35
CA VAL H 37 -1.03 0.93 -30.64
C VAL H 37 0.06 0.75 -29.60
N ASN H 38 -0.31 0.20 -28.46
CA ASN H 38 0.64 -0.07 -27.39
C ASN H 38 0.48 -1.52 -26.99
N ILE H 39 1.57 -2.25 -26.97
CA ILE H 39 1.55 -3.63 -26.56
C ILE H 39 2.34 -3.68 -25.25
N HIS H 40 1.68 -4.14 -24.19
CA HIS H 40 2.32 -4.25 -22.89
C HIS H 40 2.46 -5.74 -22.55
N LEU H 41 3.69 -6.19 -22.42
CA LEU H 41 3.96 -7.58 -22.10
C LEU H 41 3.66 -7.85 -20.64
N SER H 42 2.60 -8.61 -20.38
CA SER H 42 2.23 -8.94 -19.01
C SER H 42 3.15 -10.04 -18.51
N GLU H 43 3.01 -11.23 -19.04
CA GLU H 43 3.84 -12.34 -18.60
C GLU H 43 4.37 -13.17 -19.76
N ILE H 44 5.48 -13.86 -19.53
CA ILE H 44 6.09 -14.71 -20.54
C ILE H 44 6.16 -16.12 -20.02
N ASP H 45 5.63 -17.07 -20.79
CA ASP H 45 5.68 -18.47 -20.38
C ASP H 45 6.60 -19.31 -21.27
N GLN H 46 6.66 -20.61 -20.97
CA GLN H 46 7.53 -21.55 -21.69
C GLN H 46 7.40 -21.54 -23.21
N ALA H 47 6.18 -21.37 -23.72
CA ALA H 47 6.01 -21.36 -25.16
C ALA H 47 5.10 -20.23 -25.60
N THR H 48 4.47 -19.57 -24.65
CA THR H 48 3.56 -18.48 -24.98
C THR H 48 3.90 -17.17 -24.30
N GLU H 49 3.04 -16.18 -24.54
CA GLU H 49 3.21 -14.83 -24.02
C GLU H 49 1.85 -14.22 -23.80
N ASN H 50 1.74 -13.34 -22.81
CA ASN H 50 0.49 -12.66 -22.53
C ASN H 50 0.71 -11.17 -22.61
N ILE H 51 -0.01 -10.53 -23.54
CA ILE H 51 0.14 -9.10 -23.72
C ILE H 51 -1.16 -8.31 -23.63
N LYS H 52 -1.01 -7.04 -23.28
CA LYS H 52 -2.14 -6.15 -23.16
C LYS H 52 -2.02 -5.19 -24.35
N ILE H 53 -2.97 -5.29 -25.28
CA ILE H 53 -2.97 -4.43 -26.46
C ILE H 53 -3.99 -3.29 -26.35
N THR H 54 -3.49 -2.06 -26.38
CA THR H 54 -4.35 -0.88 -26.30
C THR H 54 -4.32 -0.21 -27.68
N ILE H 55 -5.45 -0.29 -28.39
CA ILE H 55 -5.56 0.29 -29.72
C ILE H 55 -6.43 1.53 -29.71
N LEU H 56 -5.82 2.66 -30.06
CA LEU H 56 -6.54 3.93 -30.12
C LEU H 56 -6.83 4.19 -31.59
N GLY H 57 -8.01 4.72 -31.89
CA GLY H 57 -8.34 4.99 -33.27
C GLY H 57 -9.61 5.79 -33.54
N ASN H 58 -10.39 5.31 -34.51
CA ASN H 58 -11.64 5.95 -34.90
C ASN H 58 -12.54 4.98 -35.65
N ASN H 59 -13.77 4.85 -35.17
CA ASN H 59 -14.73 3.96 -35.77
C ASN H 59 -14.24 2.52 -35.87
N LEU H 60 -13.06 2.26 -35.32
CA LEU H 60 -12.41 0.95 -35.31
C LEU H 60 -13.21 -0.28 -35.69
N ASP H 61 -12.54 -1.20 -36.40
CA ASP H 61 -13.19 -2.44 -36.83
C ASP H 61 -12.68 -3.63 -36.01
N TYR H 62 -13.53 -4.14 -35.13
CA TYR H 62 -13.15 -5.26 -34.28
C TYR H 62 -12.81 -6.48 -35.13
N GLU H 63 -13.72 -6.84 -36.05
CA GLU H 63 -13.49 -7.99 -36.91
C GLU H 63 -12.14 -7.91 -37.59
N GLN H 64 -11.78 -6.71 -38.04
CA GLN H 64 -10.51 -6.51 -38.70
C GLN H 64 -9.34 -6.66 -37.73
N ILE H 65 -9.42 -6.01 -36.58
CA ILE H 65 -8.36 -6.07 -35.59
C ILE H 65 -8.18 -7.51 -35.11
N LYS H 66 -9.31 -8.20 -34.92
CA LYS H 66 -9.24 -9.58 -34.48
C LYS H 66 -8.56 -10.46 -35.50
N GLY H 67 -8.76 -10.13 -36.78
CA GLY H 67 -8.16 -10.88 -37.86
C GLY H 67 -6.66 -10.70 -37.97
N VAL H 68 -6.19 -9.46 -38.00
CA VAL H 68 -4.75 -9.21 -38.09
C VAL H 68 -4.07 -9.98 -36.97
N ILE H 69 -4.68 -9.91 -35.80
CA ILE H 69 -4.16 -10.56 -34.61
C ILE H 69 -4.21 -12.08 -34.74
N GLU H 70 -5.23 -12.60 -35.42
CA GLU H 70 -5.38 -14.04 -35.60
C GLU H 70 -4.53 -14.64 -36.72
N ASP H 71 -4.12 -13.82 -37.69
CA ASP H 71 -3.31 -14.33 -38.79
C ASP H 71 -1.85 -14.41 -38.42
N MSE H 72 -1.49 -13.82 -37.28
CA MSE H 72 -0.12 -13.86 -36.85
C MSE H 72 0.11 -14.79 -35.67
O MSE H 72 1.18 -14.78 -35.06
CB MSE H 72 0.37 -12.48 -36.47
CG MSE H 72 0.46 -11.53 -37.61
SE MSE H 72 1.15 -9.93 -36.84
CE MSE H 72 -0.42 -9.40 -35.83
N GLY H 73 -0.90 -15.61 -35.36
CA GLY H 73 -0.79 -16.56 -34.26
C GLY H 73 -1.50 -16.16 -32.98
N GLY H 74 -1.96 -14.91 -32.91
CA GLY H 74 -2.61 -14.44 -31.71
C GLY H 74 -4.00 -14.98 -31.46
N VAL H 75 -4.58 -14.55 -30.35
CA VAL H 75 -5.91 -14.94 -29.95
C VAL H 75 -6.38 -13.96 -28.87
N ILE H 76 -7.62 -13.52 -28.99
CA ILE H 76 -8.19 -12.58 -28.04
C ILE H 76 -8.91 -13.28 -26.91
N HIS H 77 -8.29 -13.23 -25.73
CA HIS H 77 -8.84 -13.86 -24.53
C HIS H 77 -9.92 -13.02 -23.87
N SER H 78 -9.83 -11.71 -24.05
CA SER H 78 -10.82 -10.85 -23.45
C SER H 78 -10.67 -9.39 -23.83
N VAL H 79 -11.82 -8.74 -23.97
CA VAL H 79 -11.93 -7.33 -24.28
C VAL H 79 -12.08 -6.71 -22.90
N ASP H 80 -11.00 -6.14 -22.38
CA ASP H 80 -11.05 -5.59 -21.02
C ASP H 80 -11.67 -4.22 -20.87
N GLU H 81 -11.45 -3.34 -21.85
CA GLU H 81 -12.01 -2.00 -21.83
C GLU H 81 -12.34 -1.56 -23.26
N VAL H 82 -13.53 -1.01 -23.43
CA VAL H 82 -13.98 -0.54 -24.74
C VAL H 82 -14.46 0.90 -24.62
N VAL H 83 -13.96 1.75 -25.51
CA VAL H 83 -14.33 3.16 -25.54
C VAL H 83 -14.90 3.51 -26.91
N ALA H 84 -16.16 3.92 -26.95
CA ALA H 84 -16.79 4.27 -28.21
C ALA H 84 -17.50 5.61 -28.13
N GLY H 85 -17.42 6.39 -29.20
CA GLY H 85 -18.10 7.66 -29.21
C GLY H 85 -17.31 8.78 -29.86
N LYS H 86 -17.68 10.01 -29.54
CA LYS H 86 -17.03 11.17 -30.09
C LYS H 86 -15.89 11.62 -29.18
N ILE H 87 -16.08 11.47 -27.88
CA ILE H 87 -15.09 11.88 -26.89
C ILE H 87 -14.47 10.70 -26.12
N ILE H 88 -13.15 10.68 -26.01
CA ILE H 88 -12.49 9.60 -25.28
C ILE H 88 -12.93 9.68 -23.82
N VAL H 89 -13.65 8.65 -23.38
CA VAL H 89 -14.14 8.60 -22.01
C VAL H 89 -13.32 7.61 -21.18
N GLU H 90 -12.89 8.05 -20.01
CA GLU H 90 -12.10 7.20 -19.12
C GLU H 90 -13.02 6.59 -18.07
N SER H 91 -12.61 5.47 -17.50
CA SER H 91 -13.42 4.81 -16.48
C SER H 91 -13.31 5.57 -15.16
N VAL H 92 -14.42 5.70 -14.44
CA VAL H 92 -14.43 6.41 -13.16
C VAL H 92 -14.33 5.48 -11.95
N LEU I 3 -26.62 23.18 -21.64
CA LEU I 3 -25.76 22.28 -20.84
C LEU I 3 -26.38 22.04 -19.47
N LYS I 4 -27.19 20.99 -19.34
CA LYS I 4 -27.80 20.71 -18.06
C LYS I 4 -28.36 19.29 -17.98
N GLY I 5 -28.76 18.89 -16.78
CA GLY I 5 -29.31 17.57 -16.60
C GLY I 5 -28.24 16.57 -16.27
N LEU I 6 -28.61 15.29 -16.34
CA LEU I 6 -27.66 14.21 -16.06
C LEU I 6 -26.51 14.34 -17.07
N ARG I 7 -25.29 14.49 -16.56
CA ARG I 7 -24.11 14.66 -17.40
C ARG I 7 -23.22 13.43 -17.44
N ARG I 8 -23.30 12.58 -16.42
CA ARG I 8 -22.49 11.36 -16.37
C ARG I 8 -23.06 10.29 -15.46
N LEU I 9 -23.03 9.05 -15.90
CA LEU I 9 -23.50 7.95 -15.09
C LEU I 9 -22.44 6.86 -15.09
N VAL I 10 -22.38 6.12 -13.99
CA VAL I 10 -21.49 4.99 -13.81
C VAL I 10 -22.43 3.89 -13.36
N LEU I 11 -22.67 2.94 -14.26
CA LEU I 11 -23.61 1.87 -14.00
C LEU I 11 -23.00 0.49 -13.82
N ASP I 12 -23.47 -0.20 -12.78
CA ASP I 12 -23.02 -1.58 -12.50
C ASP I 12 -23.96 -2.47 -13.31
N VAL I 13 -23.45 -3.03 -14.40
CA VAL I 13 -24.25 -3.89 -15.27
C VAL I 13 -23.81 -5.36 -15.30
N LEU I 14 -24.81 -6.24 -15.39
CA LEU I 14 -24.59 -7.67 -15.50
C LEU I 14 -25.17 -8.00 -16.86
N LYS I 15 -24.48 -8.83 -17.64
CA LYS I 15 -24.97 -9.16 -18.97
C LYS I 15 -24.56 -10.55 -19.41
N PRO I 16 -25.26 -11.12 -20.41
CA PRO I 16 -24.88 -12.46 -20.88
C PRO I 16 -23.60 -12.24 -21.68
N HIS I 17 -22.88 -13.29 -22.03
CA HIS I 17 -21.66 -13.09 -22.80
C HIS I 17 -22.02 -12.47 -24.14
N GLU I 18 -23.26 -12.73 -24.58
CA GLU I 18 -23.76 -12.23 -25.85
C GLU I 18 -24.90 -11.25 -25.74
N PRO I 19 -24.81 -10.13 -26.48
CA PRO I 19 -23.71 -9.79 -27.38
C PRO I 19 -22.48 -9.17 -26.71
N LYS I 20 -21.34 -9.29 -27.38
CA LYS I 20 -20.08 -8.76 -26.86
C LYS I 20 -20.18 -7.29 -26.47
N THR I 21 -19.43 -6.89 -25.45
CA THR I 21 -19.44 -5.52 -24.94
C THR I 21 -19.24 -4.44 -25.99
N ILE I 22 -18.46 -4.71 -27.05
CA ILE I 22 -18.26 -3.66 -28.06
C ILE I 22 -19.61 -3.28 -28.61
N VAL I 23 -20.54 -4.22 -28.63
CA VAL I 23 -21.87 -3.92 -29.14
C VAL I 23 -22.48 -2.86 -28.21
N PHE I 24 -22.65 -3.19 -26.93
CA PHE I 24 -23.21 -2.22 -25.97
C PHE I 24 -22.52 -0.86 -26.18
N ALA I 25 -21.20 -0.86 -26.10
CA ALA I 25 -20.45 0.36 -26.26
C ALA I 25 -21.00 1.15 -27.44
N LEU I 26 -21.15 0.49 -28.58
CA LEU I 26 -21.67 1.11 -29.81
C LEU I 26 -23.09 1.62 -29.66
N LYS I 27 -24.02 0.70 -29.45
CA LYS I 27 -25.42 1.03 -29.30
C LYS I 27 -25.70 2.18 -28.32
N LEU I 28 -24.74 2.47 -27.44
CA LEU I 28 -24.91 3.55 -26.48
C LEU I 28 -24.23 4.80 -26.98
N SER I 29 -23.08 4.61 -27.62
CA SER I 29 -22.32 5.72 -28.16
C SER I 29 -23.15 6.46 -29.19
N GLU I 30 -24.06 5.73 -29.83
CA GLU I 30 -24.91 6.32 -30.87
C GLU I 30 -26.25 6.89 -30.39
N LEU I 31 -26.44 6.98 -29.07
CA LEU I 31 -27.66 7.57 -28.52
C LEU I 31 -27.47 9.05 -28.71
N GLU I 32 -28.55 9.81 -28.63
CA GLU I 32 -28.43 11.26 -28.81
C GLU I 32 -28.00 11.95 -27.52
N ASN I 33 -27.02 12.82 -27.66
CA ASN I 33 -26.48 13.58 -26.53
C ASN I 33 -25.41 12.85 -25.74
N VAL I 34 -24.91 11.75 -26.28
CA VAL I 34 -23.85 11.00 -25.63
C VAL I 34 -22.54 11.35 -26.31
N ASP I 35 -21.67 12.04 -25.58
CA ASP I 35 -20.37 12.46 -26.12
C ASP I 35 -19.39 11.30 -26.17
N GLY I 36 -19.74 10.20 -25.50
CA GLY I 36 -18.86 9.04 -25.48
C GLY I 36 -19.20 8.05 -24.38
N VAL I 37 -18.70 6.83 -24.54
CA VAL I 37 -18.94 5.78 -23.58
C VAL I 37 -17.65 5.04 -23.26
N ASN I 38 -17.62 4.44 -22.08
CA ASN I 38 -16.49 3.65 -21.65
C ASN I 38 -17.05 2.45 -20.94
N ILE I 39 -16.79 1.26 -21.46
CA ILE I 39 -17.26 0.05 -20.78
C ILE I 39 -16.03 -0.67 -20.23
N HIS I 40 -16.00 -0.80 -18.90
CA HIS I 40 -14.90 -1.47 -18.23
C HIS I 40 -15.29 -2.89 -17.81
N LEU I 41 -14.44 -3.86 -18.10
CA LEU I 41 -14.75 -5.23 -17.73
C LEU I 41 -14.30 -5.47 -16.31
N SER I 42 -15.25 -5.81 -15.43
CA SER I 42 -14.88 -6.10 -14.06
C SER I 42 -14.57 -7.60 -13.95
N GLU I 43 -15.55 -8.45 -14.21
CA GLU I 43 -15.35 -9.89 -14.12
C GLU I 43 -16.14 -10.69 -15.15
N ILE I 44 -15.63 -11.88 -15.49
CA ILE I 44 -16.30 -12.78 -16.44
C ILE I 44 -16.63 -14.08 -15.69
N ASP I 45 -17.78 -14.67 -15.98
CA ASP I 45 -18.16 -15.91 -15.33
C ASP I 45 -18.60 -17.06 -16.24
N GLN I 46 -19.02 -18.15 -15.62
CA GLN I 46 -19.46 -19.33 -16.33
C GLN I 46 -20.51 -19.04 -17.38
N ALA I 47 -21.15 -17.88 -17.31
CA ALA I 47 -22.20 -17.56 -18.28
C ALA I 47 -22.45 -16.07 -18.49
N THR I 48 -22.18 -15.27 -17.47
CA THR I 48 -22.41 -13.84 -17.56
C THR I 48 -21.11 -13.13 -17.27
N GLU I 49 -21.12 -11.82 -17.43
CA GLU I 49 -19.96 -11.03 -17.10
C GLU I 49 -20.43 -9.77 -16.42
N ASN I 50 -19.51 -9.09 -15.76
CA ASN I 50 -19.81 -7.86 -15.03
C ASN I 50 -19.08 -6.70 -15.68
N ILE I 51 -19.77 -5.61 -15.95
CA ILE I 51 -19.12 -4.46 -16.57
C ILE I 51 -19.46 -3.15 -15.85
N LYS I 52 -18.68 -2.11 -16.14
CA LYS I 52 -18.90 -0.79 -15.56
C LYS I 52 -19.00 0.15 -16.75
N ILE I 53 -20.21 0.60 -17.03
CA ILE I 53 -20.46 1.51 -18.14
C ILE I 53 -20.45 2.95 -17.64
N THR I 54 -19.58 3.76 -18.21
CA THR I 54 -19.50 5.16 -17.84
C THR I 54 -19.91 5.99 -19.05
N ILE I 55 -21.03 6.70 -18.92
CA ILE I 55 -21.57 7.52 -20.00
C ILE I 55 -21.44 9.01 -19.75
N LEU I 56 -20.95 9.74 -20.75
CA LEU I 56 -20.75 11.17 -20.65
C LEU I 56 -21.50 11.94 -21.73
N GLY I 57 -22.32 12.91 -21.32
CA GLY I 57 -23.05 13.68 -22.29
C GLY I 57 -23.88 14.82 -21.73
N ASN I 58 -24.97 15.17 -22.43
CA ASN I 58 -25.84 16.23 -21.96
C ASN I 58 -27.29 15.79 -21.86
N ASN I 59 -27.93 16.23 -20.79
CA ASN I 59 -29.31 15.91 -20.53
C ASN I 59 -29.53 14.44 -20.87
N LEU I 60 -28.69 13.58 -20.32
CA LEU I 60 -28.82 12.14 -20.58
C LEU I 60 -30.21 11.70 -20.18
N ASP I 61 -30.70 10.64 -20.84
CA ASP I 61 -32.03 10.11 -20.56
C ASP I 61 -31.87 8.73 -19.92
N TYR I 62 -32.07 8.65 -18.61
CA TYR I 62 -31.88 7.38 -17.94
C TYR I 62 -32.68 6.22 -18.53
N GLU I 63 -34.00 6.28 -18.37
CA GLU I 63 -34.85 5.20 -18.88
C GLU I 63 -34.49 4.80 -20.30
N GLN I 64 -33.92 5.74 -21.06
CA GLN I 64 -33.52 5.45 -22.42
C GLN I 64 -32.27 4.57 -22.40
N ILE I 65 -31.23 5.06 -21.74
CA ILE I 65 -29.98 4.32 -21.62
C ILE I 65 -30.30 2.93 -21.06
N LYS I 66 -31.08 2.90 -19.98
CA LYS I 66 -31.47 1.64 -19.38
C LYS I 66 -32.12 0.75 -20.41
N GLY I 67 -32.98 1.36 -21.22
CA GLY I 67 -33.69 0.65 -22.26
C GLY I 67 -32.76 -0.04 -23.23
N VAL I 68 -31.80 0.71 -23.76
CA VAL I 68 -30.85 0.13 -24.67
C VAL I 68 -30.17 -1.08 -24.04
N ILE I 69 -29.78 -0.95 -22.78
CA ILE I 69 -29.12 -2.05 -22.07
C ILE I 69 -30.02 -3.28 -21.89
N GLU I 70 -31.27 -3.06 -21.49
CA GLU I 70 -32.19 -4.18 -21.29
C GLU I 70 -32.63 -4.82 -22.62
N ASP I 71 -32.68 -4.05 -23.69
CA ASP I 71 -33.08 -4.60 -24.98
C ASP I 71 -32.02 -5.58 -25.50
N MSE I 72 -30.93 -5.73 -24.75
CA MSE I 72 -29.86 -6.63 -25.13
C MSE I 72 -29.51 -7.62 -24.03
O MSE I 72 -28.41 -8.17 -24.00
CB MSE I 72 -28.61 -5.84 -25.50
CG MSE I 72 -28.86 -4.67 -26.44
SE MSE I 72 -27.20 -3.91 -27.13
CE MSE I 72 -27.21 -4.82 -28.84
N GLY I 73 -30.45 -7.84 -23.11
CA GLY I 73 -30.22 -8.77 -22.02
C GLY I 73 -29.45 -8.16 -20.87
N GLY I 74 -29.05 -6.91 -21.04
CA GLY I 74 -28.31 -6.24 -20.00
C GLY I 74 -29.23 -5.90 -18.85
N VAL I 75 -28.70 -5.97 -17.63
CA VAL I 75 -29.47 -5.65 -16.45
C VAL I 75 -28.65 -4.71 -15.57
N ILE I 76 -29.31 -3.68 -15.09
CA ILE I 76 -28.66 -2.67 -14.25
C ILE I 76 -28.74 -3.08 -12.80
N HIS I 77 -27.59 -3.42 -12.23
CA HIS I 77 -27.54 -3.83 -10.83
C HIS I 77 -27.51 -2.65 -9.88
N SER I 78 -26.80 -1.59 -10.25
CA SER I 78 -26.70 -0.38 -9.42
C SER I 78 -26.15 0.86 -10.14
N VAL I 79 -26.53 2.03 -9.66
CA VAL I 79 -26.05 3.29 -10.24
C VAL I 79 -24.99 3.80 -9.27
N ASP I 80 -23.74 3.47 -9.57
CA ASP I 80 -22.62 3.83 -8.73
C ASP I 80 -22.26 5.30 -8.65
N GLU I 81 -22.37 6.02 -9.76
CA GLU I 81 -22.05 7.44 -9.73
C GLU I 81 -22.96 8.26 -10.63
N VAL I 82 -23.35 9.45 -10.16
CA VAL I 82 -24.21 10.33 -10.92
C VAL I 82 -23.78 11.79 -10.86
N VAL I 83 -23.60 12.38 -12.03
CA VAL I 83 -23.21 13.78 -12.14
C VAL I 83 -24.31 14.49 -12.90
N ALA I 84 -24.65 15.70 -12.48
CA ALA I 84 -25.69 16.49 -13.14
C ALA I 84 -25.41 17.97 -12.95
N GLY I 85 -25.89 18.78 -13.89
CA GLY I 85 -25.68 20.21 -13.80
C GLY I 85 -24.92 20.82 -14.97
N LYS I 86 -24.42 22.03 -14.78
CA LYS I 86 -23.69 22.75 -15.82
C LYS I 86 -22.22 22.33 -15.85
N ILE I 87 -21.68 21.95 -14.70
CA ILE I 87 -20.28 21.54 -14.62
C ILE I 87 -20.12 20.09 -14.19
N ILE I 88 -19.04 19.47 -14.65
CA ILE I 88 -18.76 18.08 -14.30
C ILE I 88 -18.08 18.04 -12.93
N VAL I 89 -18.85 17.72 -11.90
CA VAL I 89 -18.32 17.67 -10.57
C VAL I 89 -17.83 16.27 -10.22
N GLU I 90 -16.56 16.21 -9.83
CA GLU I 90 -15.90 14.97 -9.46
C GLU I 90 -16.09 14.75 -7.97
N SER I 91 -16.10 13.50 -7.54
CA SER I 91 -16.24 13.19 -6.12
C SER I 91 -14.95 13.59 -5.45
N VAL I 92 -15.03 14.20 -4.26
CA VAL I 92 -13.83 14.63 -3.56
C VAL I 92 -13.25 13.51 -2.67
N SER J 2 -21.61 38.21 -6.57
CA SER J 2 -20.12 37.97 -6.74
C SER J 2 -19.77 36.61 -6.12
N LEU J 3 -18.70 35.96 -6.59
CA LEU J 3 -18.29 34.64 -6.08
C LEU J 3 -17.86 34.70 -4.63
N LYS J 4 -18.76 34.30 -3.74
CA LYS J 4 -18.56 34.30 -2.30
C LYS J 4 -19.37 33.21 -1.58
N GLY J 5 -19.29 33.18 -0.25
CA GLY J 5 -20.00 32.19 0.58
C GLY J 5 -19.59 30.75 0.36
N LEU J 6 -20.51 29.85 0.67
CA LEU J 6 -20.26 28.43 0.50
C LEU J 6 -20.09 28.07 -0.97
N ARG J 7 -18.92 27.54 -1.34
CA ARG J 7 -18.66 27.18 -2.73
C ARG J 7 -18.81 25.70 -3.04
N ARG J 8 -18.51 24.84 -2.06
CA ARG J 8 -18.62 23.41 -2.28
C ARG J 8 -18.93 22.67 -1.01
N LEU J 9 -19.80 21.66 -1.11
CA LEU J 9 -20.17 20.85 0.04
C LEU J 9 -20.11 19.36 -0.27
N VAL J 10 -19.53 18.61 0.65
CA VAL J 10 -19.46 17.15 0.53
C VAL J 10 -20.33 16.67 1.67
N LEU J 11 -21.47 16.05 1.35
CA LEU J 11 -22.41 15.57 2.36
C LEU J 11 -22.54 14.06 2.41
N ASP J 12 -22.45 13.51 3.62
CA ASP J 12 -22.62 12.08 3.84
C ASP J 12 -24.12 11.94 4.06
N VAL J 13 -24.85 11.39 3.09
CA VAL J 13 -26.30 11.25 3.24
C VAL J 13 -26.80 9.81 3.29
N LEU J 14 -27.79 9.60 4.15
CA LEU J 14 -28.45 8.30 4.32
C LEU J 14 -29.89 8.46 3.81
N LYS J 15 -30.31 7.58 2.93
CA LYS J 15 -31.66 7.68 2.40
C LYS J 15 -32.24 6.32 2.03
N PRO J 16 -33.57 6.23 1.92
CA PRO J 16 -34.13 4.92 1.55
C PRO J 16 -33.88 4.66 0.05
N HIS J 17 -34.00 3.40 -0.36
CA HIS J 17 -33.76 3.04 -1.75
C HIS J 17 -34.51 3.95 -2.74
N GLU J 18 -35.72 4.35 -2.37
CA GLU J 18 -36.56 5.22 -3.19
C GLU J 18 -36.81 6.57 -2.52
N PRO J 19 -36.76 7.68 -3.29
CA PRO J 19 -36.53 7.80 -4.73
C PRO J 19 -35.10 7.49 -5.11
N LYS J 20 -34.89 7.30 -6.41
CA LYS J 20 -33.57 6.97 -6.92
C LYS J 20 -32.58 8.11 -6.96
N THR J 21 -31.31 7.72 -6.83
CA THR J 21 -30.19 8.60 -6.82
C THR J 21 -30.17 9.65 -7.92
N ILE J 22 -30.53 9.25 -9.15
CA ILE J 22 -30.52 10.21 -10.24
C ILE J 22 -31.45 11.39 -9.95
N VAL J 23 -32.58 11.12 -9.31
CA VAL J 23 -33.53 12.17 -8.97
C VAL J 23 -32.90 13.19 -8.02
N PHE J 24 -32.29 12.72 -6.93
CA PHE J 24 -31.62 13.61 -5.98
C PHE J 24 -30.64 14.46 -6.76
N ALA J 25 -29.87 13.81 -7.63
CA ALA J 25 -28.88 14.49 -8.45
C ALA J 25 -29.55 15.57 -9.30
N LEU J 26 -30.62 15.19 -9.98
CA LEU J 26 -31.39 16.09 -10.82
C LEU J 26 -31.87 17.33 -10.06
N LYS J 27 -32.67 17.10 -9.02
CA LYS J 27 -33.21 18.18 -8.20
C LYS J 27 -32.16 19.15 -7.65
N LEU J 28 -31.13 18.63 -6.99
CA LEU J 28 -30.11 19.49 -6.41
C LEU J 28 -29.39 20.33 -7.45
N SER J 29 -29.14 19.77 -8.64
CA SER J 29 -28.45 20.51 -9.66
C SER J 29 -29.31 21.60 -10.30
N GLU J 30 -30.53 21.76 -9.80
CA GLU J 30 -31.39 22.78 -10.36
C GLU J 30 -31.58 23.94 -9.40
N LEU J 31 -31.08 23.78 -8.18
CA LEU J 31 -31.19 24.84 -7.19
C LEU J 31 -30.42 26.09 -7.64
N GLU J 32 -30.77 27.22 -7.06
CA GLU J 32 -30.13 28.49 -7.42
C GLU J 32 -28.65 28.46 -7.11
N ASN J 33 -27.83 28.77 -8.12
CA ASN J 33 -26.38 28.84 -7.95
C ASN J 33 -25.63 27.53 -7.85
N VAL J 34 -26.16 26.47 -8.44
CA VAL J 34 -25.47 25.19 -8.40
C VAL J 34 -24.83 24.87 -9.75
N ASP J 35 -23.51 25.03 -9.82
CA ASP J 35 -22.78 24.74 -11.04
C ASP J 35 -22.82 23.25 -11.36
N GLY J 36 -22.95 22.41 -10.34
CA GLY J 36 -22.97 20.98 -10.58
C GLY J 36 -23.06 20.14 -9.32
N VAL J 37 -23.42 18.87 -9.47
CA VAL J 37 -23.58 17.96 -8.34
C VAL J 37 -23.05 16.57 -8.61
N ASN J 38 -22.31 16.01 -7.66
CA ASN J 38 -21.80 14.64 -7.83
C ASN J 38 -22.36 13.72 -6.75
N ILE J 39 -23.04 12.65 -7.15
CA ILE J 39 -23.55 11.71 -6.17
C ILE J 39 -22.82 10.37 -6.33
N HIS J 40 -22.04 10.04 -5.31
CA HIS J 40 -21.26 8.81 -5.28
C HIS J 40 -21.95 7.80 -4.37
N LEU J 41 -22.16 6.59 -4.87
CA LEU J 41 -22.80 5.56 -4.04
C LEU J 41 -21.73 4.94 -3.15
N SER J 42 -21.97 4.92 -1.84
CA SER J 42 -21.00 4.35 -0.91
C SER J 42 -21.30 2.91 -0.56
N GLU J 43 -22.55 2.65 -0.20
CA GLU J 43 -22.95 1.30 0.17
C GLU J 43 -24.46 1.20 0.11
N ILE J 44 -24.94 -0.02 -0.08
CA ILE J 44 -26.37 -0.27 -0.14
C ILE J 44 -26.72 -1.29 0.94
N ASP J 45 -27.75 -1.00 1.71
CA ASP J 45 -28.15 -1.90 2.76
C ASP J 45 -29.53 -2.47 2.49
N GLN J 46 -30.09 -3.17 3.48
CA GLN J 46 -31.37 -3.81 3.29
C GLN J 46 -32.54 -2.92 2.89
N ALA J 47 -32.61 -1.73 3.47
CA ALA J 47 -33.72 -0.84 3.15
C ALA J 47 -33.29 0.60 2.94
N THR J 48 -31.98 0.80 2.89
CA THR J 48 -31.45 2.16 2.75
C THR J 48 -30.05 2.14 2.17
N GLU J 49 -29.61 3.26 1.63
CA GLU J 49 -28.27 3.32 1.06
C GLU J 49 -27.54 4.58 1.54
N ASN J 50 -26.22 4.56 1.41
CA ASN J 50 -25.42 5.72 1.83
C ASN J 50 -24.72 6.37 0.66
N ILE J 51 -24.95 7.66 0.49
CA ILE J 51 -24.35 8.39 -0.61
C ILE J 51 -23.49 9.57 -0.20
N LYS J 52 -22.59 9.93 -1.09
CA LYS J 52 -21.68 11.04 -0.90
C LYS J 52 -22.09 12.08 -1.93
N ILE J 53 -22.71 13.17 -1.47
CA ILE J 53 -23.15 14.21 -2.38
C ILE J 53 -22.18 15.38 -2.39
N THR J 54 -21.65 15.68 -3.57
CA THR J 54 -20.73 16.79 -3.71
C THR J 54 -21.45 17.88 -4.49
N ILE J 55 -21.63 19.05 -3.87
CA ILE J 55 -22.30 20.16 -4.53
C ILE J 55 -21.33 21.32 -4.71
N LEU J 56 -21.19 21.77 -5.95
CA LEU J 56 -20.30 22.88 -6.31
C LEU J 56 -21.09 24.08 -6.84
N GLY J 57 -20.77 25.27 -6.35
CA GLY J 57 -21.50 26.44 -6.82
C GLY J 57 -20.98 27.76 -6.29
N ASN J 58 -21.91 28.61 -5.84
CA ASN J 58 -21.59 29.91 -5.29
C ASN J 58 -22.70 30.36 -4.35
N ASN J 59 -22.33 30.88 -3.19
CA ASN J 59 -23.35 31.32 -2.24
C ASN J 59 -24.39 30.23 -2.03
N LEU J 60 -23.96 28.97 -1.97
CA LEU J 60 -24.89 27.88 -1.78
C LEU J 60 -25.63 28.10 -0.49
N ASP J 61 -26.94 27.85 -0.54
CA ASP J 61 -27.82 27.99 0.61
C ASP J 61 -27.97 26.61 1.22
N TYR J 62 -27.37 26.40 2.38
CA TYR J 62 -27.41 25.09 3.03
C TYR J 62 -28.82 24.64 3.36
N GLU J 63 -29.55 25.47 4.09
CA GLU J 63 -30.91 25.14 4.47
C GLU J 63 -31.71 24.75 3.23
N GLN J 64 -31.48 25.46 2.14
CA GLN J 64 -32.18 25.15 0.91
C GLN J 64 -31.81 23.74 0.47
N ILE J 65 -30.51 23.47 0.36
CA ILE J 65 -30.04 22.15 -0.05
C ILE J 65 -30.54 21.09 0.91
N LYS J 66 -30.42 21.35 2.21
CA LYS J 66 -30.88 20.38 3.19
C LYS J 66 -32.35 20.06 3.01
N GLY J 67 -33.16 21.07 2.72
CA GLY J 67 -34.57 20.86 2.54
C GLY J 67 -34.92 19.91 1.39
N VAL J 68 -34.31 20.16 0.24
CA VAL J 68 -34.56 19.31 -0.91
C VAL J 68 -34.25 17.89 -0.50
N ILE J 69 -33.04 17.71 0.04
CA ILE J 69 -32.59 16.41 0.52
C ILE J 69 -33.68 15.80 1.41
N GLU J 70 -33.95 16.46 2.52
CA GLU J 70 -34.95 16.00 3.49
C GLU J 70 -36.36 15.82 2.96
N ASP J 71 -36.75 16.61 1.95
CA ASP J 71 -38.09 16.45 1.41
C ASP J 71 -38.23 15.18 0.58
N MSE J 72 -37.11 14.57 0.23
CA MSE J 72 -37.15 13.33 -0.53
C MSE J 72 -36.87 12.14 0.39
O MSE J 72 -36.66 11.01 -0.08
CB MSE J 72 -36.16 13.37 -1.68
CG MSE J 72 -36.67 14.20 -2.85
SE MSE J 72 -35.30 14.65 -4.13
CE MSE J 72 -35.54 13.21 -5.34
N GLY J 73 -36.89 12.40 1.70
CA GLY J 73 -36.68 11.34 2.68
C GLY J 73 -35.25 11.09 3.10
N GLY J 74 -34.32 11.90 2.60
CA GLY J 74 -32.93 11.71 2.94
C GLY J 74 -32.51 12.49 4.18
N VAL J 75 -31.39 12.09 4.76
CA VAL J 75 -30.90 12.77 5.93
C VAL J 75 -29.41 12.97 5.83
N ILE J 76 -28.96 14.16 6.24
CA ILE J 76 -27.55 14.48 6.22
C ILE J 76 -26.96 13.99 7.51
N HIS J 77 -26.11 12.96 7.43
CA HIS J 77 -25.47 12.42 8.61
C HIS J 77 -24.35 13.35 9.01
N SER J 78 -23.70 13.94 8.03
CA SER J 78 -22.63 14.84 8.35
C SER J 78 -22.08 15.60 7.15
N VAL J 79 -21.50 16.75 7.45
CA VAL J 79 -20.89 17.60 6.45
C VAL J 79 -19.41 17.18 6.48
N ASP J 80 -18.93 16.48 5.46
CA ASP J 80 -17.53 16.02 5.49
C ASP J 80 -16.49 17.02 5.00
N GLU J 81 -16.90 17.94 4.15
CA GLU J 81 -16.01 18.96 3.66
C GLU J 81 -16.82 20.17 3.27
N VAL J 82 -16.26 21.34 3.58
CA VAL J 82 -16.91 22.61 3.29
C VAL J 82 -15.91 23.59 2.68
N VAL J 83 -16.24 24.13 1.51
CA VAL J 83 -15.37 25.12 0.89
C VAL J 83 -16.09 26.46 0.85
N ALA J 84 -15.47 27.50 1.39
CA ALA J 84 -16.09 28.81 1.38
C ALA J 84 -15.11 29.91 0.99
N GLY J 85 -15.64 30.98 0.41
CA GLY J 85 -14.82 32.10 0.00
C GLY J 85 -14.85 32.42 -1.48
N LYS J 86 -13.80 33.11 -1.93
CA LYS J 86 -13.68 33.52 -3.33
C LYS J 86 -13.09 32.42 -4.20
N ILE J 87 -12.04 31.76 -3.71
CA ILE J 87 -11.44 30.70 -4.50
C ILE J 87 -11.69 29.37 -3.82
N ILE J 88 -11.70 28.33 -4.65
CA ILE J 88 -11.96 26.97 -4.20
C ILE J 88 -10.68 26.35 -3.71
N VAL J 89 -10.48 26.37 -2.39
CA VAL J 89 -9.28 25.81 -1.78
C VAL J 89 -9.42 24.33 -1.46
N GLU J 90 -8.52 23.52 -2.02
CA GLU J 90 -8.53 22.08 -1.77
C GLU J 90 -7.88 21.81 -0.42
N SER J 91 -8.18 20.64 0.15
CA SER J 91 -7.61 20.26 1.44
C SER J 91 -6.14 19.87 1.30
N VAL J 92 -5.26 20.46 2.10
CA VAL J 92 -3.84 20.10 2.01
C VAL J 92 -3.62 18.82 2.82
N LEU K 3 1.79 40.80 -2.44
CA LEU K 3 1.82 39.43 -1.87
C LEU K 3 2.97 39.18 -0.91
N LYS K 4 2.63 39.07 0.37
CA LYS K 4 3.61 38.85 1.44
C LYS K 4 3.02 38.12 2.68
N GLY K 5 3.87 37.87 3.67
CA GLY K 5 3.42 37.19 4.89
C GLY K 5 2.75 35.81 4.79
N LEU K 6 1.83 35.56 5.73
CA LEU K 6 1.15 34.28 5.77
C LEU K 6 0.17 34.09 4.62
N ARG K 7 0.43 33.06 3.81
CA ARG K 7 -0.38 32.77 2.65
C ARG K 7 -1.27 31.55 2.83
N ARG K 8 -0.77 30.54 3.52
CA ARG K 8 -1.61 29.35 3.73
C ARG K 8 -1.36 28.74 5.10
N LEU K 9 -2.46 28.37 5.76
CA LEU K 9 -2.38 27.75 7.08
C LEU K 9 -3.18 26.47 7.14
N VAL K 10 -2.65 25.48 7.83
CA VAL K 10 -3.39 24.24 8.02
C VAL K 10 -3.55 24.05 9.52
N LEU K 11 -4.75 24.33 10.00
CA LEU K 11 -5.05 24.23 11.42
C LEU K 11 -5.78 22.97 11.83
N ASP K 12 -5.31 22.40 12.94
CA ASP K 12 -5.88 21.21 13.55
C ASP K 12 -6.82 21.78 14.62
N VAL K 13 -8.13 21.79 14.36
CA VAL K 13 -9.06 22.38 15.32
C VAL K 13 -10.12 21.48 15.96
N LEU K 14 -10.27 21.64 17.27
CA LEU K 14 -11.25 20.90 18.03
C LEU K 14 -12.39 21.88 18.35
N LYS K 15 -13.63 21.43 18.17
CA LYS K 15 -14.78 22.28 18.44
C LYS K 15 -16.01 21.50 18.86
N PRO K 16 -16.95 22.18 19.53
CA PRO K 16 -18.18 21.52 19.99
C PRO K 16 -19.02 21.23 18.73
N HIS K 17 -20.07 20.42 18.88
CA HIS K 17 -20.92 20.11 17.74
C HIS K 17 -21.55 21.40 17.20
N GLU K 18 -21.71 22.37 18.09
CA GLU K 18 -22.33 23.66 17.76
C GLU K 18 -21.42 24.88 17.93
N PRO K 19 -21.43 25.81 16.96
CA PRO K 19 -22.23 25.76 15.72
C PRO K 19 -21.55 24.91 14.64
N LYS K 20 -22.29 24.59 13.58
CA LYS K 20 -21.77 23.75 12.51
C LYS K 20 -20.53 24.30 11.78
N THR K 21 -19.80 23.41 11.13
CA THR K 21 -18.60 23.81 10.40
C THR K 21 -18.88 24.82 9.30
N ILE K 22 -20.07 24.76 8.73
CA ILE K 22 -20.48 25.67 7.68
C ILE K 22 -20.41 27.12 8.15
N VAL K 23 -20.67 27.32 9.43
CA VAL K 23 -20.63 28.65 10.01
C VAL K 23 -19.17 29.06 10.16
N PHE K 24 -18.29 28.11 10.48
CA PHE K 24 -16.87 28.41 10.62
C PHE K 24 -16.27 28.85 9.28
N ALA K 25 -16.51 28.05 8.24
CA ALA K 25 -15.98 28.34 6.92
C ALA K 25 -16.47 29.70 6.45
N LEU K 26 -17.74 29.94 6.75
CA LEU K 26 -18.39 31.17 6.37
C LEU K 26 -17.75 32.37 7.05
N LYS K 27 -17.78 32.37 8.38
CA LYS K 27 -17.20 33.47 9.12
C LYS K 27 -15.73 33.68 8.75
N LEU K 28 -14.97 32.60 8.59
CA LEU K 28 -13.56 32.72 8.24
C LEU K 28 -13.33 33.27 6.83
N SER K 29 -14.08 32.76 5.86
CA SER K 29 -13.97 33.17 4.46
C SER K 29 -14.26 34.66 4.29
N GLU K 30 -14.83 35.24 5.33
CA GLU K 30 -15.19 36.64 5.32
C GLU K 30 -14.12 37.57 5.86
N LEU K 31 -13.00 37.03 6.33
CA LEU K 31 -11.95 37.90 6.83
C LEU K 31 -11.39 38.70 5.66
N GLU K 32 -10.74 39.81 5.98
CA GLU K 32 -10.19 40.70 4.98
C GLU K 32 -9.36 40.02 3.90
N ASN K 33 -8.14 39.65 4.25
CA ASN K 33 -7.23 39.07 3.29
C ASN K 33 -7.30 37.57 3.03
N VAL K 34 -8.51 37.01 3.05
CA VAL K 34 -8.69 35.58 2.84
C VAL K 34 -9.31 35.24 1.50
N ASP K 35 -8.62 34.43 0.71
CA ASP K 35 -9.11 34.03 -0.61
C ASP K 35 -10.13 32.90 -0.55
N GLY K 36 -9.91 31.95 0.36
CA GLY K 36 -10.79 30.82 0.50
C GLY K 36 -10.53 30.00 1.76
N VAL K 37 -11.50 29.16 2.13
CA VAL K 37 -11.39 28.32 3.31
C VAL K 37 -11.98 26.92 3.09
N ASN K 38 -11.19 25.92 3.45
CA ASN K 38 -11.58 24.53 3.31
C ASN K 38 -11.60 23.82 4.65
N ILE K 39 -12.78 23.43 5.13
CA ILE K 39 -12.86 22.72 6.39
C ILE K 39 -13.15 21.26 6.11
N HIS K 40 -12.20 20.42 6.52
CA HIS K 40 -12.26 18.98 6.36
C HIS K 40 -12.61 18.34 7.70
N LEU K 41 -13.62 17.49 7.69
CA LEU K 41 -14.04 16.81 8.90
C LEU K 41 -13.12 15.63 9.09
N SER K 42 -12.30 15.68 10.15
CA SER K 42 -11.34 14.61 10.44
C SER K 42 -12.04 13.49 11.17
N GLU K 43 -12.79 13.85 12.21
CA GLU K 43 -13.50 12.86 13.02
C GLU K 43 -14.57 13.53 13.88
N ILE K 44 -15.57 12.74 14.26
CA ILE K 44 -16.64 13.24 15.10
C ILE K 44 -16.80 12.38 16.34
N ASP K 45 -16.70 13.01 17.51
CA ASP K 45 -16.87 12.26 18.74
C ASP K 45 -18.25 12.51 19.36
N GLN K 46 -18.38 12.14 20.63
CA GLN K 46 -19.63 12.26 21.37
C GLN K 46 -20.12 13.65 21.75
N ALA K 47 -19.26 14.64 21.66
CA ALA K 47 -19.65 15.99 22.03
C ALA K 47 -18.73 17.03 21.36
N THR K 48 -17.88 16.55 20.45
CA THR K 48 -16.95 17.43 19.76
C THR K 48 -16.70 16.89 18.37
N GLU K 49 -15.91 17.65 17.62
CA GLU K 49 -15.50 17.29 16.27
C GLU K 49 -14.07 17.72 16.14
N ASN K 50 -13.28 17.00 15.34
CA ASN K 50 -11.91 17.41 15.12
C ASN K 50 -11.91 17.80 13.63
N ILE K 51 -11.56 19.05 13.33
CA ILE K 51 -11.52 19.49 11.94
C ILE K 51 -10.15 20.01 11.48
N LYS K 52 -9.94 19.90 10.18
CA LYS K 52 -8.73 20.36 9.51
C LYS K 52 -9.09 21.62 8.72
N ILE K 53 -8.66 22.79 9.20
CA ILE K 53 -8.99 24.01 8.47
C ILE K 53 -7.83 24.49 7.60
N THR K 54 -8.07 24.66 6.30
CA THR K 54 -7.05 25.16 5.38
C THR K 54 -7.45 26.55 4.89
N ILE K 55 -6.65 27.54 5.27
CA ILE K 55 -6.91 28.92 4.90
C ILE K 55 -5.89 29.43 3.92
N LEU K 56 -6.37 30.01 2.82
CA LEU K 56 -5.50 30.56 1.79
C LEU K 56 -5.76 32.06 1.66
N GLY K 57 -4.69 32.84 1.65
CA GLY K 57 -4.86 34.27 1.52
C GLY K 57 -3.56 35.01 1.38
N ASN K 58 -3.63 36.30 1.65
CA ASN K 58 -2.46 37.15 1.55
C ASN K 58 -2.33 37.92 2.85
N ASN K 59 -1.14 37.93 3.43
CA ASN K 59 -0.91 38.63 4.68
C ASN K 59 -2.01 38.28 5.68
N LEU K 60 -2.00 37.05 6.15
CA LEU K 60 -3.01 36.59 7.08
C LEU K 60 -2.66 36.94 8.51
N ASP K 61 -3.64 37.46 9.22
CA ASP K 61 -3.47 37.81 10.63
C ASP K 61 -3.86 36.55 11.41
N TYR K 62 -2.88 35.88 11.98
CA TYR K 62 -3.15 34.67 12.75
C TYR K 62 -4.06 34.94 13.95
N GLU K 63 -3.71 35.94 14.76
CA GLU K 63 -4.51 36.27 15.93
C GLU K 63 -5.96 36.49 15.53
N GLN K 64 -6.17 37.22 14.44
CA GLN K 64 -7.51 37.47 13.96
C GLN K 64 -8.24 36.16 13.63
N ILE K 65 -7.53 35.24 13.00
CA ILE K 65 -8.11 33.95 12.63
C ILE K 65 -8.39 33.13 13.89
N LYS K 66 -7.40 33.09 14.77
CA LYS K 66 -7.53 32.37 16.03
C LYS K 66 -8.68 32.96 16.83
N GLY K 67 -8.94 34.24 16.61
CA GLY K 67 -10.01 34.90 17.33
C GLY K 67 -11.37 34.52 16.79
N VAL K 68 -11.48 34.35 15.47
CA VAL K 68 -12.76 33.97 14.90
C VAL K 68 -13.08 32.58 15.40
N ILE K 69 -12.11 31.69 15.33
CA ILE K 69 -12.31 30.31 15.75
C ILE K 69 -12.67 30.19 17.24
N GLU K 70 -11.97 30.93 18.07
CA GLU K 70 -12.22 30.90 19.51
C GLU K 70 -13.58 31.48 19.88
N ASP K 71 -13.99 32.54 19.20
CA ASP K 71 -15.28 33.15 19.51
C ASP K 71 -16.41 32.19 19.25
N MSE K 72 -16.19 31.22 18.37
CA MSE K 72 -17.22 30.26 18.07
C MSE K 72 -17.07 28.98 18.86
O MSE K 72 -17.70 27.97 18.57
CB MSE K 72 -17.24 29.99 16.57
CG MSE K 72 -17.92 31.12 15.83
SE MSE K 72 -17.63 31.04 13.93
CE MSE K 72 -18.67 29.46 13.56
N GLY K 73 -16.23 29.04 19.88
CA GLY K 73 -16.03 27.89 20.75
C GLY K 73 -14.96 26.90 20.35
N GLY K 74 -14.26 27.16 19.26
CA GLY K 74 -13.23 26.23 18.84
C GLY K 74 -11.87 26.62 19.38
N VAL K 75 -10.94 25.68 19.35
CA VAL K 75 -9.61 25.96 19.83
C VAL K 75 -8.63 25.34 18.86
N ILE K 76 -7.49 26.00 18.63
CA ILE K 76 -6.50 25.47 17.69
C ILE K 76 -5.59 24.51 18.44
N HIS K 77 -5.53 23.26 18.00
CA HIS K 77 -4.66 22.30 18.67
C HIS K 77 -3.25 22.38 18.12
N SER K 78 -3.12 22.55 16.82
CA SER K 78 -1.79 22.64 16.25
C SER K 78 -1.79 23.24 14.87
N VAL K 79 -0.65 23.77 14.47
CA VAL K 79 -0.47 24.37 13.17
C VAL K 79 0.32 23.34 12.41
N ASP K 80 -0.34 22.65 11.48
CA ASP K 80 0.29 21.60 10.71
C ASP K 80 1.09 21.99 9.48
N GLU K 81 0.79 23.16 8.91
CA GLU K 81 1.54 23.62 7.75
C GLU K 81 1.37 25.13 7.63
N VAL K 82 2.45 25.82 7.30
CA VAL K 82 2.39 27.27 7.14
C VAL K 82 3.15 27.63 5.87
N VAL K 83 2.62 28.60 5.15
CA VAL K 83 3.25 29.07 3.93
C VAL K 83 3.35 30.57 4.08
N ALA K 84 4.50 31.12 3.75
CA ALA K 84 4.69 32.56 3.82
C ALA K 84 5.52 32.99 2.61
N GLY K 85 5.43 34.26 2.26
CA GLY K 85 6.20 34.77 1.13
C GLY K 85 5.38 35.11 -0.10
N LYS K 86 6.08 35.47 -1.16
CA LYS K 86 5.44 35.87 -2.40
C LYS K 86 4.82 34.70 -3.18
N ILE K 87 5.45 33.54 -3.10
CA ILE K 87 4.99 32.33 -3.81
C ILE K 87 4.44 31.21 -2.92
N ILE K 88 3.39 30.53 -3.36
CA ILE K 88 2.86 29.43 -2.57
C ILE K 88 3.81 28.23 -2.75
N VAL K 89 4.60 27.94 -1.74
CA VAL K 89 5.55 26.83 -1.80
C VAL K 89 4.98 25.56 -1.18
N GLU K 90 4.95 24.47 -1.93
CA GLU K 90 4.40 23.21 -1.42
C GLU K 90 5.49 22.38 -0.75
N SER K 91 5.07 21.48 0.13
CA SER K 91 6.00 20.63 0.87
C SER K 91 6.64 19.54 0.02
N VAL K 92 7.97 19.47 0.01
CA VAL K 92 8.68 18.42 -0.75
C VAL K 92 8.64 17.13 0.10
N GLU K 93 7.69 16.25 -0.20
CA GLU K 93 7.51 14.99 0.52
C GLU K 93 8.65 14.00 0.37
N SER L 2 20.22 37.42 -11.76
CA SER L 2 20.44 36.24 -12.65
C SER L 2 20.07 35.02 -11.82
N LEU L 3 19.23 34.15 -12.38
CA LEU L 3 18.81 32.94 -11.65
C LEU L 3 19.92 31.96 -11.65
N LYS L 4 20.58 31.89 -10.49
CA LYS L 4 21.69 31.00 -10.24
C LYS L 4 21.73 30.59 -8.78
N GLY L 5 22.82 29.93 -8.45
CA GLY L 5 23.02 29.46 -7.09
C GLY L 5 21.98 28.52 -6.53
N LEU L 6 21.96 28.48 -5.20
CA LEU L 6 21.03 27.66 -4.43
C LEU L 6 19.63 28.15 -4.74
N ARG L 7 18.74 27.25 -5.15
CA ARG L 7 17.39 27.61 -5.50
C ARG L 7 16.33 27.12 -4.52
N ARG L 8 16.48 25.90 -4.04
CA ARG L 8 15.51 25.37 -3.09
C ARG L 8 16.21 24.55 -2.02
N LEU L 9 15.70 24.61 -0.80
CA LEU L 9 16.27 23.84 0.29
C LEU L 9 15.18 23.20 1.11
N VAL L 10 15.45 22.00 1.60
CA VAL L 10 14.52 21.30 2.48
C VAL L 10 15.36 21.00 3.70
N LEU L 11 14.92 21.55 4.82
CA LEU L 11 15.66 21.39 6.05
C LEU L 11 14.89 20.64 7.14
N ASP L 12 15.57 19.68 7.76
CA ASP L 12 14.98 18.92 8.86
C ASP L 12 15.42 19.67 10.12
N VAL L 13 14.47 20.36 10.75
CA VAL L 13 14.76 21.17 11.93
C VAL L 13 14.05 20.75 13.21
N LEU L 14 14.77 20.87 14.32
CA LEU L 14 14.26 20.56 15.66
C LEU L 14 14.23 21.88 16.43
N LYS L 15 13.10 22.20 17.02
CA LYS L 15 13.00 23.46 17.73
C LYS L 15 12.11 23.40 18.96
N PRO L 16 12.21 24.42 19.83
CA PRO L 16 11.38 24.42 21.02
C PRO L 16 9.97 24.70 20.47
N HIS L 17 8.97 24.60 21.33
CA HIS L 17 7.59 24.87 20.92
C HIS L 17 7.45 26.34 20.53
N GLU L 18 8.22 27.19 21.19
CA GLU L 18 8.20 28.63 20.92
C GLU L 18 9.59 29.01 20.43
N PRO L 19 9.65 29.90 19.43
CA PRO L 19 8.54 30.58 18.76
C PRO L 19 7.77 29.65 17.84
N LYS L 20 6.49 29.97 17.66
CA LYS L 20 5.61 29.18 16.81
C LYS L 20 6.21 29.00 15.41
N THR L 21 5.70 28.05 14.63
CA THR L 21 6.23 27.85 13.29
C THR L 21 5.81 28.99 12.36
N ILE L 22 4.65 29.59 12.62
CA ILE L 22 4.24 30.69 11.76
C ILE L 22 5.29 31.78 11.88
N VAL L 23 5.98 31.84 13.02
CA VAL L 23 7.02 32.85 13.20
C VAL L 23 8.27 32.55 12.39
N PHE L 24 8.72 31.29 12.40
CA PHE L 24 9.89 30.88 11.64
C PHE L 24 9.67 31.06 10.15
N ALA L 25 8.44 30.84 9.70
CA ALA L 25 8.13 30.96 8.28
C ALA L 25 8.10 32.43 7.86
N LEU L 26 7.57 33.29 8.73
CA LEU L 26 7.50 34.71 8.43
C LEU L 26 8.90 35.30 8.27
N LYS L 27 9.76 35.05 9.24
CA LYS L 27 11.13 35.57 9.23
C LYS L 27 11.98 35.07 8.06
N LEU L 28 11.86 33.80 7.72
CA LEU L 28 12.62 33.24 6.61
C LEU L 28 12.08 33.81 5.30
N SER L 29 10.77 34.00 5.22
CA SER L 29 10.16 34.53 4.00
C SER L 29 10.56 35.99 3.76
N GLU L 30 10.97 36.67 4.84
CA GLU L 30 11.36 38.06 4.76
C GLU L 30 12.83 38.30 4.37
N LEU L 31 13.55 37.23 4.10
CA LEU L 31 14.94 37.37 3.68
C LEU L 31 14.94 37.76 2.22
N GLU L 32 15.87 38.64 1.84
CA GLU L 32 15.92 39.03 0.43
C GLU L 32 16.38 37.76 -0.29
N ASN L 33 15.73 37.50 -1.42
CA ASN L 33 16.02 36.34 -2.29
C ASN L 33 15.08 35.18 -2.14
N VAL L 34 14.33 35.19 -1.05
CA VAL L 34 13.37 34.12 -0.80
C VAL L 34 12.02 34.41 -1.47
N ASP L 35 11.53 33.46 -2.24
CA ASP L 35 10.26 33.65 -2.91
C ASP L 35 9.11 33.17 -2.05
N GLY L 36 9.41 32.18 -1.21
CA GLY L 36 8.42 31.63 -0.32
C GLY L 36 9.01 30.60 0.62
N VAL L 37 8.23 30.24 1.63
CA VAL L 37 8.66 29.24 2.60
C VAL L 37 7.50 28.39 3.05
N ASN L 38 7.72 27.08 3.04
CA ASN L 38 6.72 26.12 3.48
C ASN L 38 7.23 25.39 4.72
N ILE L 39 6.48 25.46 5.81
CA ILE L 39 6.87 24.73 7.01
C ILE L 39 5.80 23.68 7.36
N HIS L 40 6.26 22.44 7.37
CA HIS L 40 5.43 21.28 7.65
C HIS L 40 5.77 20.71 9.02
N LEU L 41 4.74 20.41 9.79
CA LEU L 41 4.92 19.87 11.11
C LEU L 41 5.09 18.35 11.05
N SER L 42 6.30 17.85 11.31
CA SER L 42 6.55 16.41 11.29
C SER L 42 6.05 15.73 12.55
N GLU L 43 6.43 16.24 13.70
CA GLU L 43 5.98 15.63 14.95
C GLU L 43 6.11 16.59 16.10
N ILE L 44 5.21 16.46 17.06
CA ILE L 44 5.26 17.27 18.26
C ILE L 44 5.62 16.37 19.45
N ASP L 45 6.51 16.86 20.31
CA ASP L 45 6.88 16.12 21.50
C ASP L 45 6.66 17.05 22.69
N GLN L 46 7.05 16.58 23.87
CA GLN L 46 6.87 17.32 25.09
C GLN L 46 7.36 18.75 25.14
N ALA L 47 8.61 18.99 24.77
CA ALA L 47 9.12 20.35 24.83
C ALA L 47 9.57 20.83 23.49
N THR L 48 9.67 19.92 22.53
CA THR L 48 10.13 20.27 21.21
C THR L 48 9.15 19.89 20.11
N GLU L 49 9.56 20.14 18.87
CA GLU L 49 8.78 19.82 17.68
C GLU L 49 9.76 19.53 16.56
N ASN L 50 9.36 18.69 15.61
CA ASN L 50 10.21 18.41 14.48
C ASN L 50 9.50 18.92 13.24
N ILE L 51 10.17 19.82 12.52
CA ILE L 51 9.59 20.41 11.34
C ILE L 51 10.45 20.25 10.08
N LYS L 52 9.81 20.36 8.92
CA LYS L 52 10.51 20.32 7.64
C LYS L 52 10.30 21.70 7.07
N ILE L 53 11.39 22.38 6.73
CA ILE L 53 11.29 23.71 6.17
C ILE L 53 11.73 23.61 4.71
N THR L 54 10.89 24.10 3.81
CA THR L 54 11.21 24.10 2.39
C THR L 54 11.29 25.56 1.95
N ILE L 55 12.46 25.98 1.52
CA ILE L 55 12.67 27.37 1.09
C ILE L 55 12.95 27.46 -0.40
N LEU L 56 12.14 28.25 -1.10
CA LEU L 56 12.31 28.45 -2.54
C LEU L 56 12.85 29.85 -2.80
N GLY L 57 13.77 29.98 -3.75
CA GLY L 57 14.32 31.29 -4.04
C GLY L 57 15.52 31.27 -4.97
N ASN L 58 16.15 32.43 -5.14
CA ASN L 58 17.31 32.54 -6.00
C ASN L 58 18.57 32.86 -5.24
N ASN L 59 19.64 32.15 -5.56
CA ASN L 59 20.92 32.34 -4.88
C ASN L 59 20.71 32.57 -3.39
N LEU L 60 20.04 31.63 -2.75
CA LEU L 60 19.75 31.72 -1.33
C LEU L 60 21.04 31.65 -0.56
N ASP L 61 21.08 32.32 0.60
CA ASP L 61 22.27 32.33 1.45
C ASP L 61 22.05 31.42 2.65
N TYR L 62 22.62 30.22 2.58
CA TYR L 62 22.48 29.23 3.65
C TYR L 62 22.83 29.79 5.03
N GLU L 63 24.02 30.37 5.17
CA GLU L 63 24.42 30.91 6.47
C GLU L 63 23.39 31.88 7.00
N GLN L 64 22.79 32.63 6.10
CA GLN L 64 21.78 33.60 6.48
C GLN L 64 20.52 32.88 6.95
N ILE L 65 20.16 31.83 6.21
CA ILE L 65 18.99 31.03 6.53
C ILE L 65 19.19 30.25 7.82
N LYS L 66 20.37 29.67 7.97
CA LYS L 66 20.68 28.90 9.16
C LYS L 66 20.67 29.84 10.34
N GLY L 67 21.12 31.06 10.10
CA GLY L 67 21.19 32.05 11.15
C GLY L 67 19.83 32.49 11.65
N VAL L 68 18.87 32.69 10.75
CA VAL L 68 17.55 33.09 11.20
C VAL L 68 16.97 31.96 12.03
N ILE L 69 17.26 30.72 11.63
CA ILE L 69 16.75 29.56 12.33
C ILE L 69 17.35 29.44 13.71
N GLU L 70 18.66 29.63 13.82
CA GLU L 70 19.31 29.52 15.11
C GLU L 70 18.98 30.66 16.08
N ASP L 71 18.77 31.88 15.57
CA ASP L 71 18.41 32.99 16.45
C ASP L 71 17.06 32.70 17.07
N MSE L 72 16.25 31.95 16.32
CA MSE L 72 14.92 31.58 16.75
C MSE L 72 14.98 30.32 17.60
O MSE L 72 13.95 29.68 17.85
CB MSE L 72 14.05 31.33 15.53
CG MSE L 72 12.70 31.98 15.63
SE MSE L 72 12.75 33.93 15.47
CE MSE L 72 11.60 34.04 13.94
N GLY L 73 16.18 29.96 18.02
CA GLY L 73 16.35 28.78 18.86
C GLY L 73 16.18 27.43 18.17
N GLY L 74 16.23 27.41 16.85
CA GLY L 74 16.08 26.15 16.16
C GLY L 74 17.45 25.66 15.77
N VAL L 75 17.56 24.37 15.47
CA VAL L 75 18.82 23.79 15.03
C VAL L 75 18.50 22.90 13.85
N ILE L 76 19.34 23.00 12.81
CA ILE L 76 19.21 22.23 11.59
C ILE L 76 19.83 20.86 11.81
N HIS L 77 19.02 19.81 11.81
CA HIS L 77 19.55 18.47 12.02
C HIS L 77 20.08 17.84 10.76
N SER L 78 19.51 18.20 9.61
CA SER L 78 19.96 17.64 8.35
C SER L 78 19.40 18.40 7.15
N VAL L 79 20.18 18.41 6.08
CA VAL L 79 19.77 19.05 4.87
C VAL L 79 19.32 17.91 3.98
N ASP L 80 18.01 17.77 3.83
CA ASP L 80 17.46 16.66 3.08
C ASP L 80 17.42 16.83 1.58
N GLU L 81 17.37 18.07 1.11
CA GLU L 81 17.37 18.32 -0.32
C GLU L 81 17.94 19.68 -0.65
N VAL L 82 18.70 19.74 -1.73
CA VAL L 82 19.29 20.99 -2.17
C VAL L 82 19.21 21.10 -3.68
N VAL L 83 18.76 22.25 -4.16
CA VAL L 83 18.66 22.44 -5.59
C VAL L 83 19.42 23.69 -5.92
N ALA L 84 20.30 23.58 -6.91
CA ALA L 84 21.10 24.72 -7.32
C ALA L 84 21.11 24.79 -8.82
N GLY L 85 21.33 25.99 -9.35
CA GLY L 85 21.35 26.14 -10.78
C GLY L 85 20.36 27.13 -11.36
N LYS L 86 20.09 26.96 -12.65
CA LYS L 86 19.19 27.86 -13.35
C LYS L 86 17.80 27.28 -13.47
N ILE L 87 17.73 25.96 -13.39
CA ILE L 87 16.45 25.28 -13.49
C ILE L 87 16.19 24.51 -12.21
N ILE L 88 14.99 24.64 -11.64
CA ILE L 88 14.67 23.87 -10.45
C ILE L 88 14.58 22.44 -10.94
N VAL L 89 15.41 21.56 -10.41
CA VAL L 89 15.39 20.16 -10.82
C VAL L 89 14.81 19.28 -9.73
N GLU L 90 13.86 18.43 -10.10
CA GLU L 90 13.22 17.54 -9.14
C GLU L 90 13.94 16.19 -9.09
N SER L 91 14.01 15.60 -7.91
CA SER L 91 14.68 14.31 -7.74
C SER L 91 13.93 13.26 -8.56
N VAL L 92 14.66 12.31 -9.14
CA VAL L 92 14.02 11.28 -9.95
C VAL L 92 13.48 10.15 -9.06
N SER M 2 23.12 23.23 -29.68
CA SER M 2 22.12 22.21 -30.17
C SER M 2 22.01 21.07 -29.13
N LEU M 3 20.78 20.73 -28.78
CA LEU M 3 20.50 19.70 -27.79
C LEU M 3 20.90 18.23 -28.11
N LYS M 4 22.02 17.80 -27.52
CA LYS M 4 22.51 16.43 -27.71
C LYS M 4 23.48 15.92 -26.61
N GLY M 5 23.75 14.63 -26.68
CA GLY M 5 24.63 13.98 -25.73
C GLY M 5 23.97 13.54 -24.42
N LEU M 6 24.74 13.50 -23.33
CA LEU M 6 24.17 13.12 -22.02
C LEU M 6 23.34 14.29 -21.51
N ARG M 7 22.05 14.06 -21.23
CA ARG M 7 21.18 15.14 -20.75
C ARG M 7 20.86 15.09 -19.25
N ARG M 8 20.83 13.89 -18.68
CA ARG M 8 20.55 13.75 -17.26
C ARG M 8 21.19 12.51 -16.65
N LEU M 9 21.80 12.71 -15.49
CA LEU M 9 22.44 11.63 -14.77
C LEU M 9 21.97 11.60 -13.32
N VAL M 10 21.63 10.42 -12.81
CA VAL M 10 21.24 10.27 -11.41
C VAL M 10 22.44 9.51 -10.82
N LEU M 11 23.07 10.07 -9.80
CA LEU M 11 24.24 9.43 -9.23
C LEU M 11 24.15 8.99 -7.77
N ASP M 12 24.55 7.75 -7.52
CA ASP M 12 24.55 7.19 -6.18
C ASP M 12 25.93 7.54 -5.65
N VAL M 13 25.99 8.59 -4.82
CA VAL M 13 27.24 9.07 -4.27
C VAL M 13 27.43 8.95 -2.77
N LEU M 14 28.61 8.49 -2.37
CA LEU M 14 28.96 8.35 -0.96
C LEU M 14 30.01 9.42 -0.67
N LYS M 15 29.80 10.18 0.41
CA LYS M 15 30.73 11.26 0.77
C LYS M 15 30.85 11.38 2.27
N PRO M 16 31.97 11.96 2.74
CA PRO M 16 32.08 12.10 4.20
C PRO M 16 31.14 13.25 4.54
N HIS M 17 30.95 13.56 5.82
CA HIS M 17 30.06 14.65 6.18
C HIS M 17 30.48 16.00 5.61
N GLU M 18 31.78 16.26 5.58
CA GLU M 18 32.31 17.50 5.02
C GLU M 18 32.93 17.24 3.65
N PRO M 19 32.70 18.13 2.68
CA PRO M 19 31.91 19.36 2.78
C PRO M 19 30.43 19.06 2.75
N LYS M 20 29.63 19.98 3.28
CA LYS M 20 28.19 19.83 3.31
C LYS M 20 27.71 19.73 1.88
N THR M 21 26.57 19.07 1.66
CA THR M 21 26.04 18.89 0.32
C THR M 21 25.75 20.17 -0.46
N ILE M 22 25.46 21.27 0.23
CA ILE M 22 25.15 22.49 -0.51
C ILE M 22 26.36 22.87 -1.34
N VAL M 23 27.56 22.60 -0.83
CA VAL M 23 28.76 22.91 -1.59
C VAL M 23 28.77 22.07 -2.86
N PHE M 24 28.44 20.80 -2.74
CA PHE M 24 28.41 19.91 -3.90
C PHE M 24 27.45 20.44 -4.95
N ALA M 25 26.23 20.74 -4.53
CA ALA M 25 25.22 21.23 -5.44
C ALA M 25 25.65 22.54 -6.11
N LEU M 26 26.41 23.36 -5.39
CA LEU M 26 26.88 24.64 -5.93
C LEU M 26 27.93 24.47 -7.02
N LYS M 27 29.00 23.76 -6.66
CA LYS M 27 30.08 23.52 -7.58
C LYS M 27 29.58 22.83 -8.83
N LEU M 28 28.65 21.90 -8.69
CA LEU M 28 28.10 21.18 -9.83
C LEU M 28 27.27 22.08 -10.73
N SER M 29 26.47 22.93 -10.10
CA SER M 29 25.61 23.84 -10.85
C SER M 29 26.44 24.88 -11.59
N GLU M 30 27.61 25.19 -11.03
CA GLU M 30 28.50 26.18 -11.65
C GLU M 30 29.28 25.66 -12.87
N LEU M 31 29.03 24.41 -13.28
CA LEU M 31 29.71 23.85 -14.44
C LEU M 31 28.98 24.34 -15.68
N GLU M 32 29.71 24.41 -16.79
CA GLU M 32 29.12 24.86 -18.04
C GLU M 32 28.21 23.78 -18.60
N ASN M 33 27.11 24.21 -19.22
CA ASN M 33 26.14 23.29 -19.81
C ASN M 33 25.35 22.43 -18.80
N VAL M 34 25.34 22.86 -17.54
CA VAL M 34 24.59 22.18 -16.48
C VAL M 34 23.45 23.12 -16.08
N ASP M 35 22.24 22.83 -16.53
CA ASP M 35 21.08 23.66 -16.20
C ASP M 35 20.78 23.69 -14.72
N GLY M 36 20.76 22.52 -14.09
CA GLY M 36 20.48 22.46 -12.67
C GLY M 36 20.89 21.16 -11.99
N VAL M 37 21.01 21.19 -10.66
CA VAL M 37 21.40 20.02 -9.91
C VAL M 37 20.53 19.81 -8.67
N ASN M 38 20.02 18.60 -8.52
CA ASN M 38 19.20 18.22 -7.38
C ASN M 38 19.96 17.18 -6.54
N ILE M 39 20.17 17.47 -5.26
CA ILE M 39 20.85 16.56 -4.38
C ILE M 39 19.96 16.15 -3.22
N HIS M 40 19.48 14.92 -3.29
CA HIS M 40 18.60 14.35 -2.30
C HIS M 40 19.39 13.50 -1.29
N LEU M 41 19.06 13.65 -0.01
CA LEU M 41 19.74 12.90 1.02
C LEU M 41 19.08 11.54 1.22
N SER M 42 19.86 10.48 1.05
CA SER M 42 19.30 9.14 1.20
C SER M 42 19.40 8.71 2.64
N GLU M 43 20.61 8.79 3.18
CA GLU M 43 20.83 8.39 4.56
C GLU M 43 22.12 8.95 5.13
N ILE M 44 22.08 9.26 6.41
CA ILE M 44 23.25 9.77 7.11
C ILE M 44 23.75 8.68 8.05
N ASP M 45 25.07 8.50 8.09
CA ASP M 45 25.65 7.52 8.97
C ASP M 45 26.66 8.22 9.86
N GLN M 46 27.07 7.56 10.93
CA GLN M 46 27.98 8.15 11.89
C GLN M 46 29.12 8.94 11.25
N ALA M 47 29.66 8.46 10.12
CA ALA M 47 30.76 9.16 9.48
C ALA M 47 30.58 9.52 8.02
N THR M 48 29.47 9.09 7.44
CA THR M 48 29.24 9.37 6.02
C THR M 48 27.78 9.65 5.68
N GLU M 49 27.55 10.13 4.46
CA GLU M 49 26.18 10.38 3.99
C GLU M 49 26.09 9.72 2.63
N ASN M 50 24.91 9.20 2.31
CA ASN M 50 24.68 8.59 1.03
C ASN M 50 23.65 9.49 0.38
N ILE M 51 24.05 10.12 -0.73
CA ILE M 51 23.18 11.02 -1.45
C ILE M 51 22.91 10.57 -2.88
N LYS M 52 21.83 11.12 -3.44
CA LYS M 52 21.39 10.82 -4.79
C LYS M 52 21.47 12.13 -5.60
N ILE M 53 22.44 12.22 -6.49
CA ILE M 53 22.65 13.42 -7.32
C ILE M 53 22.03 13.35 -8.72
N THR M 54 21.10 14.27 -8.99
CA THR M 54 20.43 14.35 -10.28
C THR M 54 20.95 15.60 -11.00
N ILE M 55 21.77 15.40 -12.03
CA ILE M 55 22.34 16.53 -12.78
C ILE M 55 21.67 16.68 -14.14
N LEU M 56 21.17 17.87 -14.42
CA LEU M 56 20.52 18.10 -15.69
C LEU M 56 21.29 19.07 -16.61
N GLY M 57 21.30 18.77 -17.90
CA GLY M 57 21.99 19.62 -18.85
C GLY M 57 21.97 19.17 -20.29
N ASN M 58 22.88 19.72 -21.07
CA ASN M 58 22.99 19.39 -22.49
C ASN M 58 24.38 18.81 -22.70
N ASN M 59 24.45 17.66 -23.35
CA ASN M 59 25.73 17.04 -23.62
C ASN M 59 26.65 17.18 -22.39
N LEU M 60 26.31 16.49 -21.31
CA LEU M 60 27.08 16.57 -20.08
C LEU M 60 28.37 15.77 -20.19
N ASP M 61 29.38 16.14 -19.40
CA ASP M 61 30.67 15.44 -19.42
C ASP M 61 30.90 14.62 -18.14
N TYR M 62 30.48 13.36 -18.18
CA TYR M 62 30.61 12.47 -17.03
C TYR M 62 31.94 12.62 -16.30
N GLU M 63 33.05 12.59 -17.05
CA GLU M 63 34.35 12.71 -16.41
C GLU M 63 34.52 13.99 -15.60
N GLN M 64 34.03 15.10 -16.14
CA GLN M 64 34.14 16.38 -15.44
C GLN M 64 33.28 16.37 -14.17
N ILE M 65 32.06 15.84 -14.31
CA ILE M 65 31.17 15.76 -13.17
C ILE M 65 31.82 14.87 -12.11
N LYS M 66 32.31 13.72 -12.56
CA LYS M 66 32.96 12.77 -11.67
C LYS M 66 34.17 13.40 -11.00
N GLY M 67 34.84 14.29 -11.75
CA GLY M 67 36.00 14.97 -11.20
C GLY M 67 35.59 15.92 -10.09
N VAL M 68 34.51 16.67 -10.31
CA VAL M 68 34.04 17.60 -9.30
C VAL M 68 33.75 16.82 -8.03
N ILE M 69 32.92 15.79 -8.16
CA ILE M 69 32.53 14.98 -7.02
C ILE M 69 33.72 14.37 -6.29
N GLU M 70 34.64 13.76 -7.01
CA GLU M 70 35.78 13.17 -6.34
C GLU M 70 36.69 14.15 -5.67
N ASP M 71 36.93 15.28 -6.33
CA ASP M 71 37.81 16.30 -5.75
C ASP M 71 37.27 16.78 -4.41
N MSE M 72 36.00 16.50 -4.14
CA MSE M 72 35.38 16.93 -2.88
C MSE M 72 35.22 15.83 -1.85
O MSE M 72 34.49 15.98 -0.89
CB MSE M 72 34.02 17.57 -3.14
CG MSE M 72 34.06 18.60 -4.22
SE MSE M 72 32.61 19.82 -4.11
CE MSE M 72 33.40 21.01 -2.78
N GLY M 73 35.90 14.71 -2.08
CA GLY M 73 35.82 13.61 -1.13
C GLY M 73 34.61 12.75 -1.41
N GLY M 74 34.06 12.89 -2.61
CA GLY M 74 32.91 12.10 -2.95
C GLY M 74 33.33 10.87 -3.72
N VAL M 75 32.44 9.90 -3.81
CA VAL M 75 32.70 8.68 -4.53
C VAL M 75 31.40 8.28 -5.21
N ILE M 76 31.49 7.89 -6.48
CA ILE M 76 30.29 7.47 -7.16
C ILE M 76 30.17 5.96 -7.03
N HIS M 77 29.11 5.52 -6.35
CA HIS M 77 28.86 4.11 -6.16
C HIS M 77 28.10 3.53 -7.33
N SER M 78 27.24 4.34 -7.92
CA SER M 78 26.50 3.85 -9.07
C SER M 78 25.79 4.94 -9.88
N VAL M 79 25.60 4.66 -11.16
CA VAL M 79 24.90 5.56 -12.07
C VAL M 79 23.55 4.88 -12.24
N ASP M 80 22.51 5.44 -11.61
CA ASP M 80 21.17 4.84 -11.64
C ASP M 80 20.30 5.14 -12.84
N GLU M 81 20.49 6.31 -13.42
CA GLU M 81 19.71 6.66 -14.58
C GLU M 81 20.51 7.62 -15.40
N VAL M 82 20.39 7.47 -16.71
CA VAL M 82 21.10 8.31 -17.65
C VAL M 82 20.13 8.62 -18.77
N VAL M 83 20.10 9.87 -19.21
CA VAL M 83 19.26 10.25 -20.33
C VAL M 83 20.18 10.92 -21.35
N ALA M 84 19.95 10.65 -22.63
CA ALA M 84 20.77 11.23 -23.67
C ALA M 84 19.97 11.33 -24.93
N GLY M 85 20.19 12.40 -25.69
CA GLY M 85 19.44 12.57 -26.92
C GLY M 85 18.93 13.99 -27.06
N LYS M 86 18.02 14.18 -28.02
CA LYS M 86 17.47 15.51 -28.27
C LYS M 86 16.29 15.80 -27.34
N ILE M 87 15.66 14.75 -26.83
CA ILE M 87 14.50 14.89 -25.96
C ILE M 87 14.66 14.08 -24.68
N ILE M 88 14.30 14.69 -23.55
CA ILE M 88 14.37 14.02 -22.26
C ILE M 88 13.31 12.93 -22.19
N VAL M 89 13.75 11.69 -22.08
CA VAL M 89 12.83 10.55 -22.02
C VAL M 89 12.76 9.98 -20.62
N GLU M 90 11.57 10.01 -20.03
CA GLU M 90 11.37 9.46 -18.71
C GLU M 90 11.09 7.99 -18.91
N SER M 91 11.56 7.15 -17.99
CA SER M 91 11.32 5.72 -18.13
C SER M 91 9.86 5.36 -17.92
N VAL M 92 9.44 4.27 -18.58
CA VAL M 92 8.07 3.78 -18.49
C VAL M 92 7.95 2.80 -17.32
N LEU N 3 5.15 10.44 -39.31
CA LEU N 3 5.51 9.63 -38.10
C LEU N 3 4.67 8.36 -38.01
N LYS N 4 5.23 7.22 -38.39
CA LYS N 4 4.52 5.95 -38.26
C LYS N 4 5.47 4.81 -37.91
N GLY N 5 4.92 3.63 -37.65
CA GLY N 5 5.76 2.52 -37.25
C GLY N 5 6.23 2.61 -35.81
N LEU N 6 7.14 1.73 -35.43
CA LEU N 6 7.67 1.69 -34.06
C LEU N 6 8.05 3.09 -33.56
N ARG N 7 7.49 3.44 -32.39
CA ARG N 7 7.70 4.75 -31.78
C ARG N 7 8.48 4.72 -30.45
N ARG N 8 8.24 3.69 -29.65
CA ARG N 8 8.92 3.57 -28.35
C ARG N 8 9.10 2.13 -27.94
N LEU N 9 10.28 1.84 -27.42
CA LEU N 9 10.61 0.51 -26.96
C LEU N 9 11.13 0.56 -25.53
N VAL N 10 10.74 -0.44 -24.74
CA VAL N 10 11.24 -0.55 -23.37
C VAL N 10 11.90 -1.91 -23.37
N LEU N 11 13.24 -1.88 -23.36
CA LEU N 11 14.03 -3.09 -23.41
C LEU N 11 14.65 -3.55 -22.11
N ASP N 12 14.49 -4.84 -21.83
CA ASP N 12 15.07 -5.45 -20.65
C ASP N 12 16.44 -5.96 -21.12
N VAL N 13 17.50 -5.35 -20.59
CA VAL N 13 18.84 -5.71 -21.02
C VAL N 13 19.82 -6.15 -19.93
N LEU N 14 20.56 -7.21 -20.22
CA LEU N 14 21.58 -7.72 -19.31
C LEU N 14 22.91 -7.35 -19.95
N LYS N 15 23.86 -6.86 -19.15
CA LYS N 15 25.15 -6.46 -19.70
C LYS N 15 26.28 -6.57 -18.70
N PRO N 16 27.49 -6.81 -19.18
CA PRO N 16 28.57 -6.90 -18.19
C PRO N 16 28.86 -5.47 -17.74
N HIS N 17 29.39 -5.32 -16.53
CA HIS N 17 29.67 -3.99 -16.00
C HIS N 17 30.27 -3.06 -17.03
N GLU N 18 31.21 -3.56 -17.83
CA GLU N 18 31.83 -2.73 -18.86
C GLU N 18 31.35 -3.07 -20.27
N PRO N 19 31.13 -2.06 -21.11
CA PRO N 19 31.28 -0.62 -20.83
C PRO N 19 30.15 -0.10 -19.94
N LYS N 20 30.26 1.15 -19.52
CA LYS N 20 29.28 1.78 -18.63
C LYS N 20 28.00 2.12 -19.37
N THR N 21 26.89 2.18 -18.61
CA THR N 21 25.59 2.51 -19.18
C THR N 21 25.64 3.85 -19.91
N ILE N 22 26.52 4.72 -19.44
CA ILE N 22 26.70 6.04 -20.05
C ILE N 22 27.04 5.89 -21.52
N VAL N 23 27.90 4.92 -21.81
CA VAL N 23 28.32 4.66 -23.18
C VAL N 23 27.15 4.11 -23.99
N PHE N 24 26.37 3.21 -23.39
CA PHE N 24 25.21 2.62 -24.06
C PHE N 24 24.22 3.69 -24.46
N ALA N 25 23.91 4.57 -23.52
CA ALA N 25 22.96 5.64 -23.78
C ALA N 25 23.40 6.45 -24.99
N LEU N 26 24.64 6.93 -24.95
CA LEU N 26 25.20 7.73 -26.03
C LEU N 26 24.96 7.08 -27.40
N LYS N 27 25.66 5.99 -27.67
CA LYS N 27 25.50 5.29 -28.95
C LYS N 27 24.05 5.22 -29.39
N LEU N 28 23.18 4.73 -28.51
CA LEU N 28 21.77 4.61 -28.85
C LEU N 28 21.16 5.96 -29.18
N SER N 29 21.57 7.00 -28.46
CA SER N 29 21.04 8.35 -28.70
C SER N 29 21.49 8.92 -30.04
N GLU N 30 22.63 8.44 -30.55
CA GLU N 30 23.19 8.93 -31.81
C GLU N 30 22.75 8.23 -33.09
N LEU N 31 21.59 7.60 -33.05
CA LEU N 31 21.07 6.93 -34.23
C LEU N 31 19.94 7.83 -34.72
N GLU N 32 19.83 7.97 -36.05
CA GLU N 32 18.76 8.79 -36.62
C GLU N 32 17.45 8.17 -36.14
N ASN N 33 16.38 8.94 -36.19
CA ASN N 33 15.08 8.43 -35.77
C ASN N 33 14.96 8.31 -34.27
N VAL N 34 16.04 8.54 -33.55
CA VAL N 34 16.01 8.45 -32.09
C VAL N 34 16.05 9.84 -31.45
N ASP N 35 14.95 10.24 -30.82
CA ASP N 35 14.89 11.55 -30.18
C ASP N 35 15.59 11.54 -28.82
N GLY N 36 15.49 10.40 -28.12
CA GLY N 36 16.12 10.30 -26.81
C GLY N 36 16.11 8.89 -26.23
N VAL N 37 16.99 8.64 -25.27
CA VAL N 37 17.07 7.33 -24.64
C VAL N 37 17.20 7.41 -23.13
N ASN N 38 16.47 6.55 -22.44
CA ASN N 38 16.52 6.50 -21.00
C ASN N 38 17.02 5.13 -20.58
N ILE N 39 18.08 5.12 -19.78
CA ILE N 39 18.61 3.87 -19.29
C ILE N 39 18.41 3.87 -17.78
N HIS N 40 17.56 2.96 -17.32
CA HIS N 40 17.25 2.83 -15.90
C HIS N 40 18.03 1.66 -15.30
N LEU N 41 18.79 1.90 -14.24
CA LEU N 41 19.56 0.82 -13.61
C LEU N 41 18.64 -0.01 -12.70
N SER N 42 18.39 -1.25 -13.08
CA SER N 42 17.53 -2.12 -12.31
C SER N 42 18.26 -2.81 -11.19
N GLU N 43 19.29 -3.57 -11.53
CA GLU N 43 20.04 -4.28 -10.51
C GLU N 43 21.47 -4.62 -10.91
N ILE N 44 22.38 -4.51 -9.95
CA ILE N 44 23.78 -4.85 -10.18
C ILE N 44 24.12 -6.19 -9.56
N ASP N 45 24.93 -6.96 -10.27
CA ASP N 45 25.34 -8.25 -9.76
C ASP N 45 26.84 -8.41 -9.87
N GLN N 46 27.30 -9.65 -9.72
CA GLN N 46 28.72 -9.91 -9.85
C GLN N 46 28.93 -9.91 -11.35
N ALA N 47 29.92 -9.15 -11.80
CA ALA N 47 30.25 -9.08 -13.22
C ALA N 47 29.11 -8.79 -14.17
N THR N 48 27.90 -8.67 -13.64
CA THR N 48 26.74 -8.47 -14.47
C THR N 48 25.86 -7.33 -14.01
N GLU N 49 25.02 -6.83 -14.90
CA GLU N 49 24.18 -5.68 -14.61
C GLU N 49 22.87 -5.78 -15.40
N ASN N 50 21.75 -5.51 -14.74
CA ASN N 50 20.42 -5.52 -15.36
C ASN N 50 19.93 -4.08 -15.53
N ILE N 51 19.31 -3.78 -16.67
CA ILE N 51 18.84 -2.42 -16.93
C ILE N 51 17.63 -2.37 -17.85
N LYS N 52 16.86 -1.29 -17.75
CA LYS N 52 15.70 -1.09 -18.60
C LYS N 52 16.08 0.07 -19.52
N ILE N 53 15.91 -0.12 -20.82
CA ILE N 53 16.22 0.94 -21.77
C ILE N 53 14.93 1.42 -22.43
N THR N 54 14.64 2.71 -22.29
CA THR N 54 13.45 3.27 -22.92
C THR N 54 13.91 4.10 -24.11
N ILE N 55 13.50 3.67 -25.29
CA ILE N 55 13.88 4.34 -26.53
C ILE N 55 12.69 4.99 -27.20
N LEU N 56 12.85 6.29 -27.44
CA LEU N 56 11.84 7.12 -28.07
C LEU N 56 12.35 7.63 -29.40
N GLY N 57 11.59 7.35 -30.45
CA GLY N 57 11.95 7.79 -31.77
C GLY N 57 10.81 7.62 -32.74
N ASN N 58 10.95 8.22 -33.92
CA ASN N 58 9.93 8.12 -34.95
C ASN N 58 10.47 7.08 -35.89
N ASN N 59 9.66 6.09 -36.21
CA ASN N 59 10.09 5.03 -37.10
C ASN N 59 11.43 4.47 -36.56
N LEU N 60 11.33 3.45 -35.71
CA LEU N 60 12.54 2.85 -35.11
C LEU N 60 12.88 1.49 -35.69
N ASP N 61 14.18 1.21 -35.76
CA ASP N 61 14.69 -0.04 -36.29
C ASP N 61 15.13 -0.98 -35.14
N TYR N 62 14.29 -1.96 -34.83
CA TYR N 62 14.61 -2.90 -33.77
C TYR N 62 15.95 -3.57 -34.06
N GLU N 63 16.05 -4.27 -35.19
CA GLU N 63 17.28 -4.96 -35.58
C GLU N 63 18.53 -4.09 -35.44
N GLN N 64 18.41 -2.81 -35.72
CA GLN N 64 19.56 -1.91 -35.59
C GLN N 64 19.80 -1.64 -34.11
N ILE N 65 18.71 -1.47 -33.37
CA ILE N 65 18.83 -1.22 -31.93
C ILE N 65 19.52 -2.44 -31.34
N LYS N 66 18.94 -3.59 -31.62
CA LYS N 66 19.47 -4.86 -31.15
C LYS N 66 20.93 -4.95 -31.50
N GLY N 67 21.26 -4.43 -32.68
CA GLY N 67 22.64 -4.46 -33.13
C GLY N 67 23.60 -3.70 -32.26
N VAL N 68 23.34 -2.42 -32.07
CA VAL N 68 24.20 -1.57 -31.24
C VAL N 68 24.47 -2.16 -29.87
N ILE N 69 23.41 -2.65 -29.23
CA ILE N 69 23.49 -3.24 -27.90
C ILE N 69 24.38 -4.48 -27.84
N GLU N 70 24.20 -5.38 -28.82
CA GLU N 70 24.99 -6.61 -28.86
C GLU N 70 26.45 -6.31 -29.16
N ASP N 71 26.68 -5.29 -29.97
CA ASP N 71 28.04 -4.90 -30.31
C ASP N 71 28.78 -4.46 -29.05
N MSE N 72 28.07 -4.31 -27.94
CA MSE N 72 28.69 -3.86 -26.71
C MSE N 72 28.67 -4.84 -25.55
O MSE N 72 29.14 -4.54 -24.46
CB MSE N 72 28.08 -2.55 -26.27
CG MSE N 72 28.08 -1.53 -27.38
SE MSE N 72 27.57 0.22 -26.77
CE MSE N 72 29.34 0.99 -26.64
N GLY N 73 28.14 -6.03 -25.79
CA GLY N 73 28.10 -7.03 -24.74
C GLY N 73 26.70 -7.26 -24.25
N GLY N 74 25.85 -6.25 -24.36
CA GLY N 74 24.49 -6.38 -23.89
C GLY N 74 23.68 -7.41 -24.63
N VAL N 75 22.59 -7.84 -24.01
CA VAL N 75 21.66 -8.80 -24.61
C VAL N 75 20.23 -8.46 -24.22
N ILE N 76 19.33 -8.54 -25.20
CA ILE N 76 17.94 -8.24 -24.95
C ILE N 76 17.22 -9.46 -24.43
N HIS N 77 16.92 -9.44 -23.14
CA HIS N 77 16.21 -10.53 -22.52
C HIS N 77 14.74 -10.50 -22.90
N SER N 78 14.16 -9.31 -22.96
CA SER N 78 12.76 -9.23 -23.32
C SER N 78 12.35 -7.83 -23.75
N VAL N 79 11.25 -7.78 -24.51
CA VAL N 79 10.67 -6.53 -25.00
C VAL N 79 9.41 -6.30 -24.19
N ASP N 80 9.53 -5.48 -23.15
CA ASP N 80 8.43 -5.19 -22.23
C ASP N 80 7.31 -4.32 -22.79
N GLU N 81 7.67 -3.20 -23.43
CA GLU N 81 6.64 -2.35 -24.03
C GLU N 81 6.98 -1.95 -25.45
N VAL N 82 5.95 -1.81 -26.27
CA VAL N 82 6.11 -1.41 -27.67
C VAL N 82 5.02 -0.40 -28.04
N VAL N 83 5.42 0.73 -28.61
CA VAL N 83 4.45 1.73 -29.02
C VAL N 83 4.63 2.01 -30.51
N ALA N 84 3.58 1.76 -31.28
CA ALA N 84 3.66 1.98 -32.72
C ALA N 84 2.47 2.79 -33.23
N GLY N 85 2.73 3.61 -34.26
CA GLY N 85 1.67 4.43 -34.85
C GLY N 85 1.97 5.90 -34.96
N LYS N 86 0.90 6.69 -35.07
CA LYS N 86 1.02 8.14 -35.21
C LYS N 86 1.16 8.77 -33.82
N ILE N 87 0.27 8.39 -32.92
CA ILE N 87 0.26 8.90 -31.55
C ILE N 87 0.87 7.91 -30.58
N ILE N 88 1.57 8.44 -29.58
CA ILE N 88 2.18 7.63 -28.53
C ILE N 88 1.07 7.23 -27.56
N VAL N 89 0.63 5.98 -27.66
CA VAL N 89 -0.43 5.47 -26.80
C VAL N 89 0.11 4.82 -25.53
N GLU N 90 -0.24 5.39 -24.37
CA GLU N 90 0.19 4.84 -23.07
C GLU N 90 -0.71 3.66 -22.69
N SER N 91 -0.17 2.71 -21.94
CA SER N 91 -0.97 1.55 -21.54
C SER N 91 -2.03 1.92 -20.53
N VAL N 92 -3.26 1.49 -20.80
CA VAL N 92 -4.37 1.76 -19.90
C VAL N 92 -4.31 0.76 -18.76
MG MG O . -0.19 -17.79 -18.25
MG MG P . -8.42 -11.49 -19.36
MG MG Q . -5.47 -14.15 -20.27
MG MG R . -22.97 -2.47 -7.52
MG MG S . -22.69 -6.24 -8.60
MG MG T . -23.80 -2.82 5.26
MG MG U . -24.22 0.52 6.54
MG MG V . -20.30 10.78 8.08
MG MG W . -2.00 17.99 15.62
MG MG X . 17.09 14.29 9.38
MG MG Y . 22.64 3.01 8.46
MG MG Z . 24.43 3.06 4.99
MG MG AA . 23.86 2.00 -6.03
MG MG BA . 24.74 2.88 -2.71
MG MG CA . 21.13 -9.84 -7.56
MG MG DA . 19.59 -10.30 -10.80
MG MG EA . 12.59 -9.74 -19.21
MG MG FA . 15.26 -9.88 -17.16
MG MG GA . 3.97 -17.86 -15.74
MG MG HA . -16.06 -14.92 -10.61
MG MG IA . -23.24 7.92 7.55
MG MG JA . -13.63 9.07 18.17
MG MG KA . -10.87 12.29 18.65
MG MG LA . -5.46 16.93 17.53
MG MG MA . 7.49 11.38 19.57
MG MG NA . 10.65 12.76 18.17
MG MG OA . 15.41 14.89 12.91
#